data_1DA5
# 
_entry.id   1DA5 
# 
_audit_conform.dict_name       mmcif_pdbx.dic 
_audit_conform.dict_version    5.390 
_audit_conform.dict_location   http://mmcif.pdb.org/dictionaries/ascii/mmcif_pdbx.dic 
# 
loop_
_database_2.database_id 
_database_2.database_code 
_database_2.pdbx_database_accession 
_database_2.pdbx_DOI 
PDB   1DA5         pdb_00001da5 10.2210/pdb1da5/pdb 
WWPDB D_1000172700 ?            ?                   
# 
loop_
_pdbx_audit_revision_history.ordinal 
_pdbx_audit_revision_history.data_content_type 
_pdbx_audit_revision_history.major_revision 
_pdbx_audit_revision_history.minor_revision 
_pdbx_audit_revision_history.revision_date 
1 'Structure model' 1 0 1994-01-31 
2 'Structure model' 1 1 2008-03-24 
3 'Structure model' 1 2 2011-07-13 
4 'Structure model' 1 3 2024-04-10 
# 
_pdbx_audit_revision_details.ordinal             1 
_pdbx_audit_revision_details.revision_ordinal    1 
_pdbx_audit_revision_details.data_content_type   'Structure model' 
_pdbx_audit_revision_details.provider            repository 
_pdbx_audit_revision_details.type                'Initial release' 
_pdbx_audit_revision_details.description         ? 
_pdbx_audit_revision_details.details             ? 
# 
loop_
_pdbx_audit_revision_group.ordinal 
_pdbx_audit_revision_group.revision_ordinal 
_pdbx_audit_revision_group.data_content_type 
_pdbx_audit_revision_group.group 
1 2 'Structure model' 'Version format compliance' 
2 3 'Structure model' 'Non-polymer description'   
3 3 'Structure model' 'Version format compliance' 
4 4 'Structure model' 'Data collection'           
5 4 'Structure model' 'Database references'       
6 4 'Structure model' 'Derived calculations'      
7 4 'Structure model' Other                       
# 
loop_
_pdbx_audit_revision_category.ordinal 
_pdbx_audit_revision_category.revision_ordinal 
_pdbx_audit_revision_category.data_content_type 
_pdbx_audit_revision_category.category 
1 4 'Structure model' chem_comp_atom       
2 4 'Structure model' chem_comp_bond       
3 4 'Structure model' database_2           
4 4 'Structure model' pdbx_database_status 
5 4 'Structure model' struct_site          
# 
loop_
_pdbx_audit_revision_item.ordinal 
_pdbx_audit_revision_item.revision_ordinal 
_pdbx_audit_revision_item.data_content_type 
_pdbx_audit_revision_item.item 
1 4 'Structure model' '_database_2.pdbx_DOI'                
2 4 'Structure model' '_database_2.pdbx_database_accession' 
3 4 'Structure model' '_pdbx_database_status.process_site'  
4 4 'Structure model' '_struct_site.pdbx_auth_asym_id'      
5 4 'Structure model' '_struct_site.pdbx_auth_comp_id'      
6 4 'Structure model' '_struct_site.pdbx_auth_seq_id'       
# 
_pdbx_database_status.status_code                     REL 
_pdbx_database_status.entry_id                        1DA5 
_pdbx_database_status.recvd_initial_deposition_date   1993-01-13 
_pdbx_database_status.deposit_site                    ? 
_pdbx_database_status.process_site                    BNL 
_pdbx_database_status.SG_entry                        . 
_pdbx_database_status.status_code_sf                  ? 
_pdbx_database_status.status_code_mr                  ? 
_pdbx_database_status.pdb_format_compatible           Y 
_pdbx_database_status.status_code_cs                  ? 
_pdbx_database_status.status_code_nmr_data            ? 
_pdbx_database_status.methods_development_category    ? 
# 
loop_
_audit_author.name 
_audit_author.pdbx_ordinal 
'Van Garderen, C.J.' 1 
'Van Houte, L.P.A.'  2 
# 
_citation.id                        primary 
_citation.title                     
;The solution structure of a DNA duplex containing the cis-Pt(NH3)2[d(-GTG-)-N7(G),N7(G)] adduct, as determined with high-field NMR and molecular mechanics/dynamics.
;
_citation.journal_abbrev            Eur.J.Biochem. 
_citation.journal_volume            225 
_citation.page_first                1169 
_citation.page_last                 1179 
_citation.year                      1994 
_citation.journal_id_ASTM           EJBCAI 
_citation.country                   IX 
_citation.journal_id_ISSN           0014-2956 
_citation.journal_id_CSD            0262 
_citation.book_publisher            ? 
_citation.pdbx_database_id_PubMed   7957208 
_citation.pdbx_database_id_DOI      10.1111/j.1432-1033.1994.1169b.x 
# 
loop_
_citation_author.citation_id 
_citation_author.name 
_citation_author.ordinal 
_citation_author.identifier_ORCID 
primary 'van Garderen, C.J.' 1 ? 
primary 'van Houte, L.P.'    2 ? 
# 
loop_
_entity.id 
_entity.type 
_entity.src_method 
_entity.pdbx_description 
_entity.formula_weight 
_entity.pdbx_number_of_molecules 
_entity.pdbx_ec 
_entity.pdbx_mutation 
_entity.pdbx_fragment 
_entity.details 
1 polymer     syn 
;DNA (5'-D(P*CP*TP*CP*TP*AP*GP*TP*GP*CP*TP*CP*AP*C)-3')
;
3902.548 1 ? ? ? ? 
2 polymer     syn 
;DNA (5'-D(P*GP*TP*GP*AP*GP*CP*AP*CP*TP*AP*GP*AP*G)-3')
;
4040.647 1 ? ? ? ? 
3 non-polymer syn Cisplatin                                                300.045  1 ? ? ? ? 
# 
loop_
_entity_poly.entity_id 
_entity_poly.type 
_entity_poly.nstd_linkage 
_entity_poly.nstd_monomer 
_entity_poly.pdbx_seq_one_letter_code 
_entity_poly.pdbx_seq_one_letter_code_can 
_entity_poly.pdbx_strand_id 
_entity_poly.pdbx_target_identifier 
1 polydeoxyribonucleotide no no '(DC)(DT)(DC)(DT)(DA)(DG)(DT)(DG)(DC)(DT)(DC)(DA)(DC)' CTCTAGTGCTCAC A ? 
2 polydeoxyribonucleotide no no '(DG)(DT)(DG)(DA)(DG)(DC)(DA)(DC)(DT)(DA)(DG)(DA)(DG)' GTGAGCACTAGAG B ? 
# 
_pdbx_entity_nonpoly.entity_id   3 
_pdbx_entity_nonpoly.name        Cisplatin 
_pdbx_entity_nonpoly.comp_id     CPT 
# 
loop_
_entity_poly_seq.entity_id 
_entity_poly_seq.num 
_entity_poly_seq.mon_id 
_entity_poly_seq.hetero 
1 1  DC n 
1 2  DT n 
1 3  DC n 
1 4  DT n 
1 5  DA n 
1 6  DG n 
1 7  DT n 
1 8  DG n 
1 9  DC n 
1 10 DT n 
1 11 DC n 
1 12 DA n 
1 13 DC n 
2 1  DG n 
2 2  DT n 
2 3  DG n 
2 4  DA n 
2 5  DG n 
2 6  DC n 
2 7  DA n 
2 8  DC n 
2 9  DT n 
2 10 DA n 
2 11 DG n 
2 12 DA n 
2 13 DG n 
# 
loop_
_chem_comp.id 
_chem_comp.type 
_chem_comp.mon_nstd_flag 
_chem_comp.name 
_chem_comp.pdbx_synonyms 
_chem_comp.formula 
_chem_comp.formula_weight 
CPT non-polymer   . Cisplatin                            'diammine(dichloro)platinum' 'Cl2 H6 N2 Pt'    300.045 
DA  'DNA linking' y "2'-DEOXYADENOSINE-5'-MONOPHOSPHATE" ?                            'C10 H14 N5 O6 P' 331.222 
DC  'DNA linking' y "2'-DEOXYCYTIDINE-5'-MONOPHOSPHATE"  ?                            'C9 H14 N3 O7 P'  307.197 
DG  'DNA linking' y "2'-DEOXYGUANOSINE-5'-MONOPHOSPHATE" ?                            'C10 H14 N5 O7 P' 347.221 
DT  'DNA linking' y "THYMIDINE-5'-MONOPHOSPHATE"         ?                            'C10 H15 N2 O8 P' 322.208 
# 
loop_
_pdbx_poly_seq_scheme.asym_id 
_pdbx_poly_seq_scheme.entity_id 
_pdbx_poly_seq_scheme.seq_id 
_pdbx_poly_seq_scheme.mon_id 
_pdbx_poly_seq_scheme.ndb_seq_num 
_pdbx_poly_seq_scheme.pdb_seq_num 
_pdbx_poly_seq_scheme.auth_seq_num 
_pdbx_poly_seq_scheme.pdb_mon_id 
_pdbx_poly_seq_scheme.auth_mon_id 
_pdbx_poly_seq_scheme.pdb_strand_id 
_pdbx_poly_seq_scheme.pdb_ins_code 
_pdbx_poly_seq_scheme.hetero 
A 1 1  DC 1  1  1  DC C A . n 
A 1 2  DT 2  2  2  DT T A . n 
A 1 3  DC 3  3  3  DC C A . n 
A 1 4  DT 4  4  4  DT T A . n 
A 1 5  DA 5  5  5  DA A A . n 
A 1 6  DG 6  6  6  DG G A . n 
A 1 7  DT 7  7  7  DT T A . n 
A 1 8  DG 8  8  8  DG G A . n 
A 1 9  DC 9  9  9  DC C A . n 
A 1 10 DT 10 10 10 DT T A . n 
A 1 11 DC 11 11 11 DC C A . n 
A 1 12 DA 12 12 12 DA A A . n 
A 1 13 DC 13 13 13 DC C A . n 
B 2 1  DG 1  14 14 DG G B . n 
B 2 2  DT 2  15 15 DT T B . n 
B 2 3  DG 3  16 16 DG G B . n 
B 2 4  DA 4  17 17 DA A B . n 
B 2 5  DG 5  18 18 DG G B . n 
B 2 6  DC 6  19 19 DC C B . n 
B 2 7  DA 7  20 20 DA A B . n 
B 2 8  DC 8  21 21 DC C B . n 
B 2 9  DT 9  22 22 DT T B . n 
B 2 10 DA 10 23 23 DA A B . n 
B 2 11 DG 11 24 24 DG G B . n 
B 2 12 DA 12 25 25 DA A B . n 
B 2 13 DG 13 26 26 DG G B . n 
# 
_pdbx_nonpoly_scheme.asym_id         C 
_pdbx_nonpoly_scheme.entity_id       3 
_pdbx_nonpoly_scheme.mon_id          CPT 
_pdbx_nonpoly_scheme.ndb_seq_num     1 
_pdbx_nonpoly_scheme.pdb_seq_num     14 
_pdbx_nonpoly_scheme.auth_seq_num    1 
_pdbx_nonpoly_scheme.pdb_mon_id      CPT 
_pdbx_nonpoly_scheme.auth_mon_id     CPT 
_pdbx_nonpoly_scheme.pdb_strand_id   A 
_pdbx_nonpoly_scheme.pdb_ins_code    . 
# 
_software.name             AMBER 
_software.classification   refinement 
_software.version          . 
_software.citation_id      ? 
_software.pdbx_ordinal     1 
# 
_cell.entry_id           1DA5 
_cell.length_a           1.000 
_cell.length_b           1.000 
_cell.length_c           1.000 
_cell.angle_alpha        90.00 
_cell.angle_beta         90.00 
_cell.angle_gamma        90.00 
_cell.Z_PDB              1 
_cell.pdbx_unique_axis   ? 
# 
_symmetry.entry_id                         1DA5 
_symmetry.space_group_name_H-M             'P 1' 
_symmetry.pdbx_full_space_group_name_H-M   ? 
_symmetry.cell_setting                     ? 
_symmetry.Int_Tables_number                1 
# 
_exptl.entry_id          1DA5 
_exptl.method            'SOLUTION NMR' 
_exptl.crystals_number   ? 
# 
_struct.entry_id                  1DA5 
_struct.title                     
;Solution structure of a DNA Duplex containing the CIS-PT(NH3)2[D(-GTG-)-N7-(G)-N7(G)N7(G)]Adduct as determined with high field NMR And molecular mechanics/dynamics
;
_struct.pdbx_model_details        ? 
_struct.pdbx_CASP_flag            ? 
_struct.pdbx_model_type_details   ? 
# 
_struct_keywords.entry_id        1DA5 
_struct_keywords.pdbx_keywords   DNA 
_struct_keywords.text            DNA 
# 
loop_
_struct_asym.id 
_struct_asym.pdbx_blank_PDB_chainid_flag 
_struct_asym.pdbx_modified 
_struct_asym.entity_id 
_struct_asym.details 
A N N 1 ? 
B N N 2 ? 
C N N 3 ? 
# 
loop_
_struct_ref.id 
_struct_ref.entity_id 
_struct_ref.db_name 
_struct_ref.db_code 
_struct_ref.pdbx_db_accession 
_struct_ref.pdbx_align_begin 
_struct_ref.pdbx_seq_one_letter_code 
_struct_ref.pdbx_db_isoform 
1 1 PDB 1DA5 1DA5 ? ? ? 
2 2 PDB 1DA5 1DA5 ? ? ? 
# 
loop_
_struct_ref_seq.align_id 
_struct_ref_seq.ref_id 
_struct_ref_seq.pdbx_PDB_id_code 
_struct_ref_seq.pdbx_strand_id 
_struct_ref_seq.seq_align_beg 
_struct_ref_seq.pdbx_seq_align_beg_ins_code 
_struct_ref_seq.seq_align_end 
_struct_ref_seq.pdbx_seq_align_end_ins_code 
_struct_ref_seq.pdbx_db_accession 
_struct_ref_seq.db_align_beg 
_struct_ref_seq.pdbx_db_align_beg_ins_code 
_struct_ref_seq.db_align_end 
_struct_ref_seq.pdbx_db_align_end_ins_code 
_struct_ref_seq.pdbx_auth_seq_align_beg 
_struct_ref_seq.pdbx_auth_seq_align_end 
1 1 1DA5 A 1 ? 13 ? 1DA5 1  ? 13 ? 1  13 
2 2 1DA5 B 1 ? 13 ? 1DA5 14 ? 26 ? 14 26 
# 
_pdbx_struct_assembly.id                   1 
_pdbx_struct_assembly.details              author_defined_assembly 
_pdbx_struct_assembly.method_details       ? 
_pdbx_struct_assembly.oligomeric_details   dimeric 
_pdbx_struct_assembly.oligomeric_count     2 
# 
_pdbx_struct_assembly_gen.assembly_id       1 
_pdbx_struct_assembly_gen.oper_expression   1 
_pdbx_struct_assembly_gen.asym_id_list      A,B,C 
# 
_pdbx_struct_oper_list.id                   1 
_pdbx_struct_oper_list.type                 'identity operation' 
_pdbx_struct_oper_list.name                 1_555 
_pdbx_struct_oper_list.symmetry_operation   x,y,z 
_pdbx_struct_oper_list.matrix[1][1]         1.0000000000 
_pdbx_struct_oper_list.matrix[1][2]         0.0000000000 
_pdbx_struct_oper_list.matrix[1][3]         0.0000000000 
_pdbx_struct_oper_list.vector[1]            0.0000000000 
_pdbx_struct_oper_list.matrix[2][1]         0.0000000000 
_pdbx_struct_oper_list.matrix[2][2]         1.0000000000 
_pdbx_struct_oper_list.matrix[2][3]         0.0000000000 
_pdbx_struct_oper_list.vector[2]            0.0000000000 
_pdbx_struct_oper_list.matrix[3][1]         0.0000000000 
_pdbx_struct_oper_list.matrix[3][2]         0.0000000000 
_pdbx_struct_oper_list.matrix[3][3]         1.0000000000 
_pdbx_struct_oper_list.vector[3]            0.0000000000 
# 
_struct_biol.id        1 
_struct_biol.details   ? 
# 
loop_
_struct_conn.id 
_struct_conn.conn_type_id 
_struct_conn.pdbx_leaving_atom_flag 
_struct_conn.pdbx_PDB_id 
_struct_conn.ptnr1_label_asym_id 
_struct_conn.ptnr1_label_comp_id 
_struct_conn.ptnr1_label_seq_id 
_struct_conn.ptnr1_label_atom_id 
_struct_conn.pdbx_ptnr1_label_alt_id 
_struct_conn.pdbx_ptnr1_PDB_ins_code 
_struct_conn.pdbx_ptnr1_standard_comp_id 
_struct_conn.ptnr1_symmetry 
_struct_conn.ptnr2_label_asym_id 
_struct_conn.ptnr2_label_comp_id 
_struct_conn.ptnr2_label_seq_id 
_struct_conn.ptnr2_label_atom_id 
_struct_conn.pdbx_ptnr2_label_alt_id 
_struct_conn.pdbx_ptnr2_PDB_ins_code 
_struct_conn.ptnr1_auth_asym_id 
_struct_conn.ptnr1_auth_comp_id 
_struct_conn.ptnr1_auth_seq_id 
_struct_conn.ptnr2_auth_asym_id 
_struct_conn.ptnr2_auth_comp_id 
_struct_conn.ptnr2_auth_seq_id 
_struct_conn.ptnr2_symmetry 
_struct_conn.pdbx_ptnr3_label_atom_id 
_struct_conn.pdbx_ptnr3_label_seq_id 
_struct_conn.pdbx_ptnr3_label_comp_id 
_struct_conn.pdbx_ptnr3_label_asym_id 
_struct_conn.pdbx_ptnr3_label_alt_id 
_struct_conn.pdbx_ptnr3_PDB_ins_code 
_struct_conn.details 
_struct_conn.pdbx_dist_value 
_struct_conn.pdbx_value_order 
_struct_conn.pdbx_role 
metalc1  metalc ? ? A DG 6  N7 ? ? ? 1_555 C CPT .  PT1 ? ? A DG 6  A CPT 14 1_555 ? ? ? ? ? ? ?               2.008 ? ? 
metalc2  metalc ? ? A DG 8  N7 ? ? ? 1_555 C CPT .  PT1 ? ? A DG 8  A CPT 14 1_555 ? ? ? ? ? ? ?               2.010 ? ? 
hydrog1  hydrog ? ? A DC 1  N3 ? ? ? 1_555 B DG  13 N1  ? ? A DC 1  B DG  26 1_555 ? ? ? ? ? ? WATSON-CRICK    ?     ? ? 
hydrog2  hydrog ? ? A DC 1  N4 ? ? ? 1_555 B DG  13 O6  ? ? A DC 1  B DG  26 1_555 ? ? ? ? ? ? WATSON-CRICK    ?     ? ? 
hydrog3  hydrog ? ? A DC 1  O2 ? ? ? 1_555 B DG  13 N2  ? ? A DC 1  B DG  26 1_555 ? ? ? ? ? ? WATSON-CRICK    ?     ? ? 
hydrog4  hydrog ? ? A DT 2  N3 ? ? ? 1_555 B DA  12 N1  ? ? A DT 2  B DA  25 1_555 ? ? ? ? ? ? WATSON-CRICK    ?     ? ? 
hydrog5  hydrog ? ? A DT 2  O4 ? ? ? 1_555 B DA  12 N6  ? ? A DT 2  B DA  25 1_555 ? ? ? ? ? ? WATSON-CRICK    ?     ? ? 
hydrog6  hydrog ? ? A DC 3  N3 ? ? ? 1_555 B DG  11 N1  ? ? A DC 3  B DG  24 1_555 ? ? ? ? ? ? WATSON-CRICK    ?     ? ? 
hydrog7  hydrog ? ? A DC 3  N4 ? ? ? 1_555 B DG  11 O6  ? ? A DC 3  B DG  24 1_555 ? ? ? ? ? ? WATSON-CRICK    ?     ? ? 
hydrog8  hydrog ? ? A DC 3  O2 ? ? ? 1_555 B DG  11 N2  ? ? A DC 3  B DG  24 1_555 ? ? ? ? ? ? WATSON-CRICK    ?     ? ? 
hydrog9  hydrog ? ? A DT 4  N3 ? ? ? 1_555 B DA  10 N1  ? ? A DT 4  B DA  23 1_555 ? ? ? ? ? ? WATSON-CRICK    ?     ? ? 
hydrog10 hydrog ? ? A DT 4  O4 ? ? ? 1_555 B DA  10 N6  ? ? A DT 4  B DA  23 1_555 ? ? ? ? ? ? WATSON-CRICK    ?     ? ? 
hydrog11 hydrog ? ? A DA 5  N1 ? ? ? 1_555 B DT  9  N3  ? ? A DA 5  B DT  22 1_555 ? ? ? ? ? ? WATSON-CRICK    ?     ? ? 
hydrog12 hydrog ? ? A DA 5  N6 ? ? ? 1_555 B DT  9  O4  ? ? A DA 5  B DT  22 1_555 ? ? ? ? ? ? WATSON-CRICK    ?     ? ? 
hydrog13 hydrog ? ? A DG 8  N1 ? ? ? 1_555 B DG  5  O6  ? ? A DG 8  B DG  18 1_555 ? ? ? ? ? ? 'DG-DG MISPAIR' ?     ? ? 
hydrog14 hydrog ? ? A DG 8  N1 ? ? ? 1_555 B DC  6  N3  ? ? A DG 8  B DC  19 1_555 ? ? ? ? ? ? WATSON-CRICK    ?     ? ? 
hydrog15 hydrog ? ? A DG 8  N2 ? ? ? 1_555 B DC  6  O2  ? ? A DG 8  B DC  19 1_555 ? ? ? ? ? ? WATSON-CRICK    ?     ? ? 
hydrog16 hydrog ? ? A DG 8  O6 ? ? ? 1_555 B DC  6  N4  ? ? A DG 8  B DC  19 1_555 ? ? ? ? ? ? WATSON-CRICK    ?     ? ? 
hydrog17 hydrog ? ? A DC 9  N3 ? ? ? 1_555 B DG  5  N1  ? ? A DC 9  B DG  18 1_555 ? ? ? ? ? ? WATSON-CRICK    ?     ? ? 
hydrog18 hydrog ? ? A DC 9  N4 ? ? ? 1_555 B DG  5  O6  ? ? A DC 9  B DG  18 1_555 ? ? ? ? ? ? WATSON-CRICK    ?     ? ? 
hydrog19 hydrog ? ? A DC 9  O2 ? ? ? 1_555 B DG  5  N2  ? ? A DC 9  B DG  18 1_555 ? ? ? ? ? ? WATSON-CRICK    ?     ? ? 
hydrog20 hydrog ? ? A DT 10 N3 ? ? ? 1_555 B DA  4  N1  ? ? A DT 10 B DA  17 1_555 ? ? ? ? ? ? WATSON-CRICK    ?     ? ? 
hydrog21 hydrog ? ? A DT 10 O4 ? ? ? 1_555 B DA  4  N6  ? ? A DT 10 B DA  17 1_555 ? ? ? ? ? ? WATSON-CRICK    ?     ? ? 
hydrog22 hydrog ? ? A DC 11 N4 ? ? ? 1_555 B DT  2  O4  ? ? A DC 11 B DT  15 1_555 ? ? ? ? ? ? 'DC-DT MISPAIR' ?     ? ? 
hydrog23 hydrog ? ? A DC 11 N3 ? ? ? 1_555 B DG  3  N1  ? ? A DC 11 B DG  16 1_555 ? ? ? ? ? ? WATSON-CRICK    ?     ? ? 
hydrog24 hydrog ? ? A DC 11 N4 ? ? ? 1_555 B DG  3  O6  ? ? A DC 11 B DG  16 1_555 ? ? ? ? ? ? WATSON-CRICK    ?     ? ? 
hydrog25 hydrog ? ? A DC 11 O2 ? ? ? 1_555 B DG  3  N2  ? ? A DC 11 B DG  16 1_555 ? ? ? ? ? ? WATSON-CRICK    ?     ? ? 
hydrog26 hydrog ? ? A DA 12 N1 ? ? ? 1_555 B DT  2  N3  ? ? A DA 12 B DT  15 1_555 ? ? ? ? ? ? WATSON-CRICK    ?     ? ? 
hydrog27 hydrog ? ? A DA 12 N6 ? ? ? 1_555 B DT  2  O4  ? ? A DA 12 B DT  15 1_555 ? ? ? ? ? ? WATSON-CRICK    ?     ? ? 
hydrog28 hydrog ? ? A DC 13 N3 ? ? ? 1_555 B DG  1  N1  ? ? A DC 13 B DG  14 1_555 ? ? ? ? ? ? WATSON-CRICK    ?     ? ? 
hydrog29 hydrog ? ? A DC 13 N4 ? ? ? 1_555 B DG  1  O6  ? ? A DC 13 B DG  14 1_555 ? ? ? ? ? ? WATSON-CRICK    ?     ? ? 
hydrog30 hydrog ? ? A DC 13 O2 ? ? ? 1_555 B DG  1  N2  ? ? A DC 13 B DG  14 1_555 ? ? ? ? ? ? WATSON-CRICK    ?     ? ? 
# 
loop_
_struct_conn_type.id 
_struct_conn_type.criteria 
_struct_conn_type.reference 
metalc ? ? 
hydrog ? ? 
# 
loop_
_pdbx_struct_conn_angle.id 
_pdbx_struct_conn_angle.ptnr1_label_atom_id 
_pdbx_struct_conn_angle.ptnr1_label_alt_id 
_pdbx_struct_conn_angle.ptnr1_label_asym_id 
_pdbx_struct_conn_angle.ptnr1_label_comp_id 
_pdbx_struct_conn_angle.ptnr1_label_seq_id 
_pdbx_struct_conn_angle.ptnr1_auth_atom_id 
_pdbx_struct_conn_angle.ptnr1_auth_asym_id 
_pdbx_struct_conn_angle.ptnr1_auth_comp_id 
_pdbx_struct_conn_angle.ptnr1_auth_seq_id 
_pdbx_struct_conn_angle.ptnr1_PDB_ins_code 
_pdbx_struct_conn_angle.ptnr1_symmetry 
_pdbx_struct_conn_angle.ptnr2_label_atom_id 
_pdbx_struct_conn_angle.ptnr2_label_alt_id 
_pdbx_struct_conn_angle.ptnr2_label_asym_id 
_pdbx_struct_conn_angle.ptnr2_label_comp_id 
_pdbx_struct_conn_angle.ptnr2_label_seq_id 
_pdbx_struct_conn_angle.ptnr2_auth_atom_id 
_pdbx_struct_conn_angle.ptnr2_auth_asym_id 
_pdbx_struct_conn_angle.ptnr2_auth_comp_id 
_pdbx_struct_conn_angle.ptnr2_auth_seq_id 
_pdbx_struct_conn_angle.ptnr2_PDB_ins_code 
_pdbx_struct_conn_angle.ptnr2_symmetry 
_pdbx_struct_conn_angle.ptnr3_label_atom_id 
_pdbx_struct_conn_angle.ptnr3_label_alt_id 
_pdbx_struct_conn_angle.ptnr3_label_asym_id 
_pdbx_struct_conn_angle.ptnr3_label_comp_id 
_pdbx_struct_conn_angle.ptnr3_label_seq_id 
_pdbx_struct_conn_angle.ptnr3_auth_atom_id 
_pdbx_struct_conn_angle.ptnr3_auth_asym_id 
_pdbx_struct_conn_angle.ptnr3_auth_comp_id 
_pdbx_struct_conn_angle.ptnr3_auth_seq_id 
_pdbx_struct_conn_angle.ptnr3_PDB_ins_code 
_pdbx_struct_conn_angle.ptnr3_symmetry 
_pdbx_struct_conn_angle.value 
_pdbx_struct_conn_angle.value_esd 
1 N7 ? A DG  6 ? A DG  6  ? 1_555 PT1 ? C CPT . ? A CPT 14 ? 1_555 N1 ? C CPT . ? A CPT 14 ? 1_555 88.3  ? 
2 N7 ? A DG  6 ? A DG  6  ? 1_555 PT1 ? C CPT . ? A CPT 14 ? 1_555 N2 ? C CPT . ? A CPT 14 ? 1_555 180.0 ? 
3 N1 ? C CPT . ? A CPT 14 ? 1_555 PT1 ? C CPT . ? A CPT 14 ? 1_555 N2 ? C CPT . ? A CPT 14 ? 1_555 91.7  ? 
4 N7 ? A DG  6 ? A DG  6  ? 1_555 PT1 ? C CPT . ? A CPT 14 ? 1_555 N7 ? A DG  8 ? A DG  8  ? 1_555 91.7  ? 
5 N1 ? C CPT . ? A CPT 14 ? 1_555 PT1 ? C CPT . ? A CPT 14 ? 1_555 N7 ? A DG  8 ? A DG  8  ? 1_555 180.0 ? 
6 N2 ? C CPT . ? A CPT 14 ? 1_555 PT1 ? C CPT . ? A CPT 14 ? 1_555 N7 ? A DG  8 ? A DG  8  ? 1_555 88.3  ? 
# 
_struct_site.id                   AC1 
_struct_site.pdbx_evidence_code   Software 
_struct_site.pdbx_auth_asym_id    A 
_struct_site.pdbx_auth_comp_id    CPT 
_struct_site.pdbx_auth_seq_id     14 
_struct_site.pdbx_auth_ins_code   ? 
_struct_site.pdbx_num_residues    2 
_struct_site.details              'BINDING SITE FOR RESIDUE CPT A 14' 
# 
loop_
_struct_site_gen.id 
_struct_site_gen.site_id 
_struct_site_gen.pdbx_num_res 
_struct_site_gen.label_comp_id 
_struct_site_gen.label_asym_id 
_struct_site_gen.label_seq_id 
_struct_site_gen.pdbx_auth_ins_code 
_struct_site_gen.auth_comp_id 
_struct_site_gen.auth_asym_id 
_struct_site_gen.auth_seq_id 
_struct_site_gen.label_atom_id 
_struct_site_gen.label_alt_id 
_struct_site_gen.symmetry 
_struct_site_gen.details 
1 AC1 2 DG A 6 ? DG A 6 . ? 1_555 ? 
2 AC1 2 DG A 8 ? DG A 8 . ? 1_555 ? 
# 
loop_
_pdbx_validate_rmsd_angle.id 
_pdbx_validate_rmsd_angle.PDB_model_num 
_pdbx_validate_rmsd_angle.auth_atom_id_1 
_pdbx_validate_rmsd_angle.auth_asym_id_1 
_pdbx_validate_rmsd_angle.auth_comp_id_1 
_pdbx_validate_rmsd_angle.auth_seq_id_1 
_pdbx_validate_rmsd_angle.PDB_ins_code_1 
_pdbx_validate_rmsd_angle.label_alt_id_1 
_pdbx_validate_rmsd_angle.auth_atom_id_2 
_pdbx_validate_rmsd_angle.auth_asym_id_2 
_pdbx_validate_rmsd_angle.auth_comp_id_2 
_pdbx_validate_rmsd_angle.auth_seq_id_2 
_pdbx_validate_rmsd_angle.PDB_ins_code_2 
_pdbx_validate_rmsd_angle.label_alt_id_2 
_pdbx_validate_rmsd_angle.auth_atom_id_3 
_pdbx_validate_rmsd_angle.auth_asym_id_3 
_pdbx_validate_rmsd_angle.auth_comp_id_3 
_pdbx_validate_rmsd_angle.auth_seq_id_3 
_pdbx_validate_rmsd_angle.PDB_ins_code_3 
_pdbx_validate_rmsd_angle.label_alt_id_3 
_pdbx_validate_rmsd_angle.angle_value 
_pdbx_validate_rmsd_angle.angle_target_value 
_pdbx_validate_rmsd_angle.angle_deviation 
_pdbx_validate_rmsd_angle.angle_standard_deviation 
_pdbx_validate_rmsd_angle.linker_flag 
1  1 "O4'" A DC 1  ? ? "C1'" A DC 1  ? ? N1 A DC 1  ? ? 110.83 108.30 2.53  0.30 N 
2  1 "O4'" A DC 3  ? ? "C1'" A DC 3  ? ? N1 A DC 3  ? ? 110.81 108.30 2.51  0.30 N 
3  1 "O4'" A DT 4  ? ? "C1'" A DT 4  ? ? N1 A DT 4  ? ? 111.05 108.30 2.75  0.30 N 
4  1 "O4'" A DA 5  ? ? "C1'" A DA 5  ? ? N9 A DA 5  ? ? 112.55 108.30 4.25  0.30 N 
5  1 "O4'" A DG 6  ? ? "C1'" A DG 6  ? ? N9 A DG 6  ? ? 110.30 108.30 2.00  0.30 N 
6  1 C4    A DG 6  ? ? C5    A DG 6  ? ? N7 A DG 6  ? ? 107.98 110.80 -2.82 0.40 N 
7  1 C5    A DG 6  ? ? N7    A DG 6  ? ? C8 A DG 6  ? ? 107.31 104.30 3.01  0.50 N 
8  1 "O4'" A DT 7  ? ? "C1'" A DT 7  ? ? N1 A DT 7  ? ? 113.40 108.30 5.10  0.30 N 
9  1 C6    A DT 7  ? ? C5    A DT 7  ? ? C7 A DT 7  ? ? 119.22 122.90 -3.68 0.60 N 
10 1 "O4'" A DG 8  ? ? "C1'" A DG 8  ? ? N9 A DG 8  ? ? 116.32 108.30 8.02  0.30 N 
11 1 C4    A DG 8  ? ? C5    A DG 8  ? ? N7 A DG 8  ? ? 107.94 110.80 -2.86 0.40 N 
12 1 C5    A DG 8  ? ? N7    A DG 8  ? ? C8 A DG 8  ? ? 107.52 104.30 3.22  0.50 N 
13 1 "O4'" A DC 9  ? ? "C1'" A DC 9  ? ? N1 A DC 9  ? ? 111.59 108.30 3.29  0.30 N 
14 1 "O4'" A DC 11 ? ? "C1'" A DC 11 ? ? N1 A DC 11 ? ? 110.38 108.30 2.08  0.30 N 
15 1 "O4'" A DA 12 ? ? "C1'" A DA 12 ? ? N9 A DA 12 ? ? 111.16 108.30 2.86  0.30 N 
16 1 "O4'" A DC 13 ? ? "C1'" A DC 13 ? ? N1 A DC 13 ? ? 111.73 108.30 3.43  0.30 N 
17 1 "O4'" B DT 15 ? ? "C1'" B DT 15 ? ? N1 B DT 15 ? ? 110.64 108.30 2.34  0.30 N 
18 1 "O4'" B DG 16 ? ? "C1'" B DG 16 ? ? N9 B DG 16 ? ? 111.37 108.30 3.07  0.30 N 
19 1 "O4'" B DA 17 ? ? "C1'" B DA 17 ? ? N9 B DA 17 ? ? 110.49 108.30 2.19  0.30 N 
20 1 "O4'" B DG 18 ? ? "C1'" B DG 18 ? ? N9 B DG 18 ? ? 111.05 108.30 2.75  0.30 N 
21 1 "O4'" B DA 20 ? ? "C1'" B DA 20 ? ? N9 B DA 20 ? ? 110.90 108.30 2.60  0.30 N 
22 1 "O4'" B DC 21 ? ? "C1'" B DC 21 ? ? N1 B DC 21 ? ? 112.09 108.30 3.79  0.30 N 
23 1 "O4'" B DT 22 ? ? "C1'" B DT 22 ? ? N1 B DT 22 ? ? 111.40 108.30 3.10  0.30 N 
24 1 "O4'" B DG 24 ? ? "C1'" B DG 24 ? ? N9 B DG 24 ? ? 110.86 108.30 2.56  0.30 N 
25 1 "O4'" B DA 25 ? ? "C1'" B DA 25 ? ? N9 B DA 25 ? ? 110.34 108.30 2.04  0.30 N 
26 1 "O4'" B DG 26 ? ? "C1'" B DG 26 ? ? N9 B DG 26 ? ? 111.66 108.30 3.36  0.30 N 
27 2 "O4'" A DC 1  ? ? "C1'" A DC 1  ? ? N1 A DC 1  ? ? 110.61 108.30 2.31  0.30 N 
28 2 "O4'" A DT 2  ? ? "C1'" A DT 2  ? ? N1 A DT 2  ? ? 111.70 108.30 3.40  0.30 N 
29 2 "O4'" A DC 3  ? ? "C1'" A DC 3  ? ? N1 A DC 3  ? ? 110.87 108.30 2.57  0.30 N 
30 2 "O4'" A DT 4  ? ? "C1'" A DT 4  ? ? N1 A DT 4  ? ? 111.88 108.30 3.58  0.30 N 
31 2 "O4'" A DA 5  ? ? "C1'" A DA 5  ? ? N9 A DA 5  ? ? 110.60 108.30 2.30  0.30 N 
32 2 "O4'" A DG 6  ? ? "C1'" A DG 6  ? ? N9 A DG 6  ? ? 114.01 108.30 5.71  0.30 N 
33 2 C4    A DG 6  ? ? C5    A DG 6  ? ? N7 A DG 6  ? ? 106.86 110.80 -3.94 0.40 N 
34 2 C5    A DG 6  ? ? N7    A DG 6  ? ? C8 A DG 6  ? ? 107.63 104.30 3.33  0.50 N 
35 2 "O4'" A DG 8  ? ? "C1'" A DG 8  ? ? N9 A DG 8  ? ? 114.59 108.30 6.29  0.30 N 
36 2 C4    A DG 8  ? ? C5    A DG 8  ? ? N7 A DG 8  ? ? 107.18 110.80 -3.62 0.40 N 
37 2 C5    A DG 8  ? ? N7    A DG 8  ? ? C8 A DG 8  ? ? 107.62 104.30 3.32  0.50 N 
38 2 "O4'" A DT 10 ? ? "C1'" A DT 10 ? ? N1 A DT 10 ? ? 110.64 108.30 2.34  0.30 N 
39 2 "O4'" A DC 11 ? ? "C1'" A DC 11 ? ? N1 A DC 11 ? ? 112.69 108.30 4.39  0.30 N 
40 2 "O4'" A DC 13 ? ? "C1'" A DC 13 ? ? N1 A DC 13 ? ? 111.59 108.30 3.29  0.30 N 
41 2 "O4'" B DT 15 ? ? "C1'" B DT 15 ? ? N1 B DT 15 ? ? 112.45 108.30 4.15  0.30 N 
42 2 "O4'" B DG 16 ? ? "C1'" B DG 16 ? ? N9 B DG 16 ? ? 110.16 108.30 1.86  0.30 N 
43 2 "O4'" B DG 18 ? ? "C1'" B DG 18 ? ? N9 B DG 18 ? ? 110.43 108.30 2.13  0.30 N 
44 2 "O4'" B DA 20 ? ? "C1'" B DA 20 ? ? N9 B DA 20 ? ? 110.83 108.30 2.53  0.30 N 
45 2 "O4'" B DC 21 ? ? "C1'" B DC 21 ? ? N1 B DC 21 ? ? 113.72 108.30 5.42  0.30 N 
46 2 "O4'" B DG 24 ? ? "C1'" B DG 24 ? ? N9 B DG 24 ? ? 110.64 108.30 2.34  0.30 N 
47 2 "O4'" B DG 26 ? ? "C1'" B DG 26 ? ? N9 B DG 26 ? ? 111.49 108.30 3.19  0.30 N 
# 
loop_
_pdbx_validate_planes.id 
_pdbx_validate_planes.PDB_model_num 
_pdbx_validate_planes.auth_comp_id 
_pdbx_validate_planes.auth_asym_id 
_pdbx_validate_planes.auth_seq_id 
_pdbx_validate_planes.PDB_ins_code 
_pdbx_validate_planes.label_alt_id 
_pdbx_validate_planes.rmsd 
_pdbx_validate_planes.type 
1  1 DT A 2  ? ? 0.059 'SIDE CHAIN' 
2  1 DG A 8  ? ? 0.087 'SIDE CHAIN' 
3  1 DC A 9  ? ? 0.090 'SIDE CHAIN' 
4  1 DT A 10 ? ? 0.088 'SIDE CHAIN' 
5  1 DG B 14 ? ? 0.055 'SIDE CHAIN' 
6  1 DC B 19 ? ? 0.061 'SIDE CHAIN' 
7  2 DT A 7  ? ? 0.211 'SIDE CHAIN' 
8  2 DC A 9  ? ? 0.086 'SIDE CHAIN' 
9  2 DT A 10 ? ? 0.078 'SIDE CHAIN' 
10 2 DC A 11 ? ? 0.076 'SIDE CHAIN' 
11 2 DA B 17 ? ? 0.078 'SIDE CHAIN' 
12 2 DG B 18 ? ? 0.092 'SIDE CHAIN' 
13 2 DC B 19 ? ? 0.081 'SIDE CHAIN' 
14 2 DA B 23 ? ? 0.072 'SIDE CHAIN' 
15 2 DA B 25 ? ? 0.054 'SIDE CHAIN' 
# 
_pdbx_nmr_ensemble.entry_id                                      1DA5 
_pdbx_nmr_ensemble.conformers_calculated_total_number            ? 
_pdbx_nmr_ensemble.conformers_submitted_total_number             2 
_pdbx_nmr_ensemble.conformer_selection_criteria                  ? 
_pdbx_nmr_ensemble.average_constraints_per_residue               ? 
_pdbx_nmr_ensemble.average_constraint_violations_per_residue     ? 
_pdbx_nmr_ensemble.maximum_distance_constraint_violation         ? 
_pdbx_nmr_ensemble.average_distance_constraint_violation         ? 
_pdbx_nmr_ensemble.maximum_upper_distance_constraint_violation   ? 
_pdbx_nmr_ensemble.maximum_lower_distance_constraint_violation   ? 
_pdbx_nmr_ensemble.distance_constraint_violation_method          ? 
_pdbx_nmr_ensemble.maximum_torsion_angle_constraint_violation    ? 
_pdbx_nmr_ensemble.average_torsion_angle_constraint_violation    ? 
_pdbx_nmr_ensemble.torsion_angle_constraint_violation_method     ? 
# 
loop_
_chem_comp_atom.comp_id 
_chem_comp_atom.atom_id 
_chem_comp_atom.type_symbol 
_chem_comp_atom.pdbx_aromatic_flag 
_chem_comp_atom.pdbx_stereo_config 
_chem_comp_atom.pdbx_ordinal 
CPT PT1    PT N N 1   
CPT N1     N  N N 2   
CPT N2     N  N N 3   
CPT H11    H  N N 4   
CPT H12    H  N N 5   
CPT H21    H  N N 6   
CPT H22    H  N N 7   
CPT CL2    CL N N 8   
CPT CL1    CL N N 9   
CPT H13    H  N N 10  
CPT H23    H  N N 11  
DA  OP3    O  N N 12  
DA  P      P  N N 13  
DA  OP1    O  N N 14  
DA  OP2    O  N N 15  
DA  "O5'"  O  N N 16  
DA  "C5'"  C  N N 17  
DA  "C4'"  C  N R 18  
DA  "O4'"  O  N N 19  
DA  "C3'"  C  N S 20  
DA  "O3'"  O  N N 21  
DA  "C2'"  C  N N 22  
DA  "C1'"  C  N R 23  
DA  N9     N  Y N 24  
DA  C8     C  Y N 25  
DA  N7     N  Y N 26  
DA  C5     C  Y N 27  
DA  C6     C  Y N 28  
DA  N6     N  N N 29  
DA  N1     N  Y N 30  
DA  C2     C  Y N 31  
DA  N3     N  Y N 32  
DA  C4     C  Y N 33  
DA  HOP3   H  N N 34  
DA  HOP2   H  N N 35  
DA  "H5'"  H  N N 36  
DA  "H5''" H  N N 37  
DA  "H4'"  H  N N 38  
DA  "H3'"  H  N N 39  
DA  "HO3'" H  N N 40  
DA  "H2'"  H  N N 41  
DA  "H2''" H  N N 42  
DA  "H1'"  H  N N 43  
DA  H8     H  N N 44  
DA  H61    H  N N 45  
DA  H62    H  N N 46  
DA  H2     H  N N 47  
DC  OP3    O  N N 48  
DC  P      P  N N 49  
DC  OP1    O  N N 50  
DC  OP2    O  N N 51  
DC  "O5'"  O  N N 52  
DC  "C5'"  C  N N 53  
DC  "C4'"  C  N R 54  
DC  "O4'"  O  N N 55  
DC  "C3'"  C  N S 56  
DC  "O3'"  O  N N 57  
DC  "C2'"  C  N N 58  
DC  "C1'"  C  N R 59  
DC  N1     N  N N 60  
DC  C2     C  N N 61  
DC  O2     O  N N 62  
DC  N3     N  N N 63  
DC  C4     C  N N 64  
DC  N4     N  N N 65  
DC  C5     C  N N 66  
DC  C6     C  N N 67  
DC  HOP3   H  N N 68  
DC  HOP2   H  N N 69  
DC  "H5'"  H  N N 70  
DC  "H5''" H  N N 71  
DC  "H4'"  H  N N 72  
DC  "H3'"  H  N N 73  
DC  "HO3'" H  N N 74  
DC  "H2'"  H  N N 75  
DC  "H2''" H  N N 76  
DC  "H1'"  H  N N 77  
DC  H41    H  N N 78  
DC  H42    H  N N 79  
DC  H5     H  N N 80  
DC  H6     H  N N 81  
DG  OP3    O  N N 82  
DG  P      P  N N 83  
DG  OP1    O  N N 84  
DG  OP2    O  N N 85  
DG  "O5'"  O  N N 86  
DG  "C5'"  C  N N 87  
DG  "C4'"  C  N R 88  
DG  "O4'"  O  N N 89  
DG  "C3'"  C  N S 90  
DG  "O3'"  O  N N 91  
DG  "C2'"  C  N N 92  
DG  "C1'"  C  N R 93  
DG  N9     N  Y N 94  
DG  C8     C  Y N 95  
DG  N7     N  Y N 96  
DG  C5     C  Y N 97  
DG  C6     C  N N 98  
DG  O6     O  N N 99  
DG  N1     N  N N 100 
DG  C2     C  N N 101 
DG  N2     N  N N 102 
DG  N3     N  N N 103 
DG  C4     C  Y N 104 
DG  HOP3   H  N N 105 
DG  HOP2   H  N N 106 
DG  "H5'"  H  N N 107 
DG  "H5''" H  N N 108 
DG  "H4'"  H  N N 109 
DG  "H3'"  H  N N 110 
DG  "HO3'" H  N N 111 
DG  "H2'"  H  N N 112 
DG  "H2''" H  N N 113 
DG  "H1'"  H  N N 114 
DG  H8     H  N N 115 
DG  H1     H  N N 116 
DG  H21    H  N N 117 
DG  H22    H  N N 118 
DT  OP3    O  N N 119 
DT  P      P  N N 120 
DT  OP1    O  N N 121 
DT  OP2    O  N N 122 
DT  "O5'"  O  N N 123 
DT  "C5'"  C  N N 124 
DT  "C4'"  C  N R 125 
DT  "O4'"  O  N N 126 
DT  "C3'"  C  N S 127 
DT  "O3'"  O  N N 128 
DT  "C2'"  C  N N 129 
DT  "C1'"  C  N R 130 
DT  N1     N  N N 131 
DT  C2     C  N N 132 
DT  O2     O  N N 133 
DT  N3     N  N N 134 
DT  C4     C  N N 135 
DT  O4     O  N N 136 
DT  C5     C  N N 137 
DT  C7     C  N N 138 
DT  C6     C  N N 139 
DT  HOP3   H  N N 140 
DT  HOP2   H  N N 141 
DT  "H5'"  H  N N 142 
DT  "H5''" H  N N 143 
DT  "H4'"  H  N N 144 
DT  "H3'"  H  N N 145 
DT  "HO3'" H  N N 146 
DT  "H2'"  H  N N 147 
DT  "H2''" H  N N 148 
DT  "H1'"  H  N N 149 
DT  H3     H  N N 150 
DT  H71    H  N N 151 
DT  H72    H  N N 152 
DT  H73    H  N N 153 
DT  H6     H  N N 154 
# 
loop_
_chem_comp_bond.comp_id 
_chem_comp_bond.atom_id_1 
_chem_comp_bond.atom_id_2 
_chem_comp_bond.value_order 
_chem_comp_bond.pdbx_aromatic_flag 
_chem_comp_bond.pdbx_stereo_config 
_chem_comp_bond.pdbx_ordinal 
CPT PT1   N1     sing N N 1   
CPT PT1   N2     sing N N 2   
CPT N1    H11    sing N N 3   
CPT N1    H12    sing N N 4   
CPT N1    H13    sing N N 5   
CPT N2    H21    sing N N 6   
CPT N2    H22    sing N N 7   
CPT N2    H23    sing N N 8   
CPT CL2   PT1    sing N N 9   
CPT CL1   PT1    sing N N 10  
DA  OP3   P      sing N N 11  
DA  OP3   HOP3   sing N N 12  
DA  P     OP1    doub N N 13  
DA  P     OP2    sing N N 14  
DA  P     "O5'"  sing N N 15  
DA  OP2   HOP2   sing N N 16  
DA  "O5'" "C5'"  sing N N 17  
DA  "C5'" "C4'"  sing N N 18  
DA  "C5'" "H5'"  sing N N 19  
DA  "C5'" "H5''" sing N N 20  
DA  "C4'" "O4'"  sing N N 21  
DA  "C4'" "C3'"  sing N N 22  
DA  "C4'" "H4'"  sing N N 23  
DA  "O4'" "C1'"  sing N N 24  
DA  "C3'" "O3'"  sing N N 25  
DA  "C3'" "C2'"  sing N N 26  
DA  "C3'" "H3'"  sing N N 27  
DA  "O3'" "HO3'" sing N N 28  
DA  "C2'" "C1'"  sing N N 29  
DA  "C2'" "H2'"  sing N N 30  
DA  "C2'" "H2''" sing N N 31  
DA  "C1'" N9     sing N N 32  
DA  "C1'" "H1'"  sing N N 33  
DA  N9    C8     sing Y N 34  
DA  N9    C4     sing Y N 35  
DA  C8    N7     doub Y N 36  
DA  C8    H8     sing N N 37  
DA  N7    C5     sing Y N 38  
DA  C5    C6     sing Y N 39  
DA  C5    C4     doub Y N 40  
DA  C6    N6     sing N N 41  
DA  C6    N1     doub Y N 42  
DA  N6    H61    sing N N 43  
DA  N6    H62    sing N N 44  
DA  N1    C2     sing Y N 45  
DA  C2    N3     doub Y N 46  
DA  C2    H2     sing N N 47  
DA  N3    C4     sing Y N 48  
DC  OP3   P      sing N N 49  
DC  OP3   HOP3   sing N N 50  
DC  P     OP1    doub N N 51  
DC  P     OP2    sing N N 52  
DC  P     "O5'"  sing N N 53  
DC  OP2   HOP2   sing N N 54  
DC  "O5'" "C5'"  sing N N 55  
DC  "C5'" "C4'"  sing N N 56  
DC  "C5'" "H5'"  sing N N 57  
DC  "C5'" "H5''" sing N N 58  
DC  "C4'" "O4'"  sing N N 59  
DC  "C4'" "C3'"  sing N N 60  
DC  "C4'" "H4'"  sing N N 61  
DC  "O4'" "C1'"  sing N N 62  
DC  "C3'" "O3'"  sing N N 63  
DC  "C3'" "C2'"  sing N N 64  
DC  "C3'" "H3'"  sing N N 65  
DC  "O3'" "HO3'" sing N N 66  
DC  "C2'" "C1'"  sing N N 67  
DC  "C2'" "H2'"  sing N N 68  
DC  "C2'" "H2''" sing N N 69  
DC  "C1'" N1     sing N N 70  
DC  "C1'" "H1'"  sing N N 71  
DC  N1    C2     sing N N 72  
DC  N1    C6     sing N N 73  
DC  C2    O2     doub N N 74  
DC  C2    N3     sing N N 75  
DC  N3    C4     doub N N 76  
DC  C4    N4     sing N N 77  
DC  C4    C5     sing N N 78  
DC  N4    H41    sing N N 79  
DC  N4    H42    sing N N 80  
DC  C5    C6     doub N N 81  
DC  C5    H5     sing N N 82  
DC  C6    H6     sing N N 83  
DG  OP3   P      sing N N 84  
DG  OP3   HOP3   sing N N 85  
DG  P     OP1    doub N N 86  
DG  P     OP2    sing N N 87  
DG  P     "O5'"  sing N N 88  
DG  OP2   HOP2   sing N N 89  
DG  "O5'" "C5'"  sing N N 90  
DG  "C5'" "C4'"  sing N N 91  
DG  "C5'" "H5'"  sing N N 92  
DG  "C5'" "H5''" sing N N 93  
DG  "C4'" "O4'"  sing N N 94  
DG  "C4'" "C3'"  sing N N 95  
DG  "C4'" "H4'"  sing N N 96  
DG  "O4'" "C1'"  sing N N 97  
DG  "C3'" "O3'"  sing N N 98  
DG  "C3'" "C2'"  sing N N 99  
DG  "C3'" "H3'"  sing N N 100 
DG  "O3'" "HO3'" sing N N 101 
DG  "C2'" "C1'"  sing N N 102 
DG  "C2'" "H2'"  sing N N 103 
DG  "C2'" "H2''" sing N N 104 
DG  "C1'" N9     sing N N 105 
DG  "C1'" "H1'"  sing N N 106 
DG  N9    C8     sing Y N 107 
DG  N9    C4     sing Y N 108 
DG  C8    N7     doub Y N 109 
DG  C8    H8     sing N N 110 
DG  N7    C5     sing Y N 111 
DG  C5    C6     sing N N 112 
DG  C5    C4     doub Y N 113 
DG  C6    O6     doub N N 114 
DG  C6    N1     sing N N 115 
DG  N1    C2     sing N N 116 
DG  N1    H1     sing N N 117 
DG  C2    N2     sing N N 118 
DG  C2    N3     doub N N 119 
DG  N2    H21    sing N N 120 
DG  N2    H22    sing N N 121 
DG  N3    C4     sing N N 122 
DT  OP3   P      sing N N 123 
DT  OP3   HOP3   sing N N 124 
DT  P     OP1    doub N N 125 
DT  P     OP2    sing N N 126 
DT  P     "O5'"  sing N N 127 
DT  OP2   HOP2   sing N N 128 
DT  "O5'" "C5'"  sing N N 129 
DT  "C5'" "C4'"  sing N N 130 
DT  "C5'" "H5'"  sing N N 131 
DT  "C5'" "H5''" sing N N 132 
DT  "C4'" "O4'"  sing N N 133 
DT  "C4'" "C3'"  sing N N 134 
DT  "C4'" "H4'"  sing N N 135 
DT  "O4'" "C1'"  sing N N 136 
DT  "C3'" "O3'"  sing N N 137 
DT  "C3'" "C2'"  sing N N 138 
DT  "C3'" "H3'"  sing N N 139 
DT  "O3'" "HO3'" sing N N 140 
DT  "C2'" "C1'"  sing N N 141 
DT  "C2'" "H2'"  sing N N 142 
DT  "C2'" "H2''" sing N N 143 
DT  "C1'" N1     sing N N 144 
DT  "C1'" "H1'"  sing N N 145 
DT  N1    C2     sing N N 146 
DT  N1    C6     sing N N 147 
DT  C2    O2     doub N N 148 
DT  C2    N3     sing N N 149 
DT  N3    C4     sing N N 150 
DT  N3    H3     sing N N 151 
DT  C4    O4     doub N N 152 
DT  C4    C5     sing N N 153 
DT  C5    C7     sing N N 154 
DT  C5    C6     doub N N 155 
DT  C7    H71    sing N N 156 
DT  C7    H72    sing N N 157 
DT  C7    H73    sing N N 158 
DT  C6    H6     sing N N 159 
# 
loop_
_ndb_struct_conf_na.entry_id 
_ndb_struct_conf_na.feature 
1DA5 'double helix'         
1DA5 'b-form double helix'  
1DA5 'mismatched base pair' 
# 
loop_
_ndb_struct_na_base_pair.model_number 
_ndb_struct_na_base_pair.i_label_asym_id 
_ndb_struct_na_base_pair.i_label_comp_id 
_ndb_struct_na_base_pair.i_label_seq_id 
_ndb_struct_na_base_pair.i_symmetry 
_ndb_struct_na_base_pair.j_label_asym_id 
_ndb_struct_na_base_pair.j_label_comp_id 
_ndb_struct_na_base_pair.j_label_seq_id 
_ndb_struct_na_base_pair.j_symmetry 
_ndb_struct_na_base_pair.shear 
_ndb_struct_na_base_pair.stretch 
_ndb_struct_na_base_pair.stagger 
_ndb_struct_na_base_pair.buckle 
_ndb_struct_na_base_pair.propeller 
_ndb_struct_na_base_pair.opening 
_ndb_struct_na_base_pair.pair_number 
_ndb_struct_na_base_pair.pair_name 
_ndb_struct_na_base_pair.i_auth_asym_id 
_ndb_struct_na_base_pair.i_auth_seq_id 
_ndb_struct_na_base_pair.i_PDB_ins_code 
_ndb_struct_na_base_pair.j_auth_asym_id 
_ndb_struct_na_base_pair.j_auth_seq_id 
_ndb_struct_na_base_pair.j_PDB_ins_code 
_ndb_struct_na_base_pair.hbond_type_28 
_ndb_struct_na_base_pair.hbond_type_12 
1 A DC 1  1_555 B DG 13 1_555 -0.544 -0.091 0.785 4.592  -17.021 -6.244 1  A_DC1:DG26_B  A 1  ? B 26 ? 19 1 
1 A DT 2  1_555 B DA 12 1_555 0.516  -0.179 0.334 3.103  -24.003 -4.996 2  A_DT2:DA25_B  A 2  ? B 25 ? 20 1 
1 A DC 3  1_555 B DG 11 1_555 0.975  -0.414 0.662 -8.082 -19.637 -4.620 3  A_DC3:DG24_B  A 3  ? B 24 ? 19 1 
1 A DT 4  1_555 B DA 10 1_555 0.614  -0.211 0.637 -6.767 -14.905 -3.355 4  A_DT4:DA23_B  A 4  ? B 23 ? 20 1 
1 A DA 5  1_555 B DT 9  1_555 0.717  -0.136 1.106 15.339 -5.115  -4.142 5  A_DA5:DT22_B  A 5  ? B 22 ? 20 1 
1 A DG 8  1_555 B DC 6  1_555 0.431  -0.078 0.827 -0.078 2.956   -2.160 6  A_DG8:DC19_B  A 8  ? B 19 ? 19 1 
1 A DC 9  1_555 B DG 5  1_555 0.573  -0.500 1.278 -2.039 -21.130 -8.218 7  A_DC9:DG18_B  A 9  ? B 18 ? 19 1 
1 A DT 10 1_555 B DA 4  1_555 0.639  -0.383 1.023 -8.268 -22.976 -5.658 8  A_DT10:DA17_B A 10 ? B 17 ? 20 1 
1 A DC 11 1_555 B DG 3  1_555 1.048  -0.490 0.842 -8.855 -19.881 -5.750 9  A_DC11:DG16_B A 11 ? B 16 ? 19 1 
1 A DA 12 1_555 B DT 2  1_555 -0.528 -0.256 0.632 -4.303 -19.301 -8.448 10 A_DA12:DT15_B A 12 ? B 15 ? 20 1 
1 A DC 13 1_555 B DG 1  1_555 0.915  -0.285 0.821 -9.946 -8.648  -3.972 11 A_DC13:DG14_B A 13 ? B 14 ? 19 1 
# 
loop_
_ndb_struct_na_base_pair_step.model_number 
_ndb_struct_na_base_pair_step.i_label_asym_id_1 
_ndb_struct_na_base_pair_step.i_label_comp_id_1 
_ndb_struct_na_base_pair_step.i_label_seq_id_1 
_ndb_struct_na_base_pair_step.i_symmetry_1 
_ndb_struct_na_base_pair_step.j_label_asym_id_1 
_ndb_struct_na_base_pair_step.j_label_comp_id_1 
_ndb_struct_na_base_pair_step.j_label_seq_id_1 
_ndb_struct_na_base_pair_step.j_symmetry_1 
_ndb_struct_na_base_pair_step.i_label_asym_id_2 
_ndb_struct_na_base_pair_step.i_label_comp_id_2 
_ndb_struct_na_base_pair_step.i_label_seq_id_2 
_ndb_struct_na_base_pair_step.i_symmetry_2 
_ndb_struct_na_base_pair_step.j_label_asym_id_2 
_ndb_struct_na_base_pair_step.j_label_comp_id_2 
_ndb_struct_na_base_pair_step.j_label_seq_id_2 
_ndb_struct_na_base_pair_step.j_symmetry_2 
_ndb_struct_na_base_pair_step.shift 
_ndb_struct_na_base_pair_step.slide 
_ndb_struct_na_base_pair_step.rise 
_ndb_struct_na_base_pair_step.tilt 
_ndb_struct_na_base_pair_step.roll 
_ndb_struct_na_base_pair_step.twist 
_ndb_struct_na_base_pair_step.x_displacement 
_ndb_struct_na_base_pair_step.y_displacement 
_ndb_struct_na_base_pair_step.helical_rise 
_ndb_struct_na_base_pair_step.inclination 
_ndb_struct_na_base_pair_step.tip 
_ndb_struct_na_base_pair_step.helical_twist 
_ndb_struct_na_base_pair_step.step_number 
_ndb_struct_na_base_pair_step.step_name 
_ndb_struct_na_base_pair_step.i_auth_asym_id_1 
_ndb_struct_na_base_pair_step.i_auth_seq_id_1 
_ndb_struct_na_base_pair_step.i_PDB_ins_code_1 
_ndb_struct_na_base_pair_step.j_auth_asym_id_1 
_ndb_struct_na_base_pair_step.j_auth_seq_id_1 
_ndb_struct_na_base_pair_step.j_PDB_ins_code_1 
_ndb_struct_na_base_pair_step.i_auth_asym_id_2 
_ndb_struct_na_base_pair_step.i_auth_seq_id_2 
_ndb_struct_na_base_pair_step.i_PDB_ins_code_2 
_ndb_struct_na_base_pair_step.j_auth_asym_id_2 
_ndb_struct_na_base_pair_step.j_auth_seq_id_2 
_ndb_struct_na_base_pair_step.j_PDB_ins_code_2 
1 A DC 1  1_555 B DG 13 1_555 A DT 2  1_555 B DA 12 1_555 -0.316 -0.793 3.114 2.616  -1.020  39.706 -1.052 0.753  3.106 -1.499  
-3.845 39.801 1 AA_DC1DT2:DA25DG26_BB   A 1  ? B 26 ? A 2  ? B 25 ? 
1 A DT 2  1_555 B DA 12 1_555 A DC 3  1_555 B DG 11 1_555 0.163  -0.801 3.289 -1.974 2.072   39.051 -1.444 -0.479 3.232 3.095   
2.948  39.151 2 AA_DT2DC3:DG24DA25_BB   A 2  ? B 25 ? A 3  ? B 24 ? 
1 A DC 3  1_555 B DG 11 1_555 A DT 4  1_555 B DA 10 1_555 0.203  -1.154 2.954 2.066  0.217   32.445 -2.095 -0.036 2.953 0.388   
-3.692 32.510 3 AA_DC3DT4:DA23DG24_BB   A 3  ? B 24 ? A 4  ? B 23 ? 
1 A DT 4  1_555 B DA 10 1_555 A DA 5  1_555 B DT 9  1_555 0.460  -0.988 2.395 -3.816 -5.516  33.595 -1.027 -1.232 2.456 -9.426  
6.522  34.239 4 AA_DT4DA5:DT22DA23_BB   A 4  ? B 23 ? A 5  ? B 22 ? 
1 A DG 8  1_555 B DC 6  1_555 A DC 9  1_555 B DG 5  1_555 -0.653 -0.646 3.674 -0.237 -19.301 42.135 1.115  0.810  3.630 -25.316 
0.311  46.163 5 AA_DG8DC9:DG18DC19_BB   A 8  ? B 19 ? A 9  ? B 18 ? 
1 A DC 9  1_555 B DG 5  1_555 A DT 10 1_555 B DA 4  1_555 -0.502 -0.866 3.201 -0.332 -8.735  40.730 -0.287 0.671  3.313 -12.378 
0.471  41.619 6 AA_DC9DT10:DA17DG18_BB  A 9  ? B 18 ? A 10 ? B 17 ? 
1 A DT 10 1_555 B DA 4  1_555 A DC 11 1_555 B DG 3  1_555 -0.139 -0.613 3.011 -0.438 -3.259  39.165 -0.552 0.158  3.051 -4.851  
0.652  39.297 7 AA_DT10DC11:DG16DA17_BB A 10 ? B 17 ? A 11 ? B 16 ? 
1 A DC 11 1_555 B DG 3  1_555 A DA 12 1_555 B DT 2  1_555 -0.355 -0.865 2.613 1.111  9.539   28.052 -3.214 0.872  2.192 18.988  
-2.212 29.619 8 AA_DC11DA12:DT15DG16_BB A 11 ? B 16 ? A 12 ? B 15 ? 
1 A DA 12 1_555 B DT 2  1_555 A DC 13 1_555 B DG 1  1_555 0.477  -1.060 3.337 -0.264 0.040   36.459 -1.700 -0.800 3.333 0.064   
0.422  36.460 9 AA_DA12DC13:DG14DT15_BB A 12 ? B 15 ? A 13 ? B 14 ? 
# 
_atom_sites.entry_id                    1DA5 
_atom_sites.fract_transf_matrix[1][1]   1.000000 
_atom_sites.fract_transf_matrix[1][2]   0.000000 
_atom_sites.fract_transf_matrix[1][3]   0.000000 
_atom_sites.fract_transf_matrix[2][1]   0.000000 
_atom_sites.fract_transf_matrix[2][2]   1.000000 
_atom_sites.fract_transf_matrix[2][3]   0.000000 
_atom_sites.fract_transf_matrix[3][1]   0.000000 
_atom_sites.fract_transf_matrix[3][2]   0.000000 
_atom_sites.fract_transf_matrix[3][3]   1.000000 
_atom_sites.fract_transf_vector[1]      0.00000 
_atom_sites.fract_transf_vector[2]      0.00000 
_atom_sites.fract_transf_vector[3]      0.00000 
# 
loop_
_atom_type.symbol 
C  
H  
N  
O  
P  
PT 
# 
loop_
_atom_site.group_PDB 
_atom_site.id 
_atom_site.type_symbol 
_atom_site.label_atom_id 
_atom_site.label_alt_id 
_atom_site.label_comp_id 
_atom_site.label_asym_id 
_atom_site.label_entity_id 
_atom_site.label_seq_id 
_atom_site.pdbx_PDB_ins_code 
_atom_site.Cartn_x 
_atom_site.Cartn_y 
_atom_site.Cartn_z 
_atom_site.occupancy 
_atom_site.B_iso_or_equiv 
_atom_site.pdbx_formal_charge 
_atom_site.auth_seq_id 
_atom_site.auth_comp_id 
_atom_site.auth_asym_id 
_atom_site.auth_atom_id 
_atom_site.pdbx_PDB_model_num 
ATOM   1    P  P      . DC  A 1 1  ? 20.223  -0.964  1.980   1.00 0.00 ? 1  DC  A P      1 
ATOM   2    O  OP1    . DC  A 1 1  ? 20.465  -1.119  3.432   1.00 0.00 ? 1  DC  A OP1    1 
ATOM   3    O  OP2    . DC  A 1 1  ? 19.015  -1.561  1.367   1.00 0.00 ? 1  DC  A OP2    1 
ATOM   4    O  "O5'"  . DC  A 1 1  ? 20.234  0.609   1.629   1.00 0.00 ? 1  DC  A "O5'"  1 
ATOM   5    C  "C5'"  . DC  A 1 1  ? 21.353  1.423   1.923   1.00 0.00 ? 1  DC  A "C5'"  1 
ATOM   6    C  "C4'"  . DC  A 1 1  ? 21.104  2.852   1.431   1.00 0.00 ? 1  DC  A "C4'"  1 
ATOM   7    O  "O4'"  . DC  A 1 1  ? 20.926  2.833   0.023   1.00 0.00 ? 1  DC  A "O4'"  1 
ATOM   8    C  "C3'"  . DC  A 1 1  ? 19.851  3.476   2.061   1.00 0.00 ? 1  DC  A "C3'"  1 
ATOM   9    O  "O3'"  . DC  A 1 1  ? 20.146  4.801   2.475   1.00 0.00 ? 1  DC  A "O3'"  1 
ATOM   10   C  "C2'"  . DC  A 1 1  ? 18.855  3.432   0.909   1.00 0.00 ? 1  DC  A "C2'"  1 
ATOM   11   C  "C1'"  . DC  A 1 1  ? 19.769  3.580   -0.302  1.00 0.00 ? 1  DC  A "C1'"  1 
ATOM   12   N  N1     . DC  A 1 1  ? 19.129  3.053   -1.541  1.00 0.00 ? 1  DC  A N1     1 
ATOM   13   C  C2     . DC  A 1 1  ? 18.748  3.945   -2.550  1.00 0.00 ? 1  DC  A C2     1 
ATOM   14   O  O2     . DC  A 1 1  ? 18.900  5.157   -2.422  1.00 0.00 ? 1  DC  A O2     1 
ATOM   15   N  N3     . DC  A 1 1  ? 18.197  3.436   -3.692  1.00 0.00 ? 1  DC  A N3     1 
ATOM   16   C  C4     . DC  A 1 1  ? 18.006  2.116   -3.849  1.00 0.00 ? 1  DC  A C4     1 
ATOM   17   N  N4     . DC  A 1 1  ? 17.478  1.666   -4.995  1.00 0.00 ? 1  DC  A N4     1 
ATOM   18   C  C5     . DC  A 1 1  ? 18.370  1.186   -2.816  1.00 0.00 ? 1  DC  A C5     1 
ATOM   19   C  C6     . DC  A 1 1  ? 18.925  1.701   -1.694  1.00 0.00 ? 1  DC  A C6     1 
ATOM   20   H  "H5'"  . DC  A 1 1  ? 22.238  1.024   1.426   1.00 0.00 ? 1  DC  A "H5'"  1 
ATOM   21   H  "H5''" . DC  A 1 1  ? 21.528  1.439   3.000   1.00 0.00 ? 1  DC  A "H5''" 1 
ATOM   22   H  "H4'"  . DC  A 1 1  ? 21.981  3.457   1.670   1.00 0.00 ? 1  DC  A "H4'"  1 
ATOM   23   H  "H3'"  . DC  A 1 1  ? 19.491  2.888   2.907   1.00 0.00 ? 1  DC  A "H3'"  1 
ATOM   24   H  "H2'"  . DC  A 1 1  ? 18.358  2.461   0.904   1.00 0.00 ? 1  DC  A "H2'"  1 
ATOM   25   H  "H2''" . DC  A 1 1  ? 18.114  4.224   0.956   1.00 0.00 ? 1  DC  A "H2''" 1 
ATOM   26   H  "H1'"  . DC  A 1 1  ? 20.067  4.625   -0.384  1.00 0.00 ? 1  DC  A "H1'"  1 
ATOM   27   H  H41    . DC  A 1 1  ? 17.253  2.313   -5.738  1.00 0.00 ? 1  DC  A H41    1 
ATOM   28   H  H42    . DC  A 1 1  ? 17.326  0.676   -5.127  1.00 0.00 ? 1  DC  A H42    1 
ATOM   29   H  H5     . DC  A 1 1  ? 18.226  0.118   -2.899  1.00 0.00 ? 1  DC  A H5     1 
ATOM   30   H  H6     . DC  A 1 1  ? 19.215  1.025   -0.904  1.00 0.00 ? 1  DC  A H6     1 
ATOM   31   P  P      . DT  A 1 2  ? 19.082  5.727   3.273   1.00 0.00 ? 2  DT  A P      1 
ATOM   32   O  OP1    . DT  A 1 2  ? 19.844  6.684   4.107   1.00 0.00 ? 2  DT  A OP1    1 
ATOM   33   O  OP2    . DT  A 1 2  ? 18.074  4.846   3.908   1.00 0.00 ? 2  DT  A OP2    1 
ATOM   34   O  "O5'"  . DT  A 1 2  ? 18.347  6.557   2.099   1.00 0.00 ? 2  DT  A "O5'"  1 
ATOM   35   C  "C5'"  . DT  A 1 2  ? 19.019  7.580   1.389   1.00 0.00 ? 2  DT  A "C5'"  1 
ATOM   36   C  "C4'"  . DT  A 1 2  ? 18.105  8.159   0.306   1.00 0.00 ? 2  DT  A "C4'"  1 
ATOM   37   O  "O4'"  . DT  A 1 2  ? 17.756  7.137   -0.610  1.00 0.00 ? 2  DT  A "O4'"  1 
ATOM   38   C  "C3'"  . DT  A 1 2  ? 16.799  8.750   0.866   1.00 0.00 ? 2  DT  A "C3'"  1 
ATOM   39   O  "O3'"  . DT  A 1 2  ? 16.648  10.072  0.370   1.00 0.00 ? 2  DT  A "O3'"  1 
ATOM   40   C  "C2'"  . DT  A 1 2  ? 15.743  7.786   0.327   1.00 0.00 ? 2  DT  A "C2'"  1 
ATOM   41   C  "C1'"  . DT  A 1 2  ? 16.402  7.311   -0.965  1.00 0.00 ? 2  DT  A "C1'"  1 
ATOM   42   N  N1     . DT  A 1 2  ? 15.848  6.036   -1.502  1.00 0.00 ? 2  DT  A N1     1 
ATOM   43   C  C2     . DT  A 1 2  ? 15.429  5.991   -2.833  1.00 0.00 ? 2  DT  A C2     1 
ATOM   44   O  O2     . DT  A 1 2  ? 15.353  6.984   -3.553  1.00 0.00 ? 2  DT  A O2     1 
ATOM   45   N  N3     . DT  A 1 2  ? 15.091  4.738   -3.328  1.00 0.00 ? 2  DT  A N3     1 
ATOM   46   C  C4     . DT  A 1 2  ? 15.105  3.543   -2.621  1.00 0.00 ? 2  DT  A C4     1 
ATOM   47   O  O4     . DT  A 1 2  ? 14.803  2.491   -3.178  1.00 0.00 ? 2  DT  A O4     1 
ATOM   48   C  C5     . DT  A 1 2  ? 15.495  3.682   -1.230  1.00 0.00 ? 2  DT  A C5     1 
ATOM   49   C  C7     . DT  A 1 2  ? 15.498  2.459   -0.335  1.00 0.00 ? 2  DT  A C7     1 
ATOM   50   C  C6     . DT  A 1 2  ? 15.848  4.894   -0.731  1.00 0.00 ? 2  DT  A C6     1 
ATOM   51   H  "H5'"  . DT  A 1 2  ? 19.914  7.173   0.915   1.00 0.00 ? 2  DT  A "H5'"  1 
ATOM   52   H  "H5''" . DT  A 1 2  ? 19.309  8.379   2.071   1.00 0.00 ? 2  DT  A "H5''" 1 
ATOM   53   H  "H4'"  . DT  A 1 2  ? 18.656  8.932   -0.233  1.00 0.00 ? 2  DT  A "H4'"  1 
ATOM   54   H  "H3'"  . DT  A 1 2  ? 16.796  8.759   1.957   1.00 0.00 ? 2  DT  A "H3'"  1 
ATOM   55   H  "H2'"  . DT  A 1 2  ? 15.627  6.972   1.042   1.00 0.00 ? 2  DT  A "H2'"  1 
ATOM   56   H  "H2''" . DT  A 1 2  ? 14.777  8.249   0.149   1.00 0.00 ? 2  DT  A "H2''" 1 
ATOM   57   H  "H1'"  . DT  A 1 2  ? 16.347  8.129   -1.686  1.00 0.00 ? 2  DT  A "H1'"  1 
ATOM   58   H  H3     . DT  A 1 2  ? 14.804  4.693   -4.294  1.00 0.00 ? 2  DT  A H3     1 
ATOM   59   H  H71    . DT  A 1 2  ? 14.492  2.041   -0.298  1.00 0.00 ? 2  DT  A H71    1 
ATOM   60   H  H72    . DT  A 1 2  ? 16.178  1.710   -0.741  1.00 0.00 ? 2  DT  A H72    1 
ATOM   61   H  H73    . DT  A 1 2  ? 15.810  2.710   0.679   1.00 0.00 ? 2  DT  A H73    1 
ATOM   62   H  H6     . DT  A 1 2  ? 16.146  4.963   0.302   1.00 0.00 ? 2  DT  A H6     1 
ATOM   63   P  P      . DC  A 1 3  ? 15.384  11.012  0.746   1.00 0.00 ? 3  DC  A P      1 
ATOM   64   O  OP1    . DC  A 1 3  ? 15.824  12.424  0.678   1.00 0.00 ? 3  DC  A OP1    1 
ATOM   65   O  OP2    . DC  A 1 3  ? 14.763  10.496  1.987   1.00 0.00 ? 3  DC  A OP2    1 
ATOM   66   O  "O5'"  . DC  A 1 3  ? 14.365  10.743  -0.476  1.00 0.00 ? 3  DC  A "O5'"  1 
ATOM   67   C  "C5'"  . DC  A 1 3  ? 14.636  11.226  -1.779  1.00 0.00 ? 3  DC  A "C5'"  1 
ATOM   68   C  "C4'"  . DC  A 1 3  ? 13.596  10.696  -2.768  1.00 0.00 ? 3  DC  A "C4'"  1 
ATOM   69   O  "O4'"  . DC  A 1 3  ? 13.633  9.282   -2.790  1.00 0.00 ? 3  DC  A "O4'"  1 
ATOM   70   C  "C3'"  . DC  A 1 3  ? 12.153  11.113  -2.437  1.00 0.00 ? 3  DC  A "C3'"  1 
ATOM   71   O  "O3'"  . DC  A 1 3  ? 11.649  11.905  -3.502  1.00 0.00 ? 3  DC  A "O3'"  1 
ATOM   72   C  "C2'"  . DC  A 1 3  ? 11.433  9.768   -2.298  1.00 0.00 ? 3  DC  A "C2'"  1 
ATOM   73   C  "C1'"  . DC  A 1 3  ? 12.332  8.845   -3.114  1.00 0.00 ? 3  DC  A "C1'"  1 
ATOM   74   N  N1     . DC  A 1 3  ? 12.156  7.407   -2.765  1.00 0.00 ? 3  DC  A N1     1 
ATOM   75   C  C2     . DC  A 1 3  ? 11.715  6.516   -3.747  1.00 0.00 ? 3  DC  A C2     1 
ATOM   76   O  O2     . DC  A 1 3  ? 11.371  6.907   -4.861  1.00 0.00 ? 3  DC  A O2     1 
ATOM   77   N  N3     . DC  A 1 3  ? 11.671  5.189   -3.443  1.00 0.00 ? 3  DC  A N3     1 
ATOM   78   C  C4     . DC  A 1 3  ? 12.007  4.733   -2.226  1.00 0.00 ? 3  DC  A C4     1 
ATOM   79   N  N4     . DC  A 1 3  ? 11.952  3.415   -1.996  1.00 0.00 ? 3  DC  A N4     1 
ATOM   80   C  C5     . DC  A 1 3  ? 12.420  5.636   -1.187  1.00 0.00 ? 3  DC  A C5     1 
ATOM   81   C  C6     . DC  A 1 3  ? 12.480  6.950   -1.508  1.00 0.00 ? 3  DC  A C6     1 
ATOM   82   H  "H5'"  . DC  A 1 3  ? 15.624  10.891  -2.098  1.00 0.00 ? 3  DC  A "H5'"  1 
ATOM   83   H  "H5''" . DC  A 1 3  ? 14.611  12.317  -1.783  1.00 0.00 ? 3  DC  A "H5''" 1 
ATOM   84   H  "H4'"  . DC  A 1 3  ? 13.856  11.052  -3.767  1.00 0.00 ? 3  DC  A "H4'"  1 
ATOM   85   H  "H3'"  . DC  A 1 3  ? 12.105  11.671  -1.500  1.00 0.00 ? 3  DC  A "H3'"  1 
ATOM   86   H  "H2'"  . DC  A 1 3  ? 11.442  9.482   -1.246  1.00 0.00 ? 3  DC  A "H2'"  1 
ATOM   87   H  "H2''" . DC  A 1 3  ? 10.410  9.765   -2.665  1.00 0.00 ? 3  DC  A "H2''" 1 
ATOM   88   H  "H1'"  . DC  A 1 3  ? 12.172  9.051   -4.173  1.00 0.00 ? 3  DC  A "H1'"  1 
ATOM   89   H  H41    . DC  A 1 3  ? 11.697  2.790   -2.748  1.00 0.00 ? 3  DC  A H41    1 
ATOM   90   H  H42    . DC  A 1 3  ? 12.207  3.044   -1.092  1.00 0.00 ? 3  DC  A H42    1 
ATOM   91   H  H5     . DC  A 1 3  ? 12.693  5.319   -0.191  1.00 0.00 ? 3  DC  A H5     1 
ATOM   92   H  H6     . DC  A 1 3  ? 12.794  7.654   -0.754  1.00 0.00 ? 3  DC  A H6     1 
ATOM   93   P  P      . DT  A 1 4  ? 10.163  12.550  -3.491  1.00 0.00 ? 4  DT  A P      1 
ATOM   94   O  OP1    . DT  A 1 4  ? 10.178  13.755  -4.350  1.00 0.00 ? 4  DT  A OP1    1 
ATOM   95   O  OP2    . DT  A 1 4  ? 9.706   12.657  -2.087  1.00 0.00 ? 4  DT  A OP2    1 
ATOM   96   O  "O5'"  . DT  A 1 4  ? 9.273   11.420  -4.224  1.00 0.00 ? 4  DT  A "O5'"  1 
ATOM   97   C  "C5'"  . DT  A 1 4  ? 9.398   11.168  -5.611  1.00 0.00 ? 4  DT  A "C5'"  1 
ATOM   98   C  "C4'"  . DT  A 1 4  ? 8.571   9.941   -6.000  1.00 0.00 ? 4  DT  A "C4'"  1 
ATOM   99   O  "O4'"  . DT  A 1 4  ? 9.026   8.800   -5.299  1.00 0.00 ? 4  DT  A "O4'"  1 
ATOM   100  C  "C3'"  . DT  A 1 4  ? 7.066   10.080  -5.708  1.00 0.00 ? 4  DT  A "C3'"  1 
ATOM   101  O  "O3'"  . DT  A 1 4  ? 6.364   10.228  -6.933  1.00 0.00 ? 4  DT  A "O3'"  1 
ATOM   102  C  "C2'"  . DT  A 1 4  ? 6.740   8.781   -4.964  1.00 0.00 ? 4  DT  A "C2'"  1 
ATOM   103  C  "C1'"  . DT  A 1 4  ? 7.945   7.896   -5.271  1.00 0.00 ? 4  DT  A "C1'"  1 
ATOM   104  N  N1     . DT  A 1 4  ? 8.157   6.841   -4.241  1.00 0.00 ? 4  DT  A N1     1 
ATOM   105  C  C2     . DT  A 1 4  ? 8.036   5.501   -4.611  1.00 0.00 ? 4  DT  A C2     1 
ATOM   106  O  O2     . DT  A 1 4  ? 7.687   5.137   -5.733  1.00 0.00 ? 4  DT  A O2     1 
ATOM   107  N  N3     . DT  A 1 4  ? 8.333   4.566   -3.629  1.00 0.00 ? 4  DT  A N3     1 
ATOM   108  C  C4     . DT  A 1 4  ? 8.679   4.840   -2.312  1.00 0.00 ? 4  DT  A C4     1 
ATOM   109  O  O4     . DT  A 1 4  ? 8.913   3.919   -1.534  1.00 0.00 ? 4  DT  A O4     1 
ATOM   110  C  C5     . DT  A 1 4  ? 8.728   6.255   -1.993  1.00 0.00 ? 4  DT  A C5     1 
ATOM   111  C  C7     . DT  A 1 4  ? 9.057   6.700   -0.582  1.00 0.00 ? 4  DT  A C7     1 
ATOM   112  C  C6     . DT  A 1 4  ? 8.473   7.186   -2.947  1.00 0.00 ? 4  DT  A C6     1 
ATOM   113  H  "H5'"  . DT  A 1 4  ? 10.443  10.977  -5.859  1.00 0.00 ? 4  DT  A "H5'"  1 
ATOM   114  H  "H5''" . DT  A 1 4  ? 9.049   12.032  -6.178  1.00 0.00 ? 4  DT  A "H5''" 1 
ATOM   115  H  "H4'"  . DT  A 1 4  ? 8.713   9.749   -7.065  1.00 0.00 ? 4  DT  A "H4'"  1 
ATOM   116  H  "H3'"  . DT  A 1 4  ? 6.868   10.936  -5.061  1.00 0.00 ? 4  DT  A "H3'"  1 
ATOM   117  H  "H2'"  . DT  A 1 4  ? 6.681   9.001   -3.898  1.00 0.00 ? 4  DT  A "H2'"  1 
ATOM   118  H  "H2''" . DT  A 1 4  ? 5.819   8.302   -5.282  1.00 0.00 ? 4  DT  A "H2''" 1 
ATOM   119  H  "H1'"  . DT  A 1 4  ? 7.824   7.487   -6.274  1.00 0.00 ? 4  DT  A "H1'"  1 
ATOM   120  H  H3     . DT  A 1 4  ? 8.281   3.594   -3.898  1.00 0.00 ? 4  DT  A H3     1 
ATOM   121  H  H71    . DT  A 1 4  ? 8.131   6.832   -0.023  1.00 0.00 ? 4  DT  A H71    1 
ATOM   122  H  H72    . DT  A 1 4  ? 9.673   5.956   -0.080  1.00 0.00 ? 4  DT  A H72    1 
ATOM   123  H  H73    . DT  A 1 4  ? 9.601   7.646   -0.601  1.00 0.00 ? 4  DT  A H73    1 
ATOM   124  H  H6     . DT  A 1 4  ? 8.514   8.232   -2.682  1.00 0.00 ? 4  DT  A H6     1 
ATOM   125  P  P      . DA  A 1 5  ? 4.752   10.369  -7.014  1.00 0.00 ? 5  DA  A P      1 
ATOM   126  O  OP1    . DA  A 1 5  ? 4.416   11.104  -8.254  1.00 0.00 ? 5  DA  A OP1    1 
ATOM   127  O  OP2    . DA  A 1 5  ? 4.253   10.861  -5.711  1.00 0.00 ? 5  DA  A OP2    1 
ATOM   128  O  "O5'"  . DA  A 1 5  ? 4.272   8.838   -7.193  1.00 0.00 ? 5  DA  A "O5'"  1 
ATOM   129  C  "C5'"  . DA  A 1 5  ? 4.600   8.102   -8.356  1.00 0.00 ? 5  DA  A "C5'"  1 
ATOM   130  C  "C4'"  . DA  A 1 5  ? 4.310   6.614   -8.147  1.00 0.00 ? 5  DA  A "C4'"  1 
ATOM   131  O  "O4'"  . DA  A 1 5  ? 5.028   6.140   -7.018  1.00 0.00 ? 5  DA  A "O4'"  1 
ATOM   132  C  "C3'"  . DA  A 1 5  ? 2.822   6.282   -7.926  1.00 0.00 ? 5  DA  A "C3'"  1 
ATOM   133  O  "O3'"  . DA  A 1 5  ? 2.464   5.278   -8.866  1.00 0.00 ? 5  DA  A "O3'"  1 
ATOM   134  C  "C2'"  . DA  A 1 5  ? 2.818   5.783   -6.481  1.00 0.00 ? 5  DA  A "C2'"  1 
ATOM   135  C  "C1'"  . DA  A 1 5  ? 4.208   5.178   -6.395  1.00 0.00 ? 5  DA  A "C1'"  1 
ATOM   136  N  N9     . DA  A 1 5  ? 4.609   4.910   -5.000  1.00 0.00 ? 5  DA  A N9     1 
ATOM   137  C  C8     . DA  A 1 5  ? 4.724   5.784   -3.948  1.00 0.00 ? 5  DA  A C8     1 
ATOM   138  N  N7     . DA  A 1 5  ? 5.144   5.235   -2.842  1.00 0.00 ? 5  DA  A N7     1 
ATOM   139  C  C5     . DA  A 1 5  ? 5.306   3.896   -3.180  1.00 0.00 ? 5  DA  A C5     1 
ATOM   140  C  C6     . DA  A 1 5  ? 5.749   2.766   -2.459  1.00 0.00 ? 5  DA  A C6     1 
ATOM   141  N  N6     . DA  A 1 5  ? 6.123   2.816   -1.174  1.00 0.00 ? 5  DA  A N6     1 
ATOM   142  N  N1     . DA  A 1 5  ? 5.785   1.581   -3.099  1.00 0.00 ? 5  DA  A N1     1 
ATOM   143  C  C2     . DA  A 1 5  ? 5.386   1.508   -4.366  1.00 0.00 ? 5  DA  A C2     1 
ATOM   144  N  N3     . DA  A 1 5  ? 4.962   2.493   -5.152  1.00 0.00 ? 5  DA  A N3     1 
ATOM   145  C  C4     . DA  A 1 5  ? 4.954   3.684   -4.490  1.00 0.00 ? 5  DA  A C4     1 
ATOM   146  H  "H5'"  . DA  A 1 5  ? 5.664   8.209   -8.572  1.00 0.00 ? 5  DA  A "H5'"  1 
ATOM   147  H  "H5''" . DA  A 1 5  ? 4.027   8.473   -9.207  1.00 0.00 ? 5  DA  A "H5''" 1 
ATOM   148  H  "H4'"  . DA  A 1 5  ? 4.673   6.077   -9.026  1.00 0.00 ? 5  DA  A "H4'"  1 
ATOM   149  H  "H3'"  . DA  A 1 5  ? 2.180   7.156   -8.040  1.00 0.00 ? 5  DA  A "H3'"  1 
ATOM   150  H  "H2'"  . DA  A 1 5  ? 2.739   6.638   -5.809  1.00 0.00 ? 5  DA  A "H2'"  1 
ATOM   151  H  "H2''" . DA  A 1 5  ? 2.046   5.053   -6.241  1.00 0.00 ? 5  DA  A "H2''" 1 
ATOM   152  H  "H1'"  . DA  A 1 5  ? 4.239   4.260   -6.982  1.00 0.00 ? 5  DA  A "H1'"  1 
ATOM   153  H  H8     . DA  A 1 5  ? 4.489   6.834   -4.029  1.00 0.00 ? 5  DA  A H8     1 
ATOM   154  H  H61    . DA  A 1 5  ? 6.442   1.975   -0.713  1.00 0.00 ? 5  DA  A H61    1 
ATOM   155  H  H62    . DA  A 1 5  ? 6.113   3.696   -0.678  1.00 0.00 ? 5  DA  A H62    1 
ATOM   156  H  H2     . DA  A 1 5  ? 5.428   0.528   -4.818  1.00 0.00 ? 5  DA  A H2     1 
ATOM   157  P  P      . DG  A 1 6  ? 1.051   4.489   -8.849  1.00 0.00 ? 6  DG  A P      1 
ATOM   158  O  OP1    . DG  A 1 6  ? 0.683   4.182   -10.250 1.00 0.00 ? 6  DG  A OP1    1 
ATOM   159  O  OP2    . DG  A 1 6  ? 0.098   5.226   -7.987  1.00 0.00 ? 6  DG  A OP2    1 
ATOM   160  O  "O5'"  . DG  A 1 6  ? 1.434   3.098   -8.117  1.00 0.00 ? 6  DG  A "O5'"  1 
ATOM   161  C  "C5'"  . DG  A 1 6  ? 2.463   2.268   -8.628  1.00 0.00 ? 6  DG  A "C5'"  1 
ATOM   162  C  "C4'"  . DG  A 1 6  ? 2.455   0.878   -7.986  1.00 0.00 ? 6  DG  A "C4'"  1 
ATOM   163  O  "O4'"  . DG  A 1 6  ? 2.587   0.889   -6.575  1.00 0.00 ? 6  DG  A "O4'"  1 
ATOM   164  C  "C3'"  . DG  A 1 6  ? 1.165   0.109   -8.217  1.00 0.00 ? 6  DG  A "C3'"  1 
ATOM   165  O  "O3'"  . DG  A 1 6  ? 0.976   -0.271  -9.568  1.00 0.00 ? 6  DG  A "O3'"  1 
ATOM   166  C  "C2'"  . DG  A 1 6  ? 1.446   -1.061  -7.287  1.00 0.00 ? 6  DG  A "C2'"  1 
ATOM   167  C  "C1'"  . DG  A 1 6  ? 2.130   -0.372  -6.098  1.00 0.00 ? 6  DG  A "C1'"  1 
ATOM   168  N  N9     . DG  A 1 6  ? 1.194   -0.184  -4.961  1.00 0.00 ? 6  DG  A N9     1 
ATOM   169  C  C8     . DG  A 1 6  ? -0.182  -0.155  -4.966  1.00 0.00 ? 6  DG  A C8     1 
ATOM   170  N  N7     . DG  A 1 6  ? -0.667  0.060   -3.782  1.00 0.00 ? 6  DG  A N7     1 
ATOM   171  C  C5     . DG  A 1 6  ? 0.403   0.150   -2.909  1.00 0.00 ? 6  DG  A C5     1 
ATOM   172  C  C6     . DG  A 1 6  ? 0.475   0.382   -1.500  1.00 0.00 ? 6  DG  A C6     1 
ATOM   173  O  O6     . DG  A 1 6  ? -0.444  0.612   -0.723  1.00 0.00 ? 6  DG  A O6     1 
ATOM   174  N  N1     . DG  A 1 6  ? 1.785   0.325   -1.022  1.00 0.00 ? 6  DG  A N1     1 
ATOM   175  C  C2     . DG  A 1 6  ? 2.901   0.174   -1.826  1.00 0.00 ? 6  DG  A C2     1 
ATOM   176  N  N2     . DG  A 1 6  ? 4.086   0.198   -1.208  1.00 0.00 ? 6  DG  A N2     1 
ATOM   177  N  N3     . DG  A 1 6  ? 2.837   0.015   -3.158  1.00 0.00 ? 6  DG  A N3     1 
ATOM   178  C  C4     . DG  A 1 6  ? 1.563   -0.003  -3.639  1.00 0.00 ? 6  DG  A C4     1 
ATOM   179  H  "H5'"  . DG  A 1 6  ? 3.434   2.732   -8.457  1.00 0.00 ? 6  DG  A "H5'"  1 
ATOM   180  H  "H5''" . DG  A 1 6  ? 2.330   2.138   -9.702  1.00 0.00 ? 6  DG  A "H5''" 1 
ATOM   181  H  "H4'"  . DG  A 1 6  ? 3.280   0.304   -8.408  1.00 0.00 ? 6  DG  A "H4'"  1 
ATOM   182  H  "H3'"  . DG  A 1 6  ? 0.331   0.696   -7.844  1.00 0.00 ? 6  DG  A "H3'"  1 
ATOM   183  H  "H2'"  . DG  A 1 6  ? 0.554   -1.621  -7.024  1.00 0.00 ? 6  DG  A "H2'"  1 
ATOM   184  H  "H2''" . DG  A 1 6  ? 2.154   -1.726  -7.771  1.00 0.00 ? 6  DG  A "H2''" 1 
ATOM   185  H  "H1'"  . DG  A 1 6  ? 2.981   -0.974  -5.779  1.00 0.00 ? 6  DG  A "H1'"  1 
ATOM   186  H  H8     . DG  A 1 6  ? -0.792  -0.269  -5.850  1.00 0.00 ? 6  DG  A H8     1 
ATOM   187  H  H1     . DG  A 1 6  ? 1.926   0.405   -0.023  1.00 0.00 ? 6  DG  A H1     1 
ATOM   188  H  H21    . DG  A 1 6  ? 4.134   0.275   -0.201  1.00 0.00 ? 6  DG  A H21    1 
ATOM   189  H  H22    . DG  A 1 6  ? 4.934   0.149   -1.754  1.00 0.00 ? 6  DG  A H22    1 
ATOM   190  P  P      . DT  A 1 7  ? -0.435  -0.873  -10.081 1.00 0.00 ? 7  DT  A P      1 
ATOM   191  O  OP1    . DT  A 1 7  ? -0.342  -1.092  -11.542 1.00 0.00 ? 7  DT  A OP1    1 
ATOM   192  O  OP2    . DT  A 1 7  ? -1.524  -0.033  -9.534  1.00 0.00 ? 7  DT  A OP2    1 
ATOM   193  O  "O5'"  . DT  A 1 7  ? -0.500  -2.310  -9.351  1.00 0.00 ? 7  DT  A "O5'"  1 
ATOM   194  C  "C5'"  . DT  A 1 7  ? 0.028   -3.477  -9.950  1.00 0.00 ? 7  DT  A "C5'"  1 
ATOM   195  C  "C4'"  . DT  A 1 7  ? 0.141   -4.595  -8.911  1.00 0.00 ? 7  DT  A "C4'"  1 
ATOM   196  O  "O4'"  . DT  A 1 7  ? 1.146   -4.248  -7.977  1.00 0.00 ? 7  DT  A "O4'"  1 
ATOM   197  C  "C3'"  . DT  A 1 7  ? -1.155  -4.833  -8.116  1.00 0.00 ? 7  DT  A "C3'"  1 
ATOM   198  O  "O3'"  . DT  A 1 7  ? -1.442  -6.225  -8.102  1.00 0.00 ? 7  DT  A "O3'"  1 
ATOM   199  C  "C2'"  . DT  A 1 7  ? -0.765  -4.330  -6.727  1.00 0.00 ? 7  DT  A "C2'"  1 
ATOM   200  C  "C1'"  . DT  A 1 7  ? 0.726   -4.671  -6.696  1.00 0.00 ? 7  DT  A "C1'"  1 
ATOM   201  N  N1     . DT  A 1 7  ? 1.505   -4.050  -5.581  1.00 0.00 ? 7  DT  A N1     1 
ATOM   202  C  C2     . DT  A 1 7  ? 2.898   -3.972  -5.707  1.00 0.00 ? 7  DT  A C2     1 
ATOM   203  O  O2     . DT  A 1 7  ? 3.504   -4.272  -6.733  1.00 0.00 ? 7  DT  A O2     1 
ATOM   204  N  N3     . DT  A 1 7  ? 3.597   -3.528  -4.591  1.00 0.00 ? 7  DT  A N3     1 
ATOM   205  C  C4     . DT  A 1 7  ? 3.049   -3.228  -3.352  1.00 0.00 ? 7  DT  A C4     1 
ATOM   206  O  O4     . DT  A 1 7  ? 3.775   -2.885  -2.424  1.00 0.00 ? 7  DT  A O4     1 
ATOM   207  C  C5     . DT  A 1 7  ? 1.608   -3.360  -3.289  1.00 0.00 ? 7  DT  A C5     1 
ATOM   208  C  C7     . DT  A 1 7  ? 0.879   -3.120  -1.983  1.00 0.00 ? 7  DT  A C7     1 
ATOM   209  C  C6     . DT  A 1 7  ? 0.902   -3.750  -4.379  1.00 0.00 ? 7  DT  A C6     1 
ATOM   210  H  "H5'"  . DT  A 1 7  ? 1.022   -3.279  -10.357 1.00 0.00 ? 7  DT  A "H5'"  1 
ATOM   211  H  "H5''" . DT  A 1 7  ? -0.631  -3.797  -10.760 1.00 0.00 ? 7  DT  A "H5''" 1 
ATOM   212  H  "H4'"  . DT  A 1 7  ? 0.439   -5.515  -9.418  1.00 0.00 ? 7  DT  A "H4'"  1 
ATOM   213  H  "H3'"  . DT  A 1 7  ? -1.992  -4.269  -8.531  1.00 0.00 ? 7  DT  A "H3'"  1 
ATOM   214  H  "H2'"  . DT  A 1 7  ? -0.915  -3.253  -6.673  1.00 0.00 ? 7  DT  A "H2'"  1 
ATOM   215  H  "H2''" . DT  A 1 7  ? -1.326  -4.812  -5.936  1.00 0.00 ? 7  DT  A "H2''" 1 
ATOM   216  H  "H1'"  . DT  A 1 7  ? 0.837   -5.754  -6.631  1.00 0.00 ? 7  DT  A "H1'"  1 
ATOM   217  H  H3     . DT  A 1 7  ? 4.597   -3.419  -4.687  1.00 0.00 ? 7  DT  A H3     1 
ATOM   218  H  H71    . DT  A 1 7  ? 0.024   -2.473  -2.155  1.00 0.00 ? 7  DT  A H71    1 
ATOM   219  H  H72    . DT  A 1 7  ? 0.534   -4.072  -1.581  1.00 0.00 ? 7  DT  A H72    1 
ATOM   220  H  H73    . DT  A 1 7  ? 1.527   -2.639  -1.255  1.00 0.00 ? 7  DT  A H73    1 
ATOM   221  H  H6     . DT  A 1 7  ? -0.164  -3.834  -4.274  1.00 0.00 ? 7  DT  A H6     1 
ATOM   222  P  P      . DG  A 1 8  ? -2.865  -6.825  -7.610  1.00 0.00 ? 8  DG  A P      1 
ATOM   223  O  OP1    . DG  A 1 8  ? -2.882  -8.269  -7.934  1.00 0.00 ? 8  DG  A OP1    1 
ATOM   224  O  OP2    . DG  A 1 8  ? -3.941  -5.952  -8.131  1.00 0.00 ? 8  DG  A OP2    1 
ATOM   225  O  "O5'"  . DG  A 1 8  ? -2.845  -6.677  -6.001  1.00 0.00 ? 8  DG  A "O5'"  1 
ATOM   226  C  "C5'"  . DG  A 1 8  ? -1.974  -7.446  -5.192  1.00 0.00 ? 8  DG  A "C5'"  1 
ATOM   227  C  "C4'"  . DG  A 1 8  ? -2.156  -7.076  -3.716  1.00 0.00 ? 8  DG  A "C4'"  1 
ATOM   228  O  "O4'"  . DG  A 1 8  ? -1.717  -5.748  -3.449  1.00 0.00 ? 8  DG  A "O4'"  1 
ATOM   229  C  "C3'"  . DG  A 1 8  ? -3.630  -7.159  -3.269  1.00 0.00 ? 8  DG  A "C3'"  1 
ATOM   230  O  "O3'"  . DG  A 1 8  ? -3.767  -7.885  -2.061  1.00 0.00 ? 8  DG  A "O3'"  1 
ATOM   231  C  "C2'"  . DG  A 1 8  ? -3.935  -5.702  -2.946  1.00 0.00 ? 8  DG  A "C2'"  1 
ATOM   232  C  "C1'"  . DG  A 1 8  ? -2.573  -5.260  -2.439  1.00 0.00 ? 8  DG  A "C1'"  1 
ATOM   233  N  N9     . DG  A 1 8  ? -2.529  -3.801  -2.190  1.00 0.00 ? 8  DG  A N9     1 
ATOM   234  C  C8     . DG  A 1 8  ? -2.546  -2.755  -3.087  1.00 0.00 ? 8  DG  A C8     1 
ATOM   235  N  N7     . DG  A 1 8  ? -2.625  -1.608  -2.479  1.00 0.00 ? 8  DG  A N7     1 
ATOM   236  C  C5     . DG  A 1 8  ? -2.687  -1.859  -1.118  1.00 0.00 ? 8  DG  A C5     1 
ATOM   237  C  C6     . DG  A 1 8  ? -2.879  -1.002  0.009   1.00 0.00 ? 8  DG  A C6     1 
ATOM   238  O  O6     . DG  A 1 8  ? -3.100  0.204   0.023   1.00 0.00 ? 8  DG  A O6     1 
ATOM   239  N  N1     . DG  A 1 8  ? -2.793  -1.693  1.218   1.00 0.00 ? 8  DG  A N1     1 
ATOM   240  C  C2     . DG  A 1 8  ? -2.638  -3.063  1.324   1.00 0.00 ? 8  DG  A C2     1 
ATOM   241  N  N2     . DG  A 1 8  ? -2.518  -3.560  2.560   1.00 0.00 ? 8  DG  A N2     1 
ATOM   242  N  N3     . DG  A 1 8  ? -2.563  -3.881  0.259   1.00 0.00 ? 8  DG  A N3     1 
ATOM   243  C  C4     . DG  A 1 8  ? -2.586  -3.221  -0.933  1.00 0.00 ? 8  DG  A C4     1 
ATOM   244  H  "H5'"  . DG  A 1 8  ? -0.936  -7.275  -5.480  1.00 0.00 ? 8  DG  A "H5'"  1 
ATOM   245  H  "H5''" . DG  A 1 8  ? -2.206  -8.505  -5.315  1.00 0.00 ? 8  DG  A "H5''" 1 
ATOM   246  H  "H4'"  . DG  A 1 8  ? -1.544  -7.749  -3.114  1.00 0.00 ? 8  DG  A "H4'"  1 
ATOM   247  H  "H3'"  . DG  A 1 8  ? -4.308  -7.541  -4.035  1.00 0.00 ? 8  DG  A "H3'"  1 
ATOM   248  H  "H2'"  . DG  A 1 8  ? -4.192  -5.155  -3.853  1.00 0.00 ? 8  DG  A "H2'"  1 
ATOM   249  H  "H2''" . DG  A 1 8  ? -4.715  -5.591  -2.200  1.00 0.00 ? 8  DG  A "H2''" 1 
ATOM   250  H  "H1'"  . DG  A 1 8  ? -2.342  -5.789  -1.514  1.00 0.00 ? 8  DG  A "H1'"  1 
ATOM   251  H  H8     . DG  A 1 8  ? -2.509  -2.877  -4.159  1.00 0.00 ? 8  DG  A H8     1 
ATOM   252  H  H1     . DG  A 1 8  ? -2.851  -1.147  2.068   1.00 0.00 ? 8  DG  A H1     1 
ATOM   253  H  H21    . DG  A 1 8  ? -2.554  -2.945  3.361   1.00 0.00 ? 8  DG  A H21    1 
ATOM   254  H  H22    . DG  A 1 8  ? -2.401  -4.555  2.694   1.00 0.00 ? 8  DG  A H22    1 
ATOM   255  P  P      . DC  A 1 9  ? -3.857  -9.494  -2.011  1.00 0.00 ? 9  DC  A P      1 
ATOM   256  O  OP1    . DC  A 1 9  ? -2.699  -10.070 -2.729  1.00 0.00 ? 9  DC  A OP1    1 
ATOM   257  O  OP2    . DC  A 1 9  ? -5.232  -9.893  -2.382  1.00 0.00 ? 9  DC  A OP2    1 
ATOM   258  O  "O5'"  . DC  A 1 9  ? -3.662  -9.744  -0.428  1.00 0.00 ? 9  DC  A "O5'"  1 
ATOM   259  C  "C5'"  . DC  A 1 9  ? -2.420  -9.510  0.214   1.00 0.00 ? 9  DC  A "C5'"  1 
ATOM   260  C  "C4'"  . DC  A 1 9  ? -2.627  -8.685  1.488   1.00 0.00 ? 9  DC  A "C4'"  1 
ATOM   261  O  "O4'"  . DC  A 1 9  ? -3.148  -7.408  1.156   1.00 0.00 ? 9  DC  A "O4'"  1 
ATOM   262  C  "C3'"  . DC  A 1 9  ? -3.595  -9.334  2.492   1.00 0.00 ? 9  DC  A "C3'"  1 
ATOM   263  O  "O3'"  . DC  A 1 9  ? -2.941  -9.427  3.750   1.00 0.00 ? 9  DC  A "O3'"  1 
ATOM   264  C  "C2'"  . DC  A 1 9  ? -4.764  -8.349  2.504   1.00 0.00 ? 9  DC  A "C2'"  1 
ATOM   265  C  "C1'"  . DC  A 1 9  ? -4.060  -7.041  2.170   1.00 0.00 ? 9  DC  A "C1'"  1 
ATOM   266  N  N1     . DC  A 1 9  ? -5.005  -5.989  1.703   1.00 0.00 ? 9  DC  A N1     1 
ATOM   267  C  C2     . DC  A 1 9  ? -5.262  -4.894  2.530   1.00 0.00 ? 9  DC  A C2     1 
ATOM   268  O  O2     . DC  A 1 9  ? -4.862  -4.866  3.691   1.00 0.00 ? 9  DC  A O2     1 
ATOM   269  N  N3     . DC  A 1 9  ? -5.967  -3.844  2.020   1.00 0.00 ? 9  DC  A N3     1 
ATOM   270  C  C4     . DC  A 1 9  ? -6.453  -3.873  0.770   1.00 0.00 ? 9  DC  A C4     1 
ATOM   271  N  N4     . DC  A 1 9  ? -7.054  -2.778  0.284   1.00 0.00 ? 9  DC  A N4     1 
ATOM   272  C  C5     . DC  A 1 9  ? -6.306  -5.040  -0.053  1.00 0.00 ? 9  DC  A C5     1 
ATOM   273  C  C6     . DC  A 1 9  ? -5.571  -6.061  0.451   1.00 0.00 ? 9  DC  A C6     1 
ATOM   274  H  "H5'"  . DC  A 1 9  ? -1.735  -8.962  -0.434  1.00 0.00 ? 9  DC  A "H5'"  1 
ATOM   275  H  "H5''" . DC  A 1 9  ? -1.967  -10.469 0.468   1.00 0.00 ? 9  DC  A "H5''" 1 
ATOM   276  H  "H4'"  . DC  A 1 9  ? -1.653  -8.540  1.961   1.00 0.00 ? 9  DC  A "H4'"  1 
ATOM   277  H  "H3'"  . DC  A 1 9  ? -3.919  -10.323 2.165   1.00 0.00 ? 9  DC  A "H3'"  1 
ATOM   278  H  "H2'"  . DC  A 1 9  ? -5.460  -8.613  1.707   1.00 0.00 ? 9  DC  A "H2'"  1 
ATOM   279  H  "H2''" . DC  A 1 9  ? -5.286  -8.295  3.456   1.00 0.00 ? 9  DC  A "H2''" 1 
ATOM   280  H  "H1'"  . DC  A 1 9  ? -3.477  -6.725  3.037   1.00 0.00 ? 9  DC  A "H1'"  1 
ATOM   281  H  H41    . DC  A 1 9  ? -7.081  -1.936  0.843   1.00 0.00 ? 9  DC  A H41    1 
ATOM   282  H  H42    . DC  A 1 9  ? -7.416  -2.773  -0.658  1.00 0.00 ? 9  DC  A H42    1 
ATOM   283  H  H5     . DC  A 1 9  ? -6.728  -5.122  -1.045  1.00 0.00 ? 9  DC  A H5     1 
ATOM   284  H  H6     . DC  A 1 9  ? -5.426  -6.948  -0.147  1.00 0.00 ? 9  DC  A H6     1 
ATOM   285  P  P      . DT  A 1 10 ? -3.649  -10.038 5.071   1.00 0.00 ? 10 DT  A P      1 
ATOM   286  O  OP1    . DT  A 1 10 ? -2.628  -10.795 5.830   1.00 0.00 ? 10 DT  A OP1    1 
ATOM   287  O  OP2    . DT  A 1 10 ? -4.909  -10.704 4.674   1.00 0.00 ? 10 DT  A OP2    1 
ATOM   288  O  "O5'"  . DT  A 1 10 ? -4.026  -8.715  5.918   1.00 0.00 ? 10 DT  A "O5'"  1 
ATOM   289  C  "C5'"  . DT  A 1 10 ? -3.018  -7.866  6.440   1.00 0.00 ? 10 DT  A "C5'"  1 
ATOM   290  C  "C4'"  . DT  A 1 10 ? -3.643  -6.693  7.200   1.00 0.00 ? 10 DT  A "C4'"  1 
ATOM   291  O  "O4'"  . DT  A 1 10 ? -4.494  -5.973  6.328   1.00 0.00 ? 10 DT  A "O4'"  1 
ATOM   292  C  "C3'"  . DT  A 1 10 ? -4.475  -7.134  8.414   1.00 0.00 ? 10 DT  A "C3'"  1 
ATOM   293  O  "O3'"  . DT  A 1 10 ? -4.110  -6.323  9.522   1.00 0.00 ? 10 DT  A "O3'"  1 
ATOM   294  C  "C2'"  . DT  A 1 10 ? -5.907  -6.890  7.940   1.00 0.00 ? 10 DT  A "C2'"  1 
ATOM   295  C  "C1'"  . DT  A 1 10 ? -5.709  -5.706  6.997   1.00 0.00 ? 10 DT  A "C1'"  1 
ATOM   296  N  N1     . DT  A 1 10 ? -6.803  -5.543  5.997   1.00 0.00 ? 10 DT  A N1     1 
ATOM   297  C  C2     . DT  A 1 10 ? -7.444  -4.308  5.902   1.00 0.00 ? 10 DT  A C2     1 
ATOM   298  O  O2     . DT  A 1 10 ? -7.304  -3.408  6.725   1.00 0.00 ? 10 DT  A O2     1 
ATOM   299  N  N3     . DT  A 1 10 ? -8.276  -4.131  4.804   1.00 0.00 ? 10 DT  A N3     1 
ATOM   300  C  C4     . DT  A 1 10 ? -8.540  -5.065  3.814   1.00 0.00 ? 10 DT  A C4     1 
ATOM   301  O  O4     . DT  A 1 10 ? -9.248  -4.766  2.856   1.00 0.00 ? 10 DT  A O4     1 
ATOM   302  C  C5     . DT  A 1 10 ? -7.914  -6.355  4.037   1.00 0.00 ? 10 DT  A C5     1 
ATOM   303  C  C7     . DT  A 1 10 ? -8.194  -7.488  3.069   1.00 0.00 ? 10 DT  A C7     1 
ATOM   304  C  C6     . DT  A 1 10 ? -7.078  -6.544  5.091   1.00 0.00 ? 10 DT  A C6     1 
ATOM   305  H  "H5'"  . DT  A 1 10 ? -2.414  -7.470  5.622   1.00 0.00 ? 10 DT  A "H5'"  1 
ATOM   306  H  "H5''" . DT  A 1 10 ? -2.372  -8.423  7.118   1.00 0.00 ? 10 DT  A "H5''" 1 
ATOM   307  H  "H4'"  . DT  A 1 10 ? -2.837  -6.034  7.525   1.00 0.00 ? 10 DT  A "H4'"  1 
ATOM   308  H  "H3'"  . DT  A 1 10 ? -4.319  -8.185  8.654   1.00 0.00 ? 10 DT  A "H3'"  1 
ATOM   309  H  "H2'"  . DT  A 1 10 ? -6.251  -7.773  7.405   1.00 0.00 ? 10 DT  A "H2'"  1 
ATOM   310  H  "H2''" . DT  A 1 10 ? -6.597  -6.662  8.748   1.00 0.00 ? 10 DT  A "H2''" 1 
ATOM   311  H  "H1'"  . DT  A 1 10 ? -5.562  -4.817  7.610   1.00 0.00 ? 10 DT  A "H1'"  1 
ATOM   312  H  H3     . DT  A 1 10 ? -8.732  -3.233  4.720   1.00 0.00 ? 10 DT  A H3     1 
ATOM   313  H  H71    . DT  A 1 10 ? -7.724  -7.270  2.110   1.00 0.00 ? 10 DT  A H71    1 
ATOM   314  H  H72    . DT  A 1 10 ? -7.809  -8.434  3.450   1.00 0.00 ? 10 DT  A H72    1 
ATOM   315  H  H73    . DT  A 1 10 ? -9.270  -7.582  2.925   1.00 0.00 ? 10 DT  A H73    1 
ATOM   316  H  H6     . DT  A 1 10 ? -6.593  -7.501  5.207   1.00 0.00 ? 10 DT  A H6     1 
ATOM   317  P  P      . DC  A 1 11 ? -4.765  -6.495  10.993  1.00 0.00 ? 11 DC  A P      1 
ATOM   318  O  OP1    . DC  A 1 11 ? -3.743  -6.125  11.997  1.00 0.00 ? 11 DC  A OP1    1 
ATOM   319  O  OP2    . DC  A 1 11 ? -5.424  -7.819  11.068  1.00 0.00 ? 11 DC  A OP2    1 
ATOM   320  O  "O5'"  . DC  A 1 11 ? -5.914  -5.360  11.000  1.00 0.00 ? 11 DC  A "O5'"  1 
ATOM   321  C  "C5'"  . DC  A 1 11 ? -5.580  -3.986  11.039  1.00 0.00 ? 11 DC  A "C5'"  1 
ATOM   322  C  "C4'"  . DC  A 1 11 ? -6.833  -3.125  10.868  1.00 0.00 ? 11 DC  A "C4'"  1 
ATOM   323  O  "O4'"  . DC  A 1 11 ? -7.440  -3.420  9.625   1.00 0.00 ? 11 DC  A "O4'"  1 
ATOM   324  C  "C3'"  . DC  A 1 11 ? -7.896  -3.341  11.959  1.00 0.00 ? 11 DC  A "C3'"  1 
ATOM   325  O  "O3'"  . DC  A 1 11 ? -8.104  -2.118  12.650  1.00 0.00 ? 11 DC  A "O3'"  1 
ATOM   326  C  "C2'"  . DC  A 1 11 ? -9.124  -3.789  11.163  1.00 0.00 ? 11 DC  A "C2'"  1 
ATOM   327  C  "C1'"  . DC  A 1 11 ? -8.826  -3.217  9.781   1.00 0.00 ? 11 DC  A "C1'"  1 
ATOM   328  N  N1     . DC  A 1 11 ? -9.576  -3.889  8.684   1.00 0.00 ? 11 DC  A N1     1 
ATOM   329  C  C2     . DC  A 1 11 ? -10.348 -3.111  7.817   1.00 0.00 ? 11 DC  A C2     1 
ATOM   330  O  O2     . DC  A 1 11 ? -10.526 -1.911  8.016   1.00 0.00 ? 11 DC  A O2     1 
ATOM   331  N  N3     . DC  A 1 11 ? -10.911 -3.716  6.732   1.00 0.00 ? 11 DC  A N3     1 
ATOM   332  C  C4     . DC  A 1 11 ? -10.766 -5.029  6.501   1.00 0.00 ? 11 DC  A C4     1 
ATOM   333  N  N4     . DC  A 1 11 ? -11.311 -5.554  5.397   1.00 0.00 ? 11 DC  A N4     1 
ATOM   334  C  C5     . DC  A 1 11 ? -9.996  -5.854  7.392   1.00 0.00 ? 11 DC  A C5     1 
ATOM   335  C  C6     . DC  A 1 11 ? -9.420  -5.239  8.454   1.00 0.00 ? 11 DC  A C6     1 
ATOM   336  H  "H5'"  . DC  A 1 11 ? -4.890  -3.761  10.225  1.00 0.00 ? 11 DC  A "H5'"  1 
ATOM   337  H  "H5''" . DC  A 1 11 ? -5.102  -3.743  11.989  1.00 0.00 ? 11 DC  A "H5''" 1 
ATOM   338  H  "H4'"  . DC  A 1 11 ? -6.534  -2.076  10.854  1.00 0.00 ? 11 DC  A "H4'"  1 
ATOM   339  H  "H3'"  . DC  A 1 11 ? -7.597  -4.120  12.661  1.00 0.00 ? 11 DC  A "H3'"  1 
ATOM   340  H  "H2'"  . DC  A 1 11 ? -9.141  -4.878  11.144  1.00 0.00 ? 11 DC  A "H2'"  1 
ATOM   341  H  "H2''" . DC  A 1 11 ? -10.066 -3.418  11.558  1.00 0.00 ? 11 DC  A "H2''" 1 
ATOM   342  H  "H1'"  . DC  A 1 11 ? -9.002  -2.141  9.823   1.00 0.00 ? 11 DC  A "H1'"  1 
ATOM   343  H  H41    . DC  A 1 11 ? -11.807 -4.952  4.751   1.00 0.00 ? 11 DC  A H41    1 
ATOM   344  H  H42    . DC  A 1 11 ? -11.192 -6.534  5.185   1.00 0.00 ? 11 DC  A H42    1 
ATOM   345  H  H5     . DC  A 1 11 ? -9.841  -6.912  7.239   1.00 0.00 ? 11 DC  A H5     1 
ATOM   346  H  H6     . DC  A 1 11 ? -8.810  -5.828  9.120   1.00 0.00 ? 11 DC  A H6     1 
ATOM   347  P  P      . DA  A 1 12 ? -9.154  -1.974  13.875  1.00 0.00 ? 12 DA  A P      1 
ATOM   348  O  OP1    . DA  A 1 12 ? -8.612  -0.982  14.831  1.00 0.00 ? 12 DA  A OP1    1 
ATOM   349  O  OP2    . DA  A 1 12 ? -9.513  -3.329  14.351  1.00 0.00 ? 12 DA  A OP2    1 
ATOM   350  O  "O5'"  . DA  A 1 12 ? -10.455 -1.332  13.163  1.00 0.00 ? 12 DA  A "O5'"  1 
ATOM   351  C  "C5'"  . DA  A 1 12 ? -10.487 0.029   12.775  1.00 0.00 ? 12 DA  A "C5'"  1 
ATOM   352  C  "C4'"  . DA  A 1 12 ? -11.823 0.372   12.109  1.00 0.00 ? 12 DA  A "C4'"  1 
ATOM   353  O  "O4'"  . DA  A 1 12 ? -11.946 -0.335  10.884  1.00 0.00 ? 12 DA  A "O4'"  1 
ATOM   354  C  "C3'"  . DA  A 1 12 ? -13.040 0.013   12.981  1.00 0.00 ? 12 DA  A "C3'"  1 
ATOM   355  O  "O3'"  . DA  A 1 12 ? -13.916 1.130   13.019  1.00 0.00 ? 12 DA  A "O3'"  1 
ATOM   356  C  "C2'"  . DA  A 1 12 ? -13.621 -1.180  12.223  1.00 0.00 ? 12 DA  A "C2'"  1 
ATOM   357  C  "C1'"  . DA  A 1 12 ? -13.278 -0.791  10.792  1.00 0.00 ? 12 DA  A "C1'"  1 
ATOM   358  N  N9     . DA  A 1 12 ? -13.389 -1.929  9.857   1.00 0.00 ? 12 DA  A N9     1 
ATOM   359  C  C8     . DA  A 1 12 ? -12.933 -3.213  10.013  1.00 0.00 ? 12 DA  A C8     1 
ATOM   360  N  N7     . DA  A 1 12 ? -13.134 -3.983  8.981   1.00 0.00 ? 12 DA  A N7     1 
ATOM   361  C  C5     . DA  A 1 12 ? -13.780 -3.151  8.074   1.00 0.00 ? 12 DA  A C5     1 
ATOM   362  C  C6     . DA  A 1 12 ? -14.267 -3.355  6.767   1.00 0.00 ? 12 DA  A C6     1 
ATOM   363  N  N6     . DA  A 1 12 ? -14.127 -4.515  6.119   1.00 0.00 ? 12 DA  A N6     1 
ATOM   364  N  N1     . DA  A 1 12 ? -14.914 -2.339  6.159   1.00 0.00 ? 12 DA  A N1     1 
ATOM   365  C  C2     . DA  A 1 12 ? -15.049 -1.182  6.802   1.00 0.00 ? 12 DA  A C2     1 
ATOM   366  N  N3     . DA  A 1 12 ? -14.610 -0.857  8.016   1.00 0.00 ? 12 DA  A N3     1 
ATOM   367  C  C4     . DA  A 1 12 ? -13.970 -1.902  8.610   1.00 0.00 ? 12 DA  A C4     1 
ATOM   368  H  "H5'"  . DA  A 1 12 ? -9.676  0.235   12.075  1.00 0.00 ? 12 DA  A "H5'"  1 
ATOM   369  H  "H5''" . DA  A 1 12 ? -10.365 0.663   13.654  1.00 0.00 ? 12 DA  A "H5''" 1 
ATOM   370  H  "H4'"  . DA  A 1 12 ? -11.829 1.441   11.890  1.00 0.00 ? 12 DA  A "H4'"  1 
ATOM   371  H  "H3'"  . DA  A 1 12 ? -12.751 -0.265  13.995  1.00 0.00 ? 12 DA  A "H3'"  1 
ATOM   372  H  "H2'"  . DA  A 1 12 ? -13.075 -2.074  12.523  1.00 0.00 ? 12 DA  A "H2'"  1 
ATOM   373  H  "H2''" . DA  A 1 12 ? -14.687 -1.350  12.353  1.00 0.00 ? 12 DA  A "H2''" 1 
ATOM   374  H  "H1'"  . DA  A 1 12 ? -13.922 0.033   10.480  1.00 0.00 ? 12 DA  A "H1'"  1 
ATOM   375  H  H8     . DA  A 1 12 ? -12.449 -3.556  10.913  1.00 0.00 ? 12 DA  A H8     1 
ATOM   376  H  H61    . DA  A 1 12 ? -14.483 -4.623  5.180   1.00 0.00 ? 12 DA  A H61    1 
ATOM   377  H  H62    . DA  A 1 12 ? -13.653 -5.286  6.568   1.00 0.00 ? 12 DA  A H62    1 
ATOM   378  H  H2     . DA  A 1 12 ? -15.573 -0.404  6.267   1.00 0.00 ? 12 DA  A H2     1 
ATOM   379  P  P      . DC  A 1 13 ? -15.359 1.093   13.751  1.00 0.00 ? 13 DC  A P      1 
ATOM   380  O  OP1    . DC  A 1 13 ? -15.681 2.465   14.205  1.00 0.00 ? 13 DC  A OP1    1 
ATOM   381  O  OP2    . DC  A 1 13 ? -15.371 -0.024  14.722  1.00 0.00 ? 13 DC  A OP2    1 
ATOM   382  O  "O5'"  . DC  A 1 13 ? -16.352 0.717   12.535  1.00 0.00 ? 13 DC  A "O5'"  1 
ATOM   383  C  "C5'"  . DC  A 1 13 ? -16.591 1.629   11.479  1.00 0.00 ? 13 DC  A "C5'"  1 
ATOM   384  C  "C4'"  . DC  A 1 13 ? -17.457 0.982   10.397  1.00 0.00 ? 13 DC  A "C4'"  1 
ATOM   385  O  "O4'"  . DC  A 1 13 ? -16.831 -0.178  9.886   1.00 0.00 ? 13 DC  A "O4'"  1 
ATOM   386  C  "C3'"  . DC  A 1 13 ? -18.849 0.552   10.884  1.00 0.00 ? 13 DC  A "C3'"  1 
ATOM   387  O  "O3'"  . DC  A 1 13 ? -19.850 1.326   10.257  1.00 0.00 ? 13 DC  A "O3'"  1 
ATOM   388  C  "C2'"  . DC  A 1 13 ? -18.952 -0.904  10.433  1.00 0.00 ? 13 DC  A "C2'"  1 
ATOM   389  C  "C1'"  . DC  A 1 13 ? -17.862 -0.988  9.366   1.00 0.00 ? 13 DC  A "C1'"  1 
ATOM   390  N  N1     . DC  A 1 13 ? -17.401 -2.385  9.133   1.00 0.00 ? 13 DC  A N1     1 
ATOM   391  C  C2     . DC  A 1 13 ? -17.687 -3.002  7.909   1.00 0.00 ? 13 DC  A C2     1 
ATOM   392  O  O2     . DC  A 1 13 ? -18.317 -2.418  7.029   1.00 0.00 ? 13 DC  A O2     1 
ATOM   393  N  N3     . DC  A 1 13 ? -17.249 -4.277  7.707   1.00 0.00 ? 13 DC  A N3     1 
ATOM   394  C  C4     . DC  A 1 13 ? -16.563 -4.940  8.652   1.00 0.00 ? 13 DC  A C4     1 
ATOM   395  N  N4     . DC  A 1 13 ? -16.115 -6.172  8.376   1.00 0.00 ? 13 DC  A N4     1 
ATOM   396  C  C5     . DC  A 1 13 ? -16.274 -4.332  9.923   1.00 0.00 ? 13 DC  A C5     1 
ATOM   397  C  C6     . DC  A 1 13 ? -16.705 -3.062  10.109  1.00 0.00 ? 13 DC  A C6     1 
ATOM   398  H  "H5'"  . DC  A 1 13 ? -15.643 1.931   11.029  1.00 0.00 ? 13 DC  A "H5'"  1 
ATOM   399  H  "H5''" . DC  A 1 13 ? -17.100 2.515   11.861  1.00 0.00 ? 13 DC  A "H5''" 1 
ATOM   400  H  "H4'"  . DC  A 1 13 ? -17.574 1.691   9.577   1.00 0.00 ? 13 DC  A "H4'"  1 
ATOM   401  H  "H3'"  . DC  A 1 13 ? -18.948 0.628   11.966  1.00 0.00 ? 13 DC  A "H3'"  1 
ATOM   402  H  "H2'"  . DC  A 1 13 ? -18.713 -1.553  11.276  1.00 0.00 ? 13 DC  A "H2'"  1 
ATOM   403  H  "H2''" . DC  A 1 13 ? -19.936 -1.156  10.034  1.00 0.00 ? 13 DC  A "H2''" 1 
ATOM   404  H  "H1'"  . DC  A 1 13 ? -18.225 -0.507  8.457   1.00 0.00 ? 13 DC  A "H1'"  1 
ATOM   405  H  H41    . DC  A 1 13 ? -16.280 -6.567  7.460   1.00 0.00 ? 13 DC  A H41    1 
ATOM   406  H  H42    . DC  A 1 13 ? -15.577 -6.682  9.060   1.00 0.00 ? 13 DC  A H42    1 
ATOM   407  H  H5     . DC  A 1 13 ? -15.724 -4.829  10.709  1.00 0.00 ? 13 DC  A H5     1 
ATOM   408  H  H6     . DC  A 1 13 ? -16.491 -2.570  11.047  1.00 0.00 ? 13 DC  A H6     1 
ATOM   409  P  P      . DG  B 2 1  ? -17.438 -10.536 -1.828  1.00 0.00 ? 14 DG  B P      1 
ATOM   410  O  OP1    . DG  B 2 1  ? -17.617 -10.970 -3.232  1.00 0.00 ? 14 DG  B OP1    1 
ATOM   411  O  OP2    . DG  B 2 1  ? -16.086 -10.542 -1.225  1.00 0.00 ? 14 DG  B OP2    1 
ATOM   412  O  "O5'"  . DG  B 2 1  ? -18.046 -9.052  -1.674  1.00 0.00 ? 14 DG  B "O5'"  1 
ATOM   413  C  "C5'"  . DG  B 2 1  ? -19.393 -8.768  -1.999  1.00 0.00 ? 14 DG  B "C5'"  1 
ATOM   414  C  "C4'"  . DG  B 2 1  ? -19.719 -7.301  -1.701  1.00 0.00 ? 14 DG  B "C4'"  1 
ATOM   415  O  "O4'"  . DG  B 2 1  ? -19.529 -7.049  -0.317  1.00 0.00 ? 14 DG  B "O4'"  1 
ATOM   416  C  "C3'"  . DG  B 2 1  ? -18.829 -6.325  -2.481  1.00 0.00 ? 14 DG  B "C3'"  1 
ATOM   417  O  "O3'"  . DG  B 2 1  ? -19.632 -5.234  -2.905  1.00 0.00 ? 14 DG  B "O3'"  1 
ATOM   418  C  "C2'"  . DG  B 2 1  ? -17.789 -5.934  -1.434  1.00 0.00 ? 14 DG  B "C2'"  1 
ATOM   419  C  "C1'"  . DG  B 2 1  ? -18.618 -5.979  -0.153  1.00 0.00 ? 14 DG  B "C1'"  1 
ATOM   420  N  N9     . DG  B 2 1  ? -17.787 -6.226  1.049   1.00 0.00 ? 14 DG  B N9     1 
ATOM   421  C  C8     . DG  B 2 1  ? -16.930 -7.272  1.288   1.00 0.00 ? 14 DG  B C8     1 
ATOM   422  N  N7     . DG  B 2 1  ? -16.441 -7.301  2.495   1.00 0.00 ? 14 DG  B N7     1 
ATOM   423  C  C5     . DG  B 2 1  ? -17.010 -6.194  3.110   1.00 0.00 ? 14 DG  B C5     1 
ATOM   424  C  C6     . DG  B 2 1  ? -16.882 -5.735  4.455   1.00 0.00 ? 14 DG  B C6     1 
ATOM   425  O  O6     . DG  B 2 1  ? -16.252 -6.255  5.370   1.00 0.00 ? 14 DG  B O6     1 
ATOM   426  N  N1     . DG  B 2 1  ? -17.587 -4.552  4.682   1.00 0.00 ? 14 DG  B N1     1 
ATOM   427  C  C2     . DG  B 2 1  ? -18.373 -3.918  3.732   1.00 0.00 ? 14 DG  B C2     1 
ATOM   428  N  N2     . DG  B 2 1  ? -18.986 -2.789  4.111   1.00 0.00 ? 14 DG  B N2     1 
ATOM   429  N  N3     . DG  B 2 1  ? -18.532 -4.381  2.479   1.00 0.00 ? 14 DG  B N3     1 
ATOM   430  C  C4     . DG  B 2 1  ? -17.822 -5.516  2.229   1.00 0.00 ? 14 DG  B C4     1 
ATOM   431  H  "H5'"  . DG  B 2 1  ? -20.052 -9.405  -1.406  1.00 0.00 ? 14 DG  B "H5'"  1 
ATOM   432  H  "H5''" . DG  B 2 1  ? -19.567 -8.967  -3.057  1.00 0.00 ? 14 DG  B "H5''" 1 
ATOM   433  H  "H4'"  . DG  B 2 1  ? -20.767 -7.133  -1.954  1.00 0.00 ? 14 DG  B "H4'"  1 
ATOM   434  H  "H3'"  . DG  B 2 1  ? -18.362 -6.805  -3.342  1.00 0.00 ? 14 DG  B "H3'"  1 
ATOM   435  H  "H2'"  . DG  B 2 1  ? -17.009 -6.693  -1.417  1.00 0.00 ? 14 DG  B "H2'"  1 
ATOM   436  H  "H2''" . DG  B 2 1  ? -17.338 -4.958  -1.598  1.00 0.00 ? 14 DG  B "H2''" 1 
ATOM   437  H  "H1'"  . DG  B 2 1  ? -19.181 -5.049  -0.064  1.00 0.00 ? 14 DG  B "H1'"  1 
ATOM   438  H  H8     . DG  B 2 1  ? -16.691 -8.022  0.549   1.00 0.00 ? 14 DG  B H8     1 
ATOM   439  H  H1     . DG  B 2 1  ? -17.516 -4.147  5.607   1.00 0.00 ? 14 DG  B H1     1 
ATOM   440  H  H21    . DG  B 2 1  ? -18.859 -2.436  5.049   1.00 0.00 ? 14 DG  B H21    1 
ATOM   441  H  H22    . DG  B 2 1  ? -19.559 -2.283  3.452   1.00 0.00 ? 14 DG  B H22    1 
ATOM   442  P  P      . DT  B 2 2  ? -19.047 -3.997  -3.765  1.00 0.00 ? 15 DT  B P      1 
ATOM   443  O  OP1    . DT  B 2 2  ? -20.158 -3.414  -4.550  1.00 0.00 ? 15 DT  B OP1    1 
ATOM   444  O  OP2    . DT  B 2 2  ? -17.814 -4.441  -4.454  1.00 0.00 ? 15 DT  B OP2    1 
ATOM   445  O  "O5'"  . DT  B 2 2  ? -18.631 -2.944  -2.617  1.00 0.00 ? 15 DT  B "O5'"  1 
ATOM   446  C  "C5'"  . DT  B 2 2  ? -19.609 -2.247  -1.869  1.00 0.00 ? 15 DT  B "C5'"  1 
ATOM   447  C  "C4'"  . DT  B 2 2  ? -18.937 -1.429  -0.766  1.00 0.00 ? 15 DT  B "C4'"  1 
ATOM   448  O  "O4'"  . DT  B 2 2  ? -18.241 -2.278  0.123   1.00 0.00 ? 15 DT  B "O4'"  1 
ATOM   449  C  "C3'"  . DT  B 2 2  ? -17.920 -0.404  -1.293  1.00 0.00 ? 15 DT  B "C3'"  1 
ATOM   450  O  "O3'"  . DT  B 2 2  ? -18.471 0.900   -1.189  1.00 0.00 ? 15 DT  B "O3'"  1 
ATOM   451  C  "C2'"  . DT  B 2 2  ? -16.697 -0.637  -0.401  1.00 0.00 ? 15 DT  B "C2'"  1 
ATOM   452  C  "C1'"  . DT  B 2 2  ? -17.253 -1.485  0.741   1.00 0.00 ? 15 DT  B "C1'"  1 
ATOM   453  N  N1     . DT  B 2 2  ? -16.214 -2.340  1.376   1.00 0.00 ? 15 DT  B N1     1 
ATOM   454  C  C2     . DT  B 2 2  ? -15.874 -2.116  2.711   1.00 0.00 ? 15 DT  B C2     1 
ATOM   455  O  O2     . DT  B 2 2  ? -16.318 -1.182  3.374   1.00 0.00 ? 15 DT  B O2     1 
ATOM   456  N  N3     . DT  B 2 2  ? -14.986 -3.024  3.275   1.00 0.00 ? 15 DT  B N3     1 
ATOM   457  C  C4     . DT  B 2 2  ? -14.385 -4.095  2.628   1.00 0.00 ? 15 DT  B C4     1 
ATOM   458  O  O4     . DT  B 2 2  ? -13.630 -4.845  3.244   1.00 0.00 ? 15 DT  B O4     1 
ATOM   459  C  C5     . DT  B 2 2  ? -14.738 -4.216  1.226   1.00 0.00 ? 15 DT  B C5     1 
ATOM   460  C  C7     . DT  B 2 2  ? -14.092 -5.292  0.380   1.00 0.00 ? 15 DT  B C7     1 
ATOM   461  C  C6     . DT  B 2 2  ? -15.623 -3.357  0.661   1.00 0.00 ? 15 DT  B C6     1 
ATOM   462  H  "H5'"  . DT  B 2 2  ? -20.302 -2.954  -1.410  1.00 0.00 ? 15 DT  B "H5'"  1 
ATOM   463  H  "H5''" . DT  B 2 2  ? -20.166 -1.574  -2.523  1.00 0.00 ? 15 DT  B "H5''" 1 
ATOM   464  H  "H4'"  . DT  B 2 2  ? -19.707 -0.910  -0.191  1.00 0.00 ? 15 DT  B "H4'"  1 
ATOM   465  H  "H3'"  . DT  B 2 2  ? -17.652 -0.614  -2.328  1.00 0.00 ? 15 DT  B "H3'"  1 
ATOM   466  H  "H2'"  . DT  B 2 2  ? -15.955 -1.195  -0.972  1.00 0.00 ? 15 DT  B "H2'"  1 
ATOM   467  H  "H2''" . DT  B 2 2  ? -16.248 0.276   -0.027  1.00 0.00 ? 15 DT  B "H2''" 1 
ATOM   468  H  "H1'"  . DT  B 2 2  ? -17.752 -0.827  1.455   1.00 0.00 ? 15 DT  B "H1'"  1 
ATOM   469  H  H3     . DT  B 2 2  ? -14.752 -2.885  4.248   1.00 0.00 ? 15 DT  B H3     1 
ATOM   470  H  H71    . DT  B 2 2  ? -14.711 -5.527  -0.485  1.00 0.00 ? 15 DT  B H71    1 
ATOM   471  H  H72    . DT  B 2 2  ? -13.117 -4.944  0.039   1.00 0.00 ? 15 DT  B H72    1 
ATOM   472  H  H73    . DT  B 2 2  ? -13.961 -6.201  0.969   1.00 0.00 ? 15 DT  B H73    1 
ATOM   473  H  H6     . DT  B 2 2  ? -15.880 -3.478  -0.381  1.00 0.00 ? 15 DT  B H6     1 
ATOM   474  P  P      . DG  B 2 3  ? -17.722 2.214   -1.766  1.00 0.00 ? 16 DG  B P      1 
ATOM   475  O  OP1    . DG  B 2 3  ? -18.735 3.278   -1.946  1.00 0.00 ? 16 DG  B OP1    1 
ATOM   476  O  OP2    . DG  B 2 3  ? -16.874 1.811   -2.911  1.00 0.00 ? 16 DG  B OP2    1 
ATOM   477  O  "O5'"  . DG  B 2 3  ? -16.755 2.641   -0.550  1.00 0.00 ? 16 DG  B "O5'"  1 
ATOM   478  C  "C5'"  . DG  B 2 3  ? -17.276 3.176   0.651   1.00 0.00 ? 16 DG  B "C5'"  1 
ATOM   479  C  "C4'"  . DG  B 2 3  ? -16.176 3.265   1.709   1.00 0.00 ? 16 DG  B "C4'"  1 
ATOM   480  O  "O4'"  . DG  B 2 3  ? -15.709 1.973   2.052   1.00 0.00 ? 16 DG  B "O4'"  1 
ATOM   481  C  "C3'"  . DG  B 2 3  ? -14.955 4.090   1.263   1.00 0.00 ? 16 DG  B "C3'"  1 
ATOM   482  O  "O3'"  . DG  B 2 3  ? -14.866 5.238   2.093   1.00 0.00 ? 16 DG  B "O3'"  1 
ATOM   483  C  "C2'"  . DG  B 2 3  ? -13.798 3.102   1.449   1.00 0.00 ? 16 DG  B "C2'"  1 
ATOM   484  C  "C1'"  . DG  B 2 3  ? -14.372 2.129   2.468   1.00 0.00 ? 16 DG  B "C1'"  1 
ATOM   485  N  N9     . DG  B 2 3  ? -13.656 0.832   2.482   1.00 0.00 ? 16 DG  B N9     1 
ATOM   486  C  C8     . DG  B 2 3  ? -13.483 -0.071  1.461   1.00 0.00 ? 16 DG  B C8     1 
ATOM   487  N  N7     . DG  B 2 3  ? -12.843 -1.152  1.805   1.00 0.00 ? 16 DG  B N7     1 
ATOM   488  C  C5     . DG  B 2 3  ? -12.572 -0.962  3.154   1.00 0.00 ? 16 DG  B C5     1 
ATOM   489  C  C6     . DG  B 2 3  ? -11.920 -1.825  4.085   1.00 0.00 ? 16 DG  B C6     1 
ATOM   490  O  O6     . DG  B 2 3  ? -11.468 -2.949  3.887   1.00 0.00 ? 16 DG  B O6     1 
ATOM   491  N  N1     . DG  B 2 3  ? -11.819 -1.252  5.353   1.00 0.00 ? 16 DG  B N1     1 
ATOM   492  C  C2     . DG  B 2 3  ? -12.294 0.005   5.687   1.00 0.00 ? 16 DG  B C2     1 
ATOM   493  N  N2     . DG  B 2 3  ? -12.066 0.425   6.939   1.00 0.00 ? 16 DG  B N2     1 
ATOM   494  N  N3     . DG  B 2 3  ? -12.939 0.801   4.818   1.00 0.00 ? 16 DG  B N3     1 
ATOM   495  C  C4     . DG  B 2 3  ? -13.047 0.259   3.574   1.00 0.00 ? 16 DG  B C4     1 
ATOM   496  H  "H5'"  . DG  B 2 3  ? -18.074 2.537   1.033   1.00 0.00 ? 16 DG  B "H5'"  1 
ATOM   497  H  "H5''" . DG  B 2 3  ? -17.678 4.173   0.463   1.00 0.00 ? 16 DG  B "H5''" 1 
ATOM   498  H  "H4'"  . DG  B 2 3  ? -16.602 3.708   2.611   1.00 0.00 ? 16 DG  B "H4'"  1 
ATOM   499  H  "H3'"  . DG  B 2 3  ? -15.026 4.396   0.219   1.00 0.00 ? 16 DG  B "H3'"  1 
ATOM   500  H  "H2'"  . DG  B 2 3  ? -13.622 2.585   0.504   1.00 0.00 ? 16 DG  B "H2'"  1 
ATOM   501  H  "H2''" . DG  B 2 3  ? -12.873 3.554   1.799   1.00 0.00 ? 16 DG  B "H2''" 1 
ATOM   502  H  "H1'"  . DG  B 2 3  ? -14.356 2.597   3.453   1.00 0.00 ? 16 DG  B "H1'"  1 
ATOM   503  H  H8     . DG  B 2 3  ? -13.848 0.087   0.457   1.00 0.00 ? 16 DG  B H8     1 
ATOM   504  H  H1     . DG  B 2 3  ? -11.363 -1.803  6.067   1.00 0.00 ? 16 DG  B H1     1 
ATOM   505  H  H21    . DG  B 2 3  ? -11.574 -0.174  7.589   1.00 0.00 ? 16 DG  B H21    1 
ATOM   506  H  H22    . DG  B 2 3  ? -12.382 1.338   7.231   1.00 0.00 ? 16 DG  B H22    1 
ATOM   507  P  P      . DA  B 2 4  ? -13.657 6.309   1.994   1.00 0.00 ? 17 DA  B P      1 
ATOM   508  O  OP1    . DA  B 2 4  ? -14.182 7.636   2.390   1.00 0.00 ? 17 DA  B OP1    1 
ATOM   509  O  OP2    . DA  B 2 4  ? -12.980 6.146   0.688   1.00 0.00 ? 17 DA  B OP2    1 
ATOM   510  O  "O5'"  . DA  B 2 4  ? -12.658 5.796   3.153   1.00 0.00 ? 17 DA  B "O5'"  1 
ATOM   511  C  "C5'"  . DA  B 2 4  ? -13.047 5.820   4.514   1.00 0.00 ? 17 DA  B "C5'"  1 
ATOM   512  C  "C4'"  . DA  B 2 4  ? -11.971 5.177   5.389   1.00 0.00 ? 17 DA  B "C4'"  1 
ATOM   513  O  "O4'"  . DA  B 2 4  ? -11.770 3.830   4.990   1.00 0.00 ? 17 DA  B "O4'"  1 
ATOM   514  C  "C3'"  . DA  B 2 4  ? -10.616 5.898   5.316   1.00 0.00 ? 17 DA  B "C3'"  1 
ATOM   515  O  "O3'"  . DA  B 2 4  ? -10.210 6.215   6.640   1.00 0.00 ? 17 DA  B "O3'"  1 
ATOM   516  C  "C2'"  . DA  B 2 4  ? -9.729  4.860   4.634   1.00 0.00 ? 17 DA  B "C2'"  1 
ATOM   517  C  "C1'"  . DA  B 2 4  ? -10.388 3.560   5.079   1.00 0.00 ? 17 DA  B "C1'"  1 
ATOM   518  N  N9     . DA  B 2 4  ? -10.024 2.426   4.201   1.00 0.00 ? 17 DA  B N9     1 
ATOM   519  C  C8     . DA  B 2 4  ? -10.197 2.302   2.845   1.00 0.00 ? 17 DA  B C8     1 
ATOM   520  N  N7     . DA  B 2 4  ? -9.832  1.148   2.359   1.00 0.00 ? 17 DA  B N7     1 
ATOM   521  C  C5     . DA  B 2 4  ? -9.381  0.453   3.473   1.00 0.00 ? 17 DA  B C5     1 
ATOM   522  C  C6     . DA  B 2 4  ? -8.876  -0.853  3.651   1.00 0.00 ? 17 DA  B C6     1 
ATOM   523  N  N6     . DA  B 2 4  ? -8.754  -1.730  2.647   1.00 0.00 ? 17 DA  B N6     1 
ATOM   524  N  N1     . DA  B 2 4  ? -8.532  -1.237  4.898   1.00 0.00 ? 17 DA  B N1     1 
ATOM   525  C  C2     . DA  B 2 4  ? -8.682  -0.383  5.907   1.00 0.00 ? 17 DA  B C2     1 
ATOM   526  N  N3     . DA  B 2 4  ? -9.148  0.862   5.870   1.00 0.00 ? 17 DA  B N3     1 
ATOM   527  C  C4     . DA  B 2 4  ? -9.487  1.227   4.603   1.00 0.00 ? 17 DA  B C4     1 
ATOM   528  H  "H5'"  . DA  B 2 4  ? -13.976 5.263   4.644   1.00 0.00 ? 17 DA  B "H5'"  1 
ATOM   529  H  "H5''" . DA  B 2 4  ? -13.203 6.850   4.837   1.00 0.00 ? 17 DA  B "H5''" 1 
ATOM   530  H  "H4'"  . DA  B 2 4  ? -12.324 5.182   6.420   1.00 0.00 ? 17 DA  B "H4'"  1 
ATOM   531  H  "H3'"  . DA  B 2 4  ? -10.674 6.806   4.718   1.00 0.00 ? 17 DA  B "H3'"  1 
ATOM   532  H  "H2'"  . DA  B 2 4  ? -9.825  4.980   3.554   1.00 0.00 ? 17 DA  B "H2'"  1 
ATOM   533  H  "H2''" . DA  B 2 4  ? -8.680  4.913   4.915   1.00 0.00 ? 17 DA  B "H2''" 1 
ATOM   534  H  "H1'"  . DA  B 2 4  ? -10.127 3.359   6.119   1.00 0.00 ? 17 DA  B "H1'"  1 
ATOM   535  H  H8     . DA  B 2 4  ? -10.603 3.091   2.229   1.00 0.00 ? 17 DA  B H8     1 
ATOM   536  H  H61    . DA  B 2 4  ? -8.430  -2.671  2.827   1.00 0.00 ? 17 DA  B H61    1 
ATOM   537  H  H62    . DA  B 2 4  ? -9.020  -1.460  1.711   1.00 0.00 ? 17 DA  B H62    1 
ATOM   538  H  H2     . DA  B 2 4  ? -8.379  -0.744  6.878   1.00 0.00 ? 17 DA  B H2     1 
ATOM   539  P  P      . DG  B 2 5  ? -8.778  6.878   6.995   1.00 0.00 ? 18 DG  B P      1 
ATOM   540  O  OP1    . DG  B 2 5  ? -8.937  7.689   8.222   1.00 0.00 ? 18 DG  B OP1    1 
ATOM   541  O  OP2    . DG  B 2 5  ? -8.220  7.496   5.771   1.00 0.00 ? 18 DG  B OP2    1 
ATOM   542  O  "O5'"  . DG  B 2 5  ? -7.893  5.579   7.360   1.00 0.00 ? 18 DG  B "O5'"  1 
ATOM   543  C  "C5'"  . DG  B 2 5  ? -8.220  4.767   8.473   1.00 0.00 ? 18 DG  B "C5'"  1 
ATOM   544  C  "C4'"  . DG  B 2 5  ? -7.317  3.535   8.522   1.00 0.00 ? 18 DG  B "C4'"  1 
ATOM   545  O  "O4'"  . DG  B 2 5  ? -7.439  2.794   7.320   1.00 0.00 ? 18 DG  B "O4'"  1 
ATOM   546  C  "C3'"  . DG  B 2 5  ? -5.828  3.870   8.712   1.00 0.00 ? 18 DG  B "C3'"  1 
ATOM   547  O  "O3'"  . DG  B 2 5  ? -5.378  3.166   9.861   1.00 0.00 ? 18 DG  B "O3'"  1 
ATOM   548  C  "C2'"  . DG  B 2 5  ? -5.216  3.368   7.404   1.00 0.00 ? 18 DG  B "C2'"  1 
ATOM   549  C  "C1'"  . DG  B 2 5  ? -6.172  2.245   7.032   1.00 0.00 ? 18 DG  B "C1'"  1 
ATOM   550  N  N9     . DG  B 2 5  ? -6.068  1.870   5.604   1.00 0.00 ? 18 DG  B N9     1 
ATOM   551  C  C8     . DG  B 2 5  ? -6.322  2.639   4.495   1.00 0.00 ? 18 DG  B C8     1 
ATOM   552  N  N7     . DG  B 2 5  ? -6.204  2.002   3.363   1.00 0.00 ? 18 DG  B N7     1 
ATOM   553  C  C5     . DG  B 2 5  ? -5.839  0.716   3.741   1.00 0.00 ? 18 DG  B C5     1 
ATOM   554  C  C6     . DG  B 2 5  ? -5.590  -0.440  2.940   1.00 0.00 ? 18 DG  B C6     1 
ATOM   555  O  O6     . DG  B 2 5  ? -5.655  -0.541  1.717   1.00 0.00 ? 18 DG  B O6     1 
ATOM   556  N  N1     . DG  B 2 5  ? -5.238  -1.550  3.706   1.00 0.00 ? 18 DG  B N1     1 
ATOM   557  C  C2     . DG  B 2 5  ? -5.155  -1.553  5.088   1.00 0.00 ? 18 DG  B C2     1 
ATOM   558  N  N2     . DG  B 2 5  ? -4.751  -2.687  5.672   1.00 0.00 ? 18 DG  B N2     1 
ATOM   559  N  N3     . DG  B 2 5  ? -5.411  -0.470  5.842   1.00 0.00 ? 18 DG  B N3     1 
ATOM   560  C  C4     . DG  B 2 5  ? -5.743  0.628   5.111   1.00 0.00 ? 18 DG  B C4     1 
ATOM   561  H  "H5'"  . DG  B 2 5  ? -9.254  4.431   8.394   1.00 0.00 ? 18 DG  B "H5'"  1 
ATOM   562  H  "H5''" . DG  B 2 5  ? -8.102  5.336   9.397   1.00 0.00 ? 18 DG  B "H5''" 1 
ATOM   563  H  "H4'"  . DG  B 2 5  ? -7.656  2.900   9.343   1.00 0.00 ? 18 DG  B "H4'"  1 
ATOM   564  H  "H3'"  . DG  B 2 5  ? -5.658  4.940   8.838   1.00 0.00 ? 18 DG  B "H3'"  1 
ATOM   565  H  "H2'"  . DG  B 2 5  ? -5.273  4.162   6.657   1.00 0.00 ? 18 DG  B "H2'"  1 
ATOM   566  H  "H2''" . DG  B 2 5  ? -4.190  3.020   7.492   1.00 0.00 ? 18 DG  B "H2''" 1 
ATOM   567  H  "H1'"  . DG  B 2 5  ? -5.993  1.387   7.682   1.00 0.00 ? 18 DG  B "H1'"  1 
ATOM   568  H  H8     . DG  B 2 5  ? -6.602  3.680   4.555   1.00 0.00 ? 18 DG  B H8     1 
ATOM   569  H  H1     . DG  B 2 5  ? -5.038  -2.407  3.207   1.00 0.00 ? 18 DG  B H1     1 
ATOM   570  H  H21    . DG  B 2 5  ? -4.539  -3.500  5.110   1.00 0.00 ? 18 DG  B H21    1 
ATOM   571  H  H22    . DG  B 2 5  ? -4.667  -2.733  6.677   1.00 0.00 ? 18 DG  B H22    1 
ATOM   572  P  P      . DC  B 2 6  ? -3.833  3.118   10.338  1.00 0.00 ? 19 DC  B P      1 
ATOM   573  O  OP1    . DC  B 2 6  ? -3.808  3.101   11.817  1.00 0.00 ? 19 DC  B OP1    1 
ATOM   574  O  OP2    . DC  B 2 6  ? -3.070  4.151   9.602   1.00 0.00 ? 19 DC  B OP2    1 
ATOM   575  O  "O5'"  . DC  B 2 6  ? -3.368  1.665   9.808   1.00 0.00 ? 19 DC  B "O5'"  1 
ATOM   576  C  "C5'"  . DC  B 2 6  ? -3.986  0.484   10.289  1.00 0.00 ? 19 DC  B "C5'"  1 
ATOM   577  C  "C4'"  . DC  B 2 6  ? -3.387  -0.755  9.619   1.00 0.00 ? 19 DC  B "C4'"  1 
ATOM   578  O  "O4'"  . DC  B 2 6  ? -3.536  -0.652  8.215   1.00 0.00 ? 19 DC  B "O4'"  1 
ATOM   579  C  "C3'"  . DC  B 2 6  ? -1.895  -0.943  9.927   1.00 0.00 ? 19 DC  B "C3'"  1 
ATOM   580  O  "O3'"  . DC  B 2 6  ? -1.699  -2.282  10.354  1.00 0.00 ? 19 DC  B "O3'"  1 
ATOM   581  C  "C2'"  . DC  B 2 6  ? -1.233  -0.637  8.584   1.00 0.00 ? 19 DC  B "C2'"  1 
ATOM   582  C  "C1'"  . DC  B 2 6  ? -2.326  -1.042  7.598   1.00 0.00 ? 19 DC  B "C1'"  1 
ATOM   583  N  N1     . DC  B 2 6  ? -2.198  -0.355  6.282   1.00 0.00 ? 19 DC  B N1     1 
ATOM   584  C  C2     . DC  B 2 6  ? -2.054  -1.118  5.118   1.00 0.00 ? 19 DC  B C2     1 
ATOM   585  O  O2     . DC  B 2 6  ? -1.859  -2.329  5.171   1.00 0.00 ? 19 DC  B O2     1 
ATOM   586  N  N3     . DC  B 2 6  ? -2.138  -0.483  3.912   1.00 0.00 ? 19 DC  B N3     1 
ATOM   587  C  C4     . DC  B 2 6  ? -2.331  0.843   3.831   1.00 0.00 ? 19 DC  B C4     1 
ATOM   588  N  N4     . DC  B 2 6  ? -2.424  1.414   2.624   1.00 0.00 ? 19 DC  B N4     1 
ATOM   589  C  C5     . DC  B 2 6  ? -2.440  1.651   5.013   1.00 0.00 ? 19 DC  B C5     1 
ATOM   590  C  C6     . DC  B 2 6  ? -2.369  1.007   6.202   1.00 0.00 ? 19 DC  B C6     1 
ATOM   591  H  "H5'"  . DC  B 2 6  ? -5.054  0.512   10.067  1.00 0.00 ? 19 DC  B "H5'"  1 
ATOM   592  H  "H5''" . DC  B 2 6  ? -3.853  0.404   11.368  1.00 0.00 ? 19 DC  B "H5''" 1 
ATOM   593  H  "H4'"  . DC  B 2 6  ? -3.945  -1.625  9.964   1.00 0.00 ? 19 DC  B "H4'"  1 
ATOM   594  H  "H3'"  . DC  B 2 6  ? -1.556  -0.251  10.700  1.00 0.00 ? 19 DC  B "H3'"  1 
ATOM   595  H  "H2'"  . DC  B 2 6  ? -1.037  0.433   8.530   1.00 0.00 ? 19 DC  B "H2'"  1 
ATOM   596  H  "H2''" . DC  B 2 6  ? -0.309  -1.185  8.412   1.00 0.00 ? 19 DC  B "H2''" 1 
ATOM   597  H  "H1'"  . DC  B 2 6  ? -2.328  -2.130  7.520   1.00 0.00 ? 19 DC  B "H1'"  1 
ATOM   598  H  H41    . DC  B 2 6  ? -2.350  0.848   1.791   1.00 0.00 ? 19 DC  B H41    1 
ATOM   599  H  H42    . DC  B 2 6  ? -2.575  2.410   2.545   1.00 0.00 ? 19 DC  B H42    1 
ATOM   600  H  H5     . DC  B 2 6  ? -2.585  2.721   4.993   1.00 0.00 ? 19 DC  B H5     1 
ATOM   601  H  H6     . DC  B 2 6  ? -2.465  1.583   7.109   1.00 0.00 ? 19 DC  B H6     1 
ATOM   602  P  P      . DA  B 2 7  ? -0.257  -2.856  10.807  1.00 0.00 ? 20 DA  B P      1 
ATOM   603  O  OP1    . DA  B 2 7  ? -0.479  -3.930  11.801  1.00 0.00 ? 20 DA  B OP1    1 
ATOM   604  O  OP2    . DA  B 2 7  ? 0.623   -1.714  11.145  1.00 0.00 ? 20 DA  B OP2    1 
ATOM   605  O  "O5'"  . DA  B 2 7  ? 0.292   -3.528  9.449   1.00 0.00 ? 20 DA  B "O5'"  1 
ATOM   606  C  "C5'"  . DA  B 2 7  ? -0.282  -4.716  8.937   1.00 0.00 ? 20 DA  B "C5'"  1 
ATOM   607  C  "C4'"  . DA  B 2 7  ? 0.358   -5.070  7.593   1.00 0.00 ? 20 DA  B "C4'"  1 
ATOM   608  O  "O4'"  . DA  B 2 7  ? 0.074   -4.051  6.650   1.00 0.00 ? 20 DA  B "O4'"  1 
ATOM   609  C  "C3'"  . DA  B 2 7  ? 1.888   -5.215  7.677   1.00 0.00 ? 20 DA  B "C3'"  1 
ATOM   610  O  "O3'"  . DA  B 2 7  ? 2.256   -6.473  7.130   1.00 0.00 ? 20 DA  B "O3'"  1 
ATOM   611  C  "C2'"  . DA  B 2 7  ? 2.371   -4.026  6.845   1.00 0.00 ? 20 DA  B "C2'"  1 
ATOM   612  C  "C1'"  . DA  B 2 7  ? 1.223   -3.877  5.852   1.00 0.00 ? 20 DA  B "C1'"  1 
ATOM   613  N  N9     . DA  B 2 7  ? 1.205   -2.557  5.179   1.00 0.00 ? 20 DA  B N9     1 
ATOM   614  C  C8     . DA  B 2 7  ? 1.343   -1.303  5.725   1.00 0.00 ? 20 DA  B C8     1 
ATOM   615  N  N7     . DA  B 2 7  ? 1.216   -0.328  4.869   1.00 0.00 ? 20 DA  B N7     1 
ATOM   616  C  C5     . DA  B 2 7  ? 0.970   -0.975  3.665   1.00 0.00 ? 20 DA  B C5     1 
ATOM   617  C  C6     . DA  B 2 7  ? 0.715   -0.507  2.358   1.00 0.00 ? 20 DA  B C6     1 
ATOM   618  N  N6     . DA  B 2 7  ? 0.678   0.795   2.047   1.00 0.00 ? 20 DA  B N6     1 
ATOM   619  N  N1     . DA  B 2 7  ? 0.497   -1.416  1.386   1.00 0.00 ? 20 DA  B N1     1 
ATOM   620  C  C2     . DA  B 2 7  ? 0.523   -2.711  1.694   1.00 0.00 ? 20 DA  B C2     1 
ATOM   621  N  N3     . DA  B 2 7  ? 0.732   -3.275  2.882   1.00 0.00 ? 20 DA  B N3     1 
ATOM   622  C  C4     . DA  B 2 7  ? 0.957   -2.337  3.843   1.00 0.00 ? 20 DA  B C4     1 
ATOM   623  H  "H5'"  . DA  B 2 7  ? -1.354  -4.575  8.794   1.00 0.00 ? 20 DA  B "H5'"  1 
ATOM   624  H  "H5''" . DA  B 2 7  ? -0.121  -5.537  9.635   1.00 0.00 ? 20 DA  B "H5''" 1 
ATOM   625  H  "H4'"  . DA  B 2 7  ? -0.082  -6.003  7.235   1.00 0.00 ? 20 DA  B "H4'"  1 
ATOM   626  H  "H3'"  . DA  B 2 7  ? 2.249   -5.144  8.704   1.00 0.00 ? 20 DA  B "H3'"  1 
ATOM   627  H  "H2'"  . DA  B 2 7  ? 2.429   -3.154  7.495   1.00 0.00 ? 20 DA  B "H2'"  1 
ATOM   628  H  "H2''" . DA  B 2 7  ? 3.329   -4.175  6.350   1.00 0.00 ? 20 DA  B "H2''" 1 
ATOM   629  H  "H1'"  . DA  B 2 7  ? 1.275   -4.685  5.123   1.00 0.00 ? 20 DA  B "H1'"  1 
ATOM   630  H  H8     . DA  B 2 7  ? 1.536   -1.129  6.772   1.00 0.00 ? 20 DA  B H8     1 
ATOM   631  H  H61    . DA  B 2 7  ? 0.467   1.078   1.100   1.00 0.00 ? 20 DA  B H61    1 
ATOM   632  H  H62    . DA  B 2 7  ? 0.834   1.490   2.762   1.00 0.00 ? 20 DA  B H62    1 
ATOM   633  H  H2     . DA  B 2 7  ? 0.341   -3.395  0.880   1.00 0.00 ? 20 DA  B H2     1 
ATOM   634  P  P      . DC  B 2 8  ? 3.797   -6.945  6.967   1.00 0.00 ? 21 DC  B P      1 
ATOM   635  O  OP1    . DC  B 2 8  ? 3.833   -8.424  7.009   1.00 0.00 ? 21 DC  B OP1    1 
ATOM   636  O  OP2    . DC  B 2 8  ? 4.637   -6.162  7.898   1.00 0.00 ? 21 DC  B OP2    1 
ATOM   637  O  "O5'"  . DC  B 2 8  ? 4.131   -6.474  5.460   1.00 0.00 ? 21 DC  B "O5'"  1 
ATOM   638  C  "C5'"  . DC  B 2 8  ? 3.526   -7.106  4.349   1.00 0.00 ? 21 DC  B "C5'"  1 
ATOM   639  C  "C4'"  . DC  B 2 8  ? 3.755   -6.293  3.075   1.00 0.00 ? 21 DC  B "C4'"  1 
ATOM   640  O  "O4'"  . DC  B 2 8  ? 3.279   -4.974  3.215   1.00 0.00 ? 21 DC  B "O4'"  1 
ATOM   641  C  "C3'"  . DC  B 2 8  ? 5.217   -6.112  2.676   1.00 0.00 ? 21 DC  B "C3'"  1 
ATOM   642  O  "O3'"  . DC  B 2 8  ? 5.727   -7.301  2.097   1.00 0.00 ? 21 DC  B "O3'"  1 
ATOM   643  C  "C2'"  . DC  B 2 8  ? 5.107   -4.929  1.713   1.00 0.00 ? 21 DC  B "C2'"  1 
ATOM   644  C  "C1'"  . DC  B 2 8  ? 3.791   -4.252  2.112   1.00 0.00 ? 21 DC  B "C1'"  1 
ATOM   645  N  N1     . DC  B 2 8  ? 3.980   -2.809  2.427   1.00 0.00 ? 21 DC  B N1     1 
ATOM   646  C  C2     . DC  B 2 8  ? 3.789   -1.882  1.400   1.00 0.00 ? 21 DC  B C2     1 
ATOM   647  O  O2     . DC  B 2 8  ? 3.550   -2.257  0.258   1.00 0.00 ? 21 DC  B O2     1 
ATOM   648  N  N3     . DC  B 2 8  ? 3.874   -0.553  1.692   1.00 0.00 ? 21 DC  B N3     1 
ATOM   649  C  C4     . DC  B 2 8  ? 4.172   -0.134  2.933   1.00 0.00 ? 21 DC  B C4     1 
ATOM   650  N  N4     . DC  B 2 8  ? 4.216   1.183   3.173   1.00 0.00 ? 21 DC  B N4     1 
ATOM   651  C  C5     . DC  B 2 8  ? 4.438   -1.072  3.991   1.00 0.00 ? 21 DC  B C5     1 
ATOM   652  C  C6     . DC  B 2 8  ? 4.328   -2.389  3.689   1.00 0.00 ? 21 DC  B C6     1 
ATOM   653  H  "H5'"  . DC  B 2 8  ? 2.449   -7.183  4.509   1.00 0.00 ? 21 DC  B "H5'"  1 
ATOM   654  H  "H5''" . DC  B 2 8  ? 3.938   -8.108  4.224   1.00 0.00 ? 21 DC  B "H5''" 1 
ATOM   655  H  "H4'"  . DC  B 2 8  ? 3.220   -6.771  2.252   1.00 0.00 ? 21 DC  B "H4'"  1 
ATOM   656  H  "H3'"  . DC  B 2 8  ? 5.812   -5.810  3.538   1.00 0.00 ? 21 DC  B "H3'"  1 
ATOM   657  H  "H2'"  . DC  B 2 8  ? 5.965   -4.267  1.828   1.00 0.00 ? 21 DC  B "H2'"  1 
ATOM   658  H  "H2''" . DC  B 2 8  ? 5.023   -5.264  0.679   1.00 0.00 ? 21 DC  B "H2''" 1 
ATOM   659  H  "H1'"  . DC  B 2 8  ? 3.073   -4.392  1.303   1.00 0.00 ? 21 DC  B "H1'"  1 
ATOM   660  H  H41    . DC  B 2 8  ? 4.025   1.836   2.428   1.00 0.00 ? 21 DC  B H41    1 
ATOM   661  H  H42    . DC  B 2 8  ? 4.435   1.522   4.099   1.00 0.00 ? 21 DC  B H42    1 
ATOM   662  H  H5     . DC  B 2 8  ? 4.704   -0.777  4.995   1.00 0.00 ? 21 DC  B H5     1 
ATOM   663  H  H6     . DC  B 2 8  ? 4.518   -3.118  4.463   1.00 0.00 ? 21 DC  B H6     1 
ATOM   664  P  P      . DT  B 2 9  ? 7.201   -7.386  1.434   1.00 0.00 ? 22 DT  B P      1 
ATOM   665  O  OP1    . DT  B 2 9  ? 7.602   -8.809  1.392   1.00 0.00 ? 22 DT  B OP1    1 
ATOM   666  O  OP2    . DT  B 2 9  ? 8.076   -6.395  2.100   1.00 0.00 ? 22 DT  B OP2    1 
ATOM   667  O  "O5'"  . DT  B 2 9  ? 6.944   -6.893  -0.081  1.00 0.00 ? 22 DT  B "O5'"  1 
ATOM   668  C  "C5'"  . DT  B 2 9  ? 6.027   -7.561  -0.927  1.00 0.00 ? 22 DT  B "C5'"  1 
ATOM   669  C  "C4'"  . DT  B 2 9  ? 5.945   -6.853  -2.281  1.00 0.00 ? 22 DT  B "C4'"  1 
ATOM   670  O  "O4'"  . DT  B 2 9  ? 5.618   -5.486  -2.082  1.00 0.00 ? 22 DT  B "O4'"  1 
ATOM   671  C  "C3'"  . DT  B 2 9  ? 7.267   -6.917  -3.061  1.00 0.00 ? 22 DT  B "C3'"  1 
ATOM   672  O  "O3'"  . DT  B 2 9  ? 6.970   -7.274  -4.401  1.00 0.00 ? 22 DT  B "O3'"  1 
ATOM   673  C  "C2'"  . DT  B 2 9  ? 7.797   -5.494  -2.922  1.00 0.00 ? 22 DT  B "C2'"  1 
ATOM   674  C  "C1'"  . DT  B 2 9  ? 6.500   -4.695  -2.854  1.00 0.00 ? 22 DT  B "C1'"  1 
ATOM   675  N  N1     . DT  B 2 9  ? 6.726   -3.363  -2.227  1.00 0.00 ? 22 DT  B N1     1 
ATOM   676  C  C2     . DT  B 2 9  ? 6.613   -2.218  -3.017  1.00 0.00 ? 22 DT  B C2     1 
ATOM   677  O  O2     . DT  B 2 9  ? 6.261   -2.241  -4.195  1.00 0.00 ? 22 DT  B O2     1 
ATOM   678  N  N3     . DT  B 2 9  ? 6.921   -1.015  -2.396  1.00 0.00 ? 22 DT  B N3     1 
ATOM   679  C  C4     . DT  B 2 9  ? 7.292   -0.848  -1.067  1.00 0.00 ? 22 DT  B C4     1 
ATOM   680  O  O4     . DT  B 2 9  ? 7.543   0.272   -0.632  1.00 0.00 ? 22 DT  B O4     1 
ATOM   681  C  C5     . DT  B 2 9  ? 7.343   -2.082  -0.304  1.00 0.00 ? 22 DT  B C5     1 
ATOM   682  C  C7     . DT  B 2 9  ? 7.716   -2.033  1.165   1.00 0.00 ? 22 DT  B C7     1 
ATOM   683  C  C6     . DT  B 2 9  ? 7.065   -3.271  -0.896  1.00 0.00 ? 22 DT  B C6     1 
ATOM   684  H  "H5'"  . DT  B 2 9  ? 5.035   -7.552  -0.474  1.00 0.00 ? 22 DT  B "H5'"  1 
ATOM   685  H  "H5''" . DT  B 2 9  ? 6.337   -8.595  -1.077  1.00 0.00 ? 22 DT  B "H5''" 1 
ATOM   686  H  "H4'"  . DT  B 2 9  ? 5.151   -7.324  -2.863  1.00 0.00 ? 22 DT  B "H4'"  1 
ATOM   687  H  "H3'"  . DT  B 2 9  ? 7.964   -7.637  -2.630  1.00 0.00 ? 22 DT  B "H3'"  1 
ATOM   688  H  "H2'"  . DT  B 2 9  ? 8.349   -5.415  -1.985  1.00 0.00 ? 22 DT  B "H2'"  1 
ATOM   689  H  "H2''" . DT  B 2 9  ? 8.428   -5.167  -3.746  1.00 0.00 ? 22 DT  B "H2''" 1 
ATOM   690  H  "H1'"  . DT  B 2 9  ? 6.094   -4.632  -3.863  1.00 0.00 ? 22 DT  B "H1'"  1 
ATOM   691  H  H3     . DT  B 2 9  ? 6.862   -0.178  -2.960  1.00 0.00 ? 22 DT  B H3     1 
ATOM   692  H  H71    . DT  B 2 9  ? 8.086   -3.002  1.502   1.00 0.00 ? 22 DT  B H71    1 
ATOM   693  H  H72    . DT  B 2 9  ? 8.497   -1.291  1.327   1.00 0.00 ? 22 DT  B H72    1 
ATOM   694  H  H73    . DT  B 2 9  ? 6.839   -1.761  1.751   1.00 0.00 ? 22 DT  B H73    1 
ATOM   695  H  H6     . DT  B 2 9  ? 7.126   -4.176  -0.309  1.00 0.00 ? 22 DT  B H6     1 
ATOM   696  P  P      . DA  B 2 10 ? 8.102   -7.427  -5.546  1.00 0.00 ? 23 DA  B P      1 
ATOM   697  O  OP1    . DA  B 2 10 ? 7.744   -8.581  -6.400  1.00 0.00 ? 23 DA  B OP1    1 
ATOM   698  O  OP2    . DA  B 2 10 ? 9.439   -7.370  -4.912  1.00 0.00 ? 23 DA  B OP2    1 
ATOM   699  O  "O5'"  . DA  B 2 10 ? 7.893   -6.078  -6.405  1.00 0.00 ? 23 DA  B "O5'"  1 
ATOM   700  C  "C5'"  . DA  B 2 10 ? 6.701   -5.857  -7.137  1.00 0.00 ? 23 DA  B "C5'"  1 
ATOM   701  C  "C4'"  . DA  B 2 10 ? 6.767   -4.518  -7.873  1.00 0.00 ? 23 DA  B "C4'"  1 
ATOM   702  O  "O4'"  . DA  B 2 10 ? 6.900   -3.468  -6.931  1.00 0.00 ? 23 DA  B "O4'"  1 
ATOM   703  C  "C3'"  . DA  B 2 10 ? 7.957   -4.437  -8.844  1.00 0.00 ? 23 DA  B "C3'"  1 
ATOM   704  O  "O3'"  . DA  B 2 10 ? 7.477   -3.989  -10.102 1.00 0.00 ? 23 DA  B "O3'"  1 
ATOM   705  C  "C2'"  . DA  B 2 10 ? 8.873   -3.427  -8.154  1.00 0.00 ? 23 DA  B "C2'"  1 
ATOM   706  C  "C1'"  . DA  B 2 10 ? 7.860   -2.556  -7.422  1.00 0.00 ? 23 DA  B "C1'"  1 
ATOM   707  N  N9     . DA  B 2 10 ? 8.474   -1.813  -6.300  1.00 0.00 ? 23 DA  B N9     1 
ATOM   708  C  C8     . DA  B 2 10 ? 9.180   -2.307  -5.230  1.00 0.00 ? 23 DA  B C8     1 
ATOM   709  N  N7     . DA  B 2 10 ? 9.511   -1.408  -4.346  1.00 0.00 ? 23 DA  B N7     1 
ATOM   710  C  C5     . DA  B 2 10 ? 8.991   -0.228  -4.865  1.00 0.00 ? 23 DA  B C5     1 
ATOM   711  C  C6     . DA  B 2 10 ? 8.976   1.103   -4.395  1.00 0.00 ? 23 DA  B C6     1 
ATOM   712  N  N6     . DA  B 2 10 ? 9.501   1.466   -3.217  1.00 0.00 ? 23 DA  B N6     1 
ATOM   713  N  N1     . DA  B 2 10 ? 8.396   2.043   -5.169  1.00 0.00 ? 23 DA  B N1     1 
ATOM   714  C  C2     . DA  B 2 10 ? 7.845   1.683   -6.328  1.00 0.00 ? 23 DA  B C2     1 
ATOM   715  N  N3     . DA  B 2 10 ? 7.765   0.467   -6.861  1.00 0.00 ? 23 DA  B N3     1 
ATOM   716  C  C4     . DA  B 2 10 ? 8.370   -0.461  -6.068  1.00 0.00 ? 23 DA  B C4     1 
ATOM   717  H  "H5'"  . DA  B 2 10 ? 5.847   -5.846  -6.458  1.00 0.00 ? 23 DA  B "H5'"  1 
ATOM   718  H  "H5''" . DA  B 2 10 ? 6.560   -6.653  -7.869  1.00 0.00 ? 23 DA  B "H5''" 1 
ATOM   719  H  "H4'"  . DA  B 2 10 ? 5.834   -4.379  -8.421  1.00 0.00 ? 23 DA  B "H4'"  1 
ATOM   720  H  "H3'"  . DA  B 2 10 ? 8.454   -5.401  -8.961  1.00 0.00 ? 23 DA  B "H3'"  1 
ATOM   721  H  "H2'"  . DA  B 2 10 ? 9.504   -3.958  -7.441  1.00 0.00 ? 23 DA  B "H2'"  1 
ATOM   722  H  "H2''" . DA  B 2 10 ? 9.495   -2.842  -8.830  1.00 0.00 ? 23 DA  B "H2''" 1 
ATOM   723  H  "H1'"  . DA  B 2 10 ? 7.384   -1.883  -8.136  1.00 0.00 ? 23 DA  B "H1'"  1 
ATOM   724  H  H8     . DA  B 2 10 ? 9.423   -3.353  -5.117  1.00 0.00 ? 23 DA  B H8     1 
ATOM   725  H  H61    . DA  B 2 10 ? 9.450   2.428   -2.912  1.00 0.00 ? 23 DA  B H61    1 
ATOM   726  H  H62    . DA  B 2 10 ? 9.930   0.771   -2.623  1.00 0.00 ? 23 DA  B H62    1 
ATOM   727  H  H2     . DA  B 2 10 ? 7.395   2.479   -6.903  1.00 0.00 ? 23 DA  B H2     1 
ATOM   728  P  P      . DG  B 2 11 ? 8.448   -3.717  -11.367 1.00 0.00 ? 24 DG  B P      1 
ATOM   729  O  OP1    . DG  B 2 11 ? 7.705   -4.058  -12.601 1.00 0.00 ? 24 DG  B OP1    1 
ATOM   730  O  OP2    . DG  B 2 11 ? 9.763   -4.346  -11.106 1.00 0.00 ? 24 DG  B OP2    1 
ATOM   731  O  "O5'"  . DG  B 2 11 ? 8.631   -2.115  -11.310 1.00 0.00 ? 24 DG  B "O5'"  1 
ATOM   732  C  "C5'"  . DG  B 2 11 ? 7.542   -1.250  -11.570 1.00 0.00 ? 24 DG  B "C5'"  1 
ATOM   733  C  "C4'"  . DG  B 2 11 ? 7.969   0.212   -11.429 1.00 0.00 ? 24 DG  B "C4'"  1 
ATOM   734  O  "O4'"  . DG  B 2 11 ? 8.374   0.478   -10.096 1.00 0.00 ? 24 DG  B "O4'"  1 
ATOM   735  C  "C3'"  . DG  B 2 11 ? 9.134   0.593   -12.355 1.00 0.00 ? 24 DG  B "C3'"  1 
ATOM   736  O  "O3'"  . DG  B 2 11 ? 8.750   1.726   -13.118 1.00 0.00 ? 24 DG  B "O3'"  1 
ATOM   737  C  "C2'"  . DG  B 2 11 ? 10.257  0.889   -11.361 1.00 0.00 ? 24 DG  B "C2'"  1 
ATOM   738  C  "C1'"  . DG  B 2 11 ? 9.458   1.378   -10.162 1.00 0.00 ? 24 DG  B "C1'"  1 
ATOM   739  N  N9     . DG  B 2 11 ? 10.243  1.349   -8.908  1.00 0.00 ? 24 DG  B N9     1 
ATOM   740  C  C8     . DG  B 2 11 ? 10.850  0.279   -8.299  1.00 0.00 ? 24 DG  B C8     1 
ATOM   741  N  N7     . DG  B 2 11 ? 11.396  0.559   -7.149  1.00 0.00 ? 24 DG  B N7     1 
ATOM   742  C  C5     . DG  B 2 11 ? 11.140  1.914   -6.979  1.00 0.00 ? 24 DG  B C5     1 
ATOM   743  C  C6     . DG  B 2 11 ? 11.460  2.778   -5.889  1.00 0.00 ? 24 DG  B C6     1 
ATOM   744  O  O6     . DG  B 2 11 ? 12.039  2.493   -4.844  1.00 0.00 ? 24 DG  B O6     1 
ATOM   745  N  N1     . DG  B 2 11 ? 11.034  4.088   -6.109  1.00 0.00 ? 24 DG  B N1     1 
ATOM   746  C  C2     . DG  B 2 11 ? 10.365  4.516   -7.245  1.00 0.00 ? 24 DG  B C2     1 
ATOM   747  N  N2     . DG  B 2 11 ? 10.076  5.821   -7.324  1.00 0.00 ? 24 DG  B N2     1 
ATOM   748  N  N3     . DG  B 2 11 ? 10.034  3.694   -8.254  1.00 0.00 ? 24 DG  B N3     1 
ATOM   749  C  C4     . DG  B 2 11 ? 10.449  2.411   -8.061  1.00 0.00 ? 24 DG  B C4     1 
ATOM   750  H  "H5'"  . DG  B 2 11 ? 6.732   -1.449  -10.867 1.00 0.00 ? 24 DG  B "H5'"  1 
ATOM   751  H  "H5''" . DG  B 2 11 ? 7.176   -1.410  -12.585 1.00 0.00 ? 24 DG  B "H5''" 1 
ATOM   752  H  "H4'"  . DG  B 2 11 ? 7.109   0.841   -11.659 1.00 0.00 ? 24 DG  B "H4'"  1 
ATOM   753  H  "H3'"  . DG  B 2 11 ? 9.409   -0.225  -13.019 1.00 0.00 ? 24 DG  B "H3'"  1 
ATOM   754  H  "H2'"  . DG  B 2 11 ? 10.769  -0.042  -11.114 1.00 0.00 ? 24 DG  B "H2'"  1 
ATOM   755  H  "H2''" . DG  B 2 11 ? 10.973  1.626   -11.712 1.00 0.00 ? 24 DG  B "H2''" 1 
ATOM   756  H  "H1'"  . DG  B 2 11 ? 9.081   2.381   -10.369 1.00 0.00 ? 24 DG  B "H1'"  1 
ATOM   757  H  H8     . DG  B 2 11 ? 10.862  -0.711  -8.727  1.00 0.00 ? 24 DG  B H8     1 
ATOM   758  H  H1     . DG  B 2 11 ? 11.236  4.763   -5.386  1.00 0.00 ? 24 DG  B H1     1 
ATOM   759  H  H21    . DG  B 2 11 ? 10.333  6.441   -6.568  1.00 0.00 ? 24 DG  B H21    1 
ATOM   760  H  H22    . DG  B 2 11 ? 9.599   6.183   -8.137  1.00 0.00 ? 24 DG  B H22    1 
ATOM   761  P  P      . DA  B 2 12 ? 9.738   2.462   -14.167 1.00 0.00 ? 25 DA  B P      1 
ATOM   762  O  OP1    . DA  B 2 12 ? 8.919   2.993   -15.278 1.00 0.00 ? 25 DA  B OP1    1 
ATOM   763  O  OP2    . DA  B 2 12 ? 10.877  1.563   -14.460 1.00 0.00 ? 25 DA  B OP2    1 
ATOM   764  O  "O5'"  . DA  B 2 12 ? 10.287  3.709   -13.301 1.00 0.00 ? 25 DA  B "O5'"  1 
ATOM   765  C  "C5'"  . DA  B 2 12 ? 9.426   4.762   -12.910 1.00 0.00 ? 25 DA  B "C5'"  1 
ATOM   766  C  "C4'"  . DA  B 2 12 ? 10.193  5.810   -12.101 1.00 0.00 ? 25 DA  B "C4'"  1 
ATOM   767  O  "O4'"  . DA  B 2 12 ? 10.692  5.225   -10.911 1.00 0.00 ? 25 DA  B "O4'"  1 
ATOM   768  C  "C3'"  . DA  B 2 12 ? 11.388  6.398   -12.871 1.00 0.00 ? 25 DA  B "C3'"  1 
ATOM   769  O  "O3'"  . DA  B 2 12 ? 11.311  7.814   -12.804 1.00 0.00 ? 25 DA  B "O3'"  1 
ATOM   770  C  "C2'"  . DA  B 2 12 ? 12.580  5.828   -12.102 1.00 0.00 ? 25 DA  B "C2'"  1 
ATOM   771  C  "C1'"  . DA  B 2 12 ? 11.995  5.725   -10.700 1.00 0.00 ? 25 DA  B "C1'"  1 
ATOM   772  N  N9     . DA  B 2 12 ? 12.763  4.808   -9.829  1.00 0.00 ? 25 DA  B N9     1 
ATOM   773  C  C8     . DA  B 2 12 ? 13.052  3.479   -10.023 1.00 0.00 ? 25 DA  B C8     1 
ATOM   774  N  N7     . DA  B 2 12 ? 13.657  2.909   -9.019  1.00 0.00 ? 25 DA  B N7     1 
ATOM   775  C  C5     . DA  B 2 12 ? 13.784  3.933   -8.088  1.00 0.00 ? 25 DA  B C5     1 
ATOM   776  C  C6     . DA  B 2 12 ? 14.316  3.983   -6.782  1.00 0.00 ? 25 DA  B C6     1 
ATOM   777  N  N6     . DA  B 2 12 ? 14.824  2.912   -6.160  1.00 0.00 ? 25 DA  B N6     1 
ATOM   778  N  N1     . DA  B 2 12 ? 14.290  5.164   -6.130  1.00 0.00 ? 25 DA  B N1     1 
ATOM   779  C  C2     . DA  B 2 12 ? 13.763  6.228   -6.731  1.00 0.00 ? 25 DA  B C2     1 
ATOM   780  N  N3     . DA  B 2 12 ? 13.216  6.304   -7.941  1.00 0.00 ? 25 DA  B N3     1 
ATOM   781  C  C4     . DA  B 2 12 ? 13.258  5.103   -8.581  1.00 0.00 ? 25 DA  B C4     1 
ATOM   782  H  "H5'"  . DA  B 2 12 ? 8.613   4.368   -12.297 1.00 0.00 ? 25 DA  B "H5'"  1 
ATOM   783  H  "H5''" . DA  B 2 12 ? 9.003   5.244   -13.792 1.00 0.00 ? 25 DA  B "H5''" 1 
ATOM   784  H  "H4'"  . DA  B 2 12 ? 9.500   6.608   -11.828 1.00 0.00 ? 25 DA  B "H4'"  1 
ATOM   785  H  "H3'"  . DA  B 2 12 ? 11.398  6.074   -13.912 1.00 0.00 ? 25 DA  B "H3'"  1 
ATOM   786  H  "H2'"  . DA  B 2 12 ? 12.809  4.836   -12.491 1.00 0.00 ? 25 DA  B "H2'"  1 
ATOM   787  H  "H2''" . DA  B 2 12 ? 13.472  6.450   -12.130 1.00 0.00 ? 25 DA  B "H2''" 1 
ATOM   788  H  "H1'"  . DA  B 2 12 ? 11.932  6.722   -10.264 1.00 0.00 ? 25 DA  B "H1'"  1 
ATOM   789  H  H8     . DA  B 2 12 ? 12.791  2.945   -10.923 1.00 0.00 ? 25 DA  B H8     1 
ATOM   790  H  H61    . DA  B 2 12 ? 15.154  2.988   -5.208  1.00 0.00 ? 25 DA  B H61    1 
ATOM   791  H  H62    . DA  B 2 12 ? 14.842  2.019   -6.631  1.00 0.00 ? 25 DA  B H62    1 
ATOM   792  H  H2     . DA  B 2 12 ? 13.781  7.145   -6.164  1.00 0.00 ? 25 DA  B H2     1 
ATOM   793  P  P      . DG  B 2 13 ? 12.416  8.784   -13.481 1.00 0.00 ? 26 DG  B P      1 
ATOM   794  O  OP1    . DG  B 2 13 ? 11.760  10.070  -13.810 1.00 0.00 ? 26 DG  B OP1    1 
ATOM   795  O  OP2    . DG  B 2 13 ? 13.124  8.031   -14.541 1.00 0.00 ? 26 DG  B OP2    1 
ATOM   796  O  "O5'"  . DG  B 2 13 ? 13.450  9.040   -12.269 1.00 0.00 ? 26 DG  B "O5'"  1 
ATOM   797  C  "C5'"  . DG  B 2 13 ? 13.092  9.828   -11.150 1.00 0.00 ? 26 DG  B "C5'"  1 
ATOM   798  C  "C4'"  . DG  B 2 13 ? 14.229  9.832   -10.127 1.00 0.00 ? 26 DG  B "C4'"  1 
ATOM   799  O  "O4'"  . DG  B 2 13 ? 14.435  8.519   -9.633  1.00 0.00 ? 26 DG  B "O4'"  1 
ATOM   800  C  "C3'"  . DG  B 2 13 ? 15.566  10.309  -10.719 1.00 0.00 ? 26 DG  B "C3'"  1 
ATOM   801  O  "O3'"  . DG  B 2 13 ? 16.123  11.326  -9.912  1.00 0.00 ? 26 DG  B "O3'"  1 
ATOM   802  C  "C2'"  . DG  B 2 13 ? 16.434  9.059   -10.641 1.00 0.00 ? 26 DG  B "C2'"  1 
ATOM   803  C  "C1'"  . DG  B 2 13 ? 15.822  8.372   -9.426  1.00 0.00 ? 26 DG  B "C1'"  1 
ATOM   804  N  N9     . DG  B 2 13 ? 16.210  6.949   -9.320  1.00 0.00 ? 26 DG  B N9     1 
ATOM   805  C  C8     . DG  B 2 13 ? 16.102  5.954   -10.261 1.00 0.00 ? 26 DG  B C8     1 
ATOM   806  N  N7     . DG  B 2 13 ? 16.523  4.789   -9.858  1.00 0.00 ? 26 DG  B N7     1 
ATOM   807  C  C5     . DG  B 2 13 ? 16.946  5.019   -8.553  1.00 0.00 ? 26 DG  B C5     1 
ATOM   808  C  C6     . DG  B 2 13 ? 17.493  4.115   -7.592  1.00 0.00 ? 26 DG  B C6     1 
ATOM   809  O  O6     . DG  B 2 13 ? 17.713  2.913   -7.724  1.00 0.00 ? 26 DG  B O6     1 
ATOM   810  N  N1     . DG  B 2 13 ? 17.786  4.740   -6.381  1.00 0.00 ? 26 DG  B N1     1 
ATOM   811  C  C2     . DG  B 2 13 ? 17.580  6.086   -6.124  1.00 0.00 ? 26 DG  B C2     1 
ATOM   812  N  N2     . DG  B 2 13 ? 17.938  6.533   -4.915  1.00 0.00 ? 26 DG  B N2     1 
ATOM   813  N  N3     . DG  B 2 13 ? 17.057  6.934   -7.026  1.00 0.00 ? 26 DG  B N3     1 
ATOM   814  C  C4     . DG  B 2 13 ? 16.761  6.340   -8.216  1.00 0.00 ? 26 DG  B C4     1 
ATOM   815  H  "H5'"  . DG  B 2 13 ? 12.193  9.426   -10.679 1.00 0.00 ? 26 DG  B "H5'"  1 
ATOM   816  H  "H5''" . DG  B 2 13 ? 12.899  10.854  -11.467 1.00 0.00 ? 26 DG  B "H5''" 1 
ATOM   817  H  "H4'"  . DG  B 2 13 ? 13.949  10.473  -9.289  1.00 0.00 ? 26 DG  B "H4'"  1 
ATOM   818  H  "H3'"  . DG  B 2 13 ? 15.475  10.665  -11.746 1.00 0.00 ? 26 DG  B "H3'"  1 
ATOM   819  H  "H2'"  . DG  B 2 13 ? 16.282  8.460   -11.539 1.00 0.00 ? 26 DG  B "H2'"  1 
ATOM   820  H  "H2''" . DG  B 2 13 ? 17.494  9.277   -10.507 1.00 0.00 ? 26 DG  B "H2''" 1 
ATOM   821  H  "H1'"  . DG  B 2 13 ? 16.102  8.920   -8.525  1.00 0.00 ? 26 DG  B "H1'"  1 
ATOM   822  H  H8     . DG  B 2 13 ? 15.707  6.125   -11.250 1.00 0.00 ? 26 DG  B H8     1 
ATOM   823  H  H1     . DG  B 2 13 ? 18.171  4.165   -5.644  1.00 0.00 ? 26 DG  B H1     1 
ATOM   824  H  H21    . DG  B 2 13 ? 18.315  5.895   -4.228  1.00 0.00 ? 26 DG  B H21    1 
ATOM   825  H  H22    . DG  B 2 13 ? 17.788  7.503   -4.673  1.00 0.00 ? 26 DG  B H22    1 
HETATM 826  PT PT1    . CPT C 3 .  ? -2.625  0.201   -3.356  1.00 0.00 ? 14 CPT A PT1    1 
HETATM 827  N  N1     . CPT C 3 .  ? -2.625  1.999   -4.229  1.00 0.00 ? 14 CPT A N1     1 
HETATM 828  N  N2     . CPT C 3 .  ? -4.574  0.340   -2.934  1.00 0.00 ? 14 CPT A N2     1 
HETATM 829  H  H11    . CPT C 3 .  ? -3.506  2.460   -4.051  1.00 0.00 ? 14 CPT A H11    1 
HETATM 830  H  H12    . CPT C 3 .  ? -2.499  1.889   -5.226  1.00 0.00 ? 14 CPT A H12    1 
HETATM 831  H  H21    . CPT C 3 .  ? -4.691  0.448   -1.935  1.00 0.00 ? 14 CPT A H21    1 
HETATM 832  H  H22    . CPT C 3 .  ? -4.968  1.139   -3.411  1.00 0.00 ? 14 CPT A H22    1 
HETATM 833  H  H13    . CPT C 3 .  ? -1.870  2.555   -3.855  1.00 0.00 ? 14 CPT A H13    1 
HETATM 834  H  H23    . CPT C 3 .  ? -5.045  -0.500  -3.235  1.00 0.00 ? 14 CPT A H23    1 
ATOM   835  P  P      . DC  A 1 1  ? 23.184  -1.335  0.416   1.00 0.00 ? 1  DC  A P      2 
ATOM   836  O  OP1    . DC  A 1 1  ? 23.890  -1.488  1.707   1.00 0.00 ? 1  DC  A OP1    2 
ATOM   837  O  OP2    . DC  A 1 1  ? 21.944  -2.102  0.160   1.00 0.00 ? 1  DC  A OP2    2 
ATOM   838  O  "O5'"  . DC  A 1 1  ? 22.857  0.228   0.199   1.00 0.00 ? 1  DC  A "O5'"  2 
ATOM   839  C  "C5'"  . DC  A 1 1  ? 23.883  1.203   0.204   1.00 0.00 ? 1  DC  A "C5'"  2 
ATOM   840  C  "C4'"  . DC  A 1 1  ? 23.295  2.584   -0.100  1.00 0.00 ? 1  DC  A "C4'"  2 
ATOM   841  O  "O4'"  . DC  A 1 1  ? 22.689  2.556   -1.383  1.00 0.00 ? 1  DC  A "O4'"  2 
ATOM   842  C  "C3'"  . DC  A 1 1  ? 22.224  3.006   0.918   1.00 0.00 ? 1  DC  A "C3'"  2 
ATOM   843  O  "O3'"  . DC  A 1 1  ? 22.465  4.353   1.305   1.00 0.00 ? 1  DC  A "O3'"  2 
ATOM   844  C  "C2'"  . DC  A 1 1  ? 20.934  2.847   0.115   1.00 0.00 ? 1  DC  A "C2'"  2 
ATOM   845  C  "C1'"  . DC  A 1 1  ? 21.423  3.177   -1.294  1.00 0.00 ? 1  DC  A "C1'"  2 
ATOM   846  N  N1     . DC  A 1 1  ? 20.514  2.668   -2.358  1.00 0.00 ? 1  DC  A N1     2 
ATOM   847  C  C2     . DC  A 1 1  ? 19.975  3.566   -3.287  1.00 0.00 ? 1  DC  A C2     2 
ATOM   848  O  O2     . DC  A 1 1  ? 20.214  4.770   -3.225  1.00 0.00 ? 1  DC  A O2     2 
ATOM   849  N  N3     . DC  A 1 1  ? 19.170  3.079   -4.274  1.00 0.00 ? 1  DC  A N3     2 
ATOM   850  C  C4     . DC  A 1 1  ? 18.902  1.767   -4.376  1.00 0.00 ? 1  DC  A C4     2 
ATOM   851  N  N4     . DC  A 1 1  ? 18.127  1.339   -5.383  1.00 0.00 ? 1  DC  A N4     2 
ATOM   852  C  C5     . DC  A 1 1  ? 19.464  0.823   -3.451  1.00 0.00 ? 1  DC  A C5     2 
ATOM   853  C  C6     . DC  A 1 1  ? 20.260  1.319   -2.473  1.00 0.00 ? 1  DC  A C6     2 
ATOM   854  H  "H5'"  . DC  A 1 1  ? 24.625  0.958   -0.559  1.00 0.00 ? 1  DC  A "H5'"  2 
ATOM   855  H  "H5''" . DC  A 1 1  ? 24.370  1.226   1.179   1.00 0.00 ? 1  DC  A "H5''" 2 
ATOM   856  H  "H4'"  . DC  A 1 1  ? 24.108  3.311   -0.107  1.00 0.00 ? 1  DC  A "H4'"  2 
ATOM   857  H  "H3'"  . DC  A 1 1  ? 22.229  2.360   1.796   1.00 0.00 ? 1  DC  A "H3'"  2 
ATOM   858  H  "H2'"  . DC  A 1 1  ? 20.605  1.811   0.187   1.00 0.00 ? 1  DC  A "H2'"  2 
ATOM   859  H  "H2''" . DC  A 1 1  ? 20.129  3.503   0.437   1.00 0.00 ? 1  DC  A "H2''" 2 
ATOM   860  H  "H1'"  . DC  A 1 1  ? 21.581  4.255   -1.345  1.00 0.00 ? 1  DC  A "H1'"  2 
ATOM   861  H  H41    . DC  A 1 1  ? 17.797  1.995   -6.079  1.00 0.00 ? 1  DC  A H41    2 
ATOM   862  H  H42    . DC  A 1 1  ? 17.920  0.357   -5.479  1.00 0.00 ? 1  DC  A H42    2 
ATOM   863  H  H5     . DC  A 1 1  ? 19.288  -0.242  -3.507  1.00 0.00 ? 1  DC  A H5     2 
ATOM   864  H  H6     . DC  A 1 1  ? 20.709  0.629   -1.774  1.00 0.00 ? 1  DC  A H6     2 
ATOM   865  P  P      . DT  A 1 2  ? 21.558  5.127   2.400   1.00 0.00 ? 2  DT  A P      2 
ATOM   866  O  OP1    . DT  A 1 2  ? 22.382  6.198   3.003   1.00 0.00 ? 2  DT  A OP1    2 
ATOM   867  O  OP2    . DT  A 1 2  ? 20.911  4.121   3.272   1.00 0.00 ? 2  DT  A OP2    2 
ATOM   868  O  "O5'"  . DT  A 1 2  ? 20.413  5.820   1.497   1.00 0.00 ? 2  DT  A "O5'"  2 
ATOM   869  C  "C5'"  . DT  A 1 2  ? 20.711  6.907   0.642   1.00 0.00 ? 2  DT  A "C5'"  2 
ATOM   870  C  "C4'"  . DT  A 1 2  ? 19.485  7.274   -0.197  1.00 0.00 ? 2  DT  A "C4'"  2 
ATOM   871  O  "O4'"  . DT  A 1 2  ? 19.083  6.177   -0.995  1.00 0.00 ? 2  DT  A "O4'"  2 
ATOM   872  C  "C3'"  . DT  A 1 2  ? 18.260  7.700   0.629   1.00 0.00 ? 2  DT  A "C3'"  2 
ATOM   873  O  "O3'"  . DT  A 1 2  ? 18.040  9.088   0.427   1.00 0.00 ? 2  DT  A "O3'"  2 
ATOM   874  C  "C2'"  . DT  A 1 2  ? 17.144  6.813   0.066   1.00 0.00 ? 2  DT  A "C2'"  2 
ATOM   875  C  "C1'"  . DT  A 1 2  ? 17.716  6.375   -1.276  1.00 0.00 ? 2  DT  A "C1'"  2 
ATOM   876  N  N1     . DT  A 1 2  ? 17.076  5.133   -1.793  1.00 0.00 ? 2  DT  A N1     2 
ATOM   877  C  C2     . DT  A 1 2  ? 16.237  5.226   -2.903  1.00 0.00 ? 2  DT  A C2     2 
ATOM   878  O  O2     . DT  A 1 2  ? 15.936  6.289   -3.439  1.00 0.00 ? 2  DT  A O2     2 
ATOM   879  N  N3     . DT  A 1 2  ? 15.741  4.027   -3.395  1.00 0.00 ? 2  DT  A N3     2 
ATOM   880  C  C4     . DT  A 1 2  ? 15.977  2.763   -2.872  1.00 0.00 ? 2  DT  A C4     2 
ATOM   881  O  O4     . DT  A 1 2  ? 15.504  1.773   -3.425  1.00 0.00 ? 2  DT  A O4     2 
ATOM   882  C  C5     . DT  A 1 2  ? 16.798  2.761   -1.675  1.00 0.00 ? 2  DT  A C5     2 
ATOM   883  C  C7     . DT  A 1 2  ? 17.072  1.456   -0.952  1.00 0.00 ? 2  DT  A C7     2 
ATOM   884  C  C6     . DT  A 1 2  ? 17.311  3.920   -1.187  1.00 0.00 ? 2  DT  A C6     2 
ATOM   885  H  "H5'"  . DT  A 1 2  ? 21.525  6.635   -0.032  1.00 0.00 ? 2  DT  A "H5'"  2 
ATOM   886  H  "H5''" . DT  A 1 2  ? 21.011  7.773   1.232   1.00 0.00 ? 2  DT  A "H5''" 2 
ATOM   887  H  "H4'"  . DT  A 1 2  ? 19.762  8.085   -0.873  1.00 0.00 ? 2  DT  A "H4'"  2 
ATOM   888  H  "H3'"  . DT  A 1 2  ? 18.404  7.494   1.691   1.00 0.00 ? 2  DT  A "H3'"  2 
ATOM   889  H  "H2'"  . DT  A 1 2  ? 17.020  5.950   0.722   1.00 0.00 ? 2  DT  A "H2'"  2 
ATOM   890  H  "H2''" . DT  A 1 2  ? 16.188  7.318   -0.054  1.00 0.00 ? 2  DT  A "H2''" 2 
ATOM   891  H  "H1'"  . DT  A 1 2  ? 17.640  7.204   -1.982  1.00 0.00 ? 2  DT  A "H1'"  2 
ATOM   892  H  H3     . DT  A 1 2  ? 15.149  4.083   -4.213  1.00 0.00 ? 2  DT  A H3     2 
ATOM   893  H  H71    . DT  A 1 2  ? 16.274  1.271   -0.233  1.00 0.00 ? 2  DT  A H71    2 
ATOM   894  H  H72    . DT  A 1 2  ? 17.108  0.630   -1.663  1.00 0.00 ? 2  DT  A H72    2 
ATOM   895  H  H73    . DT  A 1 2  ? 18.024  1.503   -0.424  1.00 0.00 ? 2  DT  A H73    2 
ATOM   896  H  H6     . DT  A 1 2  ? 17.920  3.890   -0.298  1.00 0.00 ? 2  DT  A H6     2 
ATOM   897  P  P      . DC  A 1 3  ? 16.821  9.899   1.121   1.00 0.00 ? 3  DC  A P      2 
ATOM   898  O  OP1    . DC  A 1 3  ? 17.217  11.321  1.226   1.00 0.00 ? 3  DC  A OP1    2 
ATOM   899  O  OP2    . DC  A 1 3  ? 16.394  9.165   2.333   1.00 0.00 ? 3  DC  A OP2    2 
ATOM   900  O  "O5'"  . DC  A 1 3  ? 15.645  9.783   0.022   1.00 0.00 ? 3  DC  A "O5'"  2 
ATOM   901  C  "C5'"  . DC  A 1 3  ? 15.764  10.396  -1.248  1.00 0.00 ? 3  DC  A "C5'"  2 
ATOM   902  C  "C4'"  . DC  A 1 3  ? 14.593  9.984   -2.143  1.00 0.00 ? 3  DC  A "C4'"  2 
ATOM   903  O  "O4'"  . DC  A 1 3  ? 14.569  8.578   -2.290  1.00 0.00 ? 3  DC  A "O4'"  2 
ATOM   904  C  "C3'"  . DC  A 1 3  ? 13.221  10.412  -1.600  1.00 0.00 ? 3  DC  A "C3'"  2 
ATOM   905  O  "O3'"  . DC  A 1 3  ? 12.651  11.351  -2.502  1.00 0.00 ? 3  DC  A "O3'"  2 
ATOM   906  C  "C2'"  . DC  A 1 3  ? 12.454  9.088   -1.530  1.00 0.00 ? 3  DC  A "C2'"  2 
ATOM   907  C  "C1'"  . DC  A 1 3  ? 13.225  8.212   -2.513  1.00 0.00 ? 3  DC  A "C1'"  2 
ATOM   908  N  N1     . DC  A 1 3  ? 13.025  6.754   -2.273  1.00 0.00 ? 3  DC  A N1     2 
ATOM   909  C  C2     . DC  A 1 3  ? 12.423  5.975   -3.268  1.00 0.00 ? 3  DC  A C2     2 
ATOM   910  O  O2     . DC  A 1 3  ? 11.977  6.477   -4.295  1.00 0.00 ? 3  DC  A O2     2 
ATOM   911  N  N3     . DC  A 1 3  ? 12.342  4.627   -3.072  1.00 0.00 ? 3  DC  A N3     2 
ATOM   912  C  C4     . DC  A 1 3  ? 12.801  4.051   -1.950  1.00 0.00 ? 3  DC  A C4     2 
ATOM   913  N  N4     . DC  A 1 3  ? 12.722  2.721   -1.829  1.00 0.00 ? 3  DC  A N4     2 
ATOM   914  C  C5     . DC  A 1 3  ? 13.394  4.836   -0.903  1.00 0.00 ? 3  DC  A C5     2 
ATOM   915  C  C6     . DC  A 1 3  ? 13.483  6.171   -1.114  1.00 0.00 ? 3  DC  A C6     2 
ATOM   916  H  "H5'"  . DC  A 1 3  ? 16.692  10.081  -1.727  1.00 0.00 ? 3  DC  A "H5'"  2 
ATOM   917  H  "H5''" . DC  A 1 3  ? 15.771  11.483  -1.139  1.00 0.00 ? 3  DC  A "H5''" 2 
ATOM   918  H  "H4'"  . DC  A 1 3  ? 14.744  10.420  -3.132  1.00 0.00 ? 3  DC  A "H4'"  2 
ATOM   919  H  "H3'"  . DC  A 1 3  ? 13.305  10.854  -0.605  1.00 0.00 ? 3  DC  A "H3'"  2 
ATOM   920  H  "H2'"  . DC  A 1 3  ? 12.541  8.694   -0.518  1.00 0.00 ? 3  DC  A "H2'"  2 
ATOM   921  H  "H2''" . DC  A 1 3  ? 11.404  9.168   -1.799  1.00 0.00 ? 3  DC  A "H2''" 2 
ATOM   922  H  "H1'"  . DC  A 1 3  ? 12.963  8.515   -3.526  1.00 0.00 ? 3  DC  A "H1'"  2 
ATOM   923  H  H41    . DC  A 1 3  ? 12.376  2.172   -2.607  1.00 0.00 ? 3  DC  A H41    2 
ATOM   924  H  H42    . DC  A 1 3  ? 13.072  2.261   -1.002  1.00 0.00 ? 3  DC  A H42    2 
ATOM   925  H  H5     . DC  A 1 3  ? 13.773  4.413   0.016   1.00 0.00 ? 3  DC  A H5     2 
ATOM   926  H  H6     . DC  A 1 3  ? 13.931  6.786   -0.349  1.00 0.00 ? 3  DC  A H6     2 
ATOM   927  P  P      . DT  A 1 4  ? 11.205  12.038  -2.262  1.00 0.00 ? 4  DT  A P      2 
ATOM   928  O  OP1    . DT  A 1 4  ? 11.192  13.342  -2.961  1.00 0.00 ? 4  DT  A OP1    2 
ATOM   929  O  OP2    . DT  A 1 4  ? 10.885  11.976  -0.818  1.00 0.00 ? 4  DT  A OP2    2 
ATOM   930  O  "O5'"  . DT  A 1 4  ? 10.209  11.039  -3.040  1.00 0.00 ? 4  DT  A "O5'"  2 
ATOM   931  C  "C5'"  . DT  A 1 4  ? 10.218  10.938  -4.453  1.00 0.00 ? 4  DT  A "C5'"  2 
ATOM   932  C  "C4'"  . DT  A 1 4  ? 9.361   9.751   -4.896  1.00 0.00 ? 4  DT  A "C4'"  2 
ATOM   933  O  "O4'"  . DT  A 1 4  ? 9.828   8.559   -4.304  1.00 0.00 ? 4  DT  A "O4'"  2 
ATOM   934  C  "C3'"  . DT  A 1 4  ? 7.885   9.864   -4.501  1.00 0.00 ? 4  DT  A "C3'"  2 
ATOM   935  O  "O3'"  . DT  A 1 4  ? 7.154   10.469  -5.557  1.00 0.00 ? 4  DT  A "O3'"  2 
ATOM   936  C  "C2'"  . DT  A 1 4  ? 7.497   8.409   -4.215  1.00 0.00 ? 4  DT  A "C2'"  2 
ATOM   937  C  "C1'"  . DT  A 1 4  ? 8.785   7.620   -4.440  1.00 0.00 ? 4  DT  A "C1'"  2 
ATOM   938  N  N1     . DT  A 1 4  ? 8.916   6.502   -3.469  1.00 0.00 ? 4  DT  A N1     2 
ATOM   939  C  C2     . DT  A 1 4  ? 8.544   5.221   -3.875  1.00 0.00 ? 4  DT  A C2     2 
ATOM   940  O  O2     . DT  A 1 4  ? 8.055   4.977   -4.976  1.00 0.00 ? 4  DT  A O2     2 
ATOM   941  N  N3     . DT  A 1 4  ? 8.755   4.204   -2.953  1.00 0.00 ? 4  DT  A N3     2 
ATOM   942  C  C4     . DT  A 1 4  ? 9.256   4.353   -1.667  1.00 0.00 ? 4  DT  A C4     2 
ATOM   943  O  O4     . DT  A 1 4  ? 9.414   3.368   -0.950  1.00 0.00 ? 4  DT  A O4     2 
ATOM   944  C  C5     . DT  A 1 4  ? 9.550   5.725   -1.298  1.00 0.00 ? 4  DT  A C5     2 
ATOM   945  C  C7     . DT  A 1 4  ? 10.062  6.032   0.095   1.00 0.00 ? 4  DT  A C7     2 
ATOM   946  C  C6     . DT  A 1 4  ? 9.371   6.731   -2.189  1.00 0.00 ? 4  DT  A C6     2 
ATOM   947  H  "H5'"  . DT  A 1 4  ? 11.238  10.776  -4.806  1.00 0.00 ? 4  DT  A "H5'"  2 
ATOM   948  H  "H5''" . DT  A 1 4  ? 9.827   11.856  -4.895  1.00 0.00 ? 4  DT  A "H5''" 2 
ATOM   949  H  "H4'"  . DT  A 1 4  ? 9.435   9.641   -5.979  1.00 0.00 ? 4  DT  A "H4'"  2 
ATOM   950  H  "H3'"  . DT  A 1 4  ? 7.778   10.447  -3.585  1.00 0.00 ? 4  DT  A "H3'"  2 
ATOM   951  H  "H2'"  . DT  A 1 4  ? 7.161   8.325   -3.181  1.00 0.00 ? 4  DT  A "H2'"  2 
ATOM   952  H  "H2''" . DT  A 1 4  ? 6.732   8.028   -4.884  1.00 0.00 ? 4  DT  A "H2''" 2 
ATOM   953  H  "H1'"  . DT  A 1 4  ? 8.803   7.270   -5.473  1.00 0.00 ? 4  DT  A "H1'"  2 
ATOM   954  H  H3     . DT  A 1 4  ? 8.521   3.267   -3.247  1.00 0.00 ? 4  DT  A H3     2 
ATOM   955  H  H71    . DT  A 1 4  ? 9.214   6.137   0.772   1.00 0.00 ? 4  DT  A H71    2 
ATOM   956  H  H72    . DT  A 1 4  ? 10.701  5.223   0.446   1.00 0.00 ? 4  DT  A H72    2 
ATOM   957  H  H73    . DT  A 1 4  ? 10.639  6.957   0.095   1.00 0.00 ? 4  DT  A H73    2 
ATOM   958  H  H6     . DT  A 1 4  ? 9.584   7.745   -1.886  1.00 0.00 ? 4  DT  A H6     2 
ATOM   959  P  P      . DA  A 1 5  ? 5.546   10.669  -5.516  1.00 0.00 ? 5  DA  A P      2 
ATOM   960  O  OP1    . DA  A 1 5  ? 5.196   11.762  -6.450  1.00 0.00 ? 5  DA  A OP1    2 
ATOM   961  O  OP2    . DA  A 1 5  ? 5.116   10.745  -4.102  1.00 0.00 ? 5  DA  A OP2    2 
ATOM   962  O  "O5'"  . DA  A 1 5  ? 4.996   9.285   -6.137  1.00 0.00 ? 5  DA  A "O5'"  2 
ATOM   963  C  "C5'"  . DA  A 1 5  ? 5.344   8.875   -7.446  1.00 0.00 ? 5  DA  A "C5'"  2 
ATOM   964  C  "C4'"  . DA  A 1 5  ? 4.915   7.425   -7.676  1.00 0.00 ? 5  DA  A "C4'"  2 
ATOM   965  O  "O4'"  . DA  A 1 5  ? 5.483   6.605   -6.667  1.00 0.00 ? 5  DA  A "O4'"  2 
ATOM   966  C  "C3'"  . DA  A 1 5  ? 3.390   7.239   -7.633  1.00 0.00 ? 5  DA  A "C3'"  2 
ATOM   967  O  "O3'"  . DA  A 1 5  ? 3.027   6.390   -8.711  1.00 0.00 ? 5  DA  A "O3'"  2 
ATOM   968  C  "C2'"  . DA  A 1 5  ? 3.178   6.589   -6.269  1.00 0.00 ? 5  DA  A "C2'"  2 
ATOM   969  C  "C1'"  . DA  A 1 5  ? 4.468   5.788   -6.121  1.00 0.00 ? 5  DA  A "C1'"  2 
ATOM   970  N  N9     . DA  A 1 5  ? 4.774   5.450   -4.711  1.00 0.00 ? 5  DA  A N9     2 
ATOM   971  C  C8     . DA  A 1 5  ? 4.883   6.283   -3.626  1.00 0.00 ? 5  DA  A C8     2 
ATOM   972  N  N7     . DA  A 1 5  ? 5.262   5.689   -2.528  1.00 0.00 ? 5  DA  A N7     2 
ATOM   973  C  C5     . DA  A 1 5  ? 5.406   4.360   -2.905  1.00 0.00 ? 5  DA  A C5     2 
ATOM   974  C  C6     . DA  A 1 5  ? 5.814   3.200   -2.211  1.00 0.00 ? 5  DA  A C6     2 
ATOM   975  N  N6     . DA  A 1 5  ? 6.171   3.203   -0.919  1.00 0.00 ? 5  DA  A N6     2 
ATOM   976  N  N1     . DA  A 1 5  ? 5.865   2.037   -2.892  1.00 0.00 ? 5  DA  A N1     2 
ATOM   977  C  C2     . DA  A 1 5  ? 5.517   2.021   -4.176  1.00 0.00 ? 5  DA  A C2     2 
ATOM   978  N  N3     . DA  A 1 5  ? 5.126   3.037   -4.939  1.00 0.00 ? 5  DA  A N3     2 
ATOM   979  C  C4     . DA  A 1 5  ? 5.095   4.201   -4.234  1.00 0.00 ? 5  DA  A C4     2 
ATOM   980  H  "H5'"  . DA  A 1 5  ? 6.426   8.929   -7.576  1.00 0.00 ? 5  DA  A "H5'"  2 
ATOM   981  H  "H5''" . DA  A 1 5  ? 4.868   9.525   -8.181  1.00 0.00 ? 5  DA  A "H5''" 2 
ATOM   982  H  "H4'"  . DA  A 1 5  ? 5.298   7.109   -8.648  1.00 0.00 ? 5  DA  A "H4'"  2 
ATOM   983  H  "H3'"  . DA  A 1 5  ? 2.867   8.193   -7.710  1.00 0.00 ? 5  DA  A "H3'"  2 
ATOM   984  H  "H2'"  . DA  A 1 5  ? 3.125   7.371   -5.511  1.00 0.00 ? 5  DA  A "H2'"  2 
ATOM   985  H  "H2''" . DA  A 1 5  ? 2.292   5.960   -6.210  1.00 0.00 ? 5  DA  A "H2''" 2 
ATOM   986  H  "H1'"  . DA  A 1 5  ? 4.397   4.887   -6.726  1.00 0.00 ? 5  DA  A "H1'"  2 
ATOM   987  H  H8     . DA  A 1 5  ? 4.688   7.345   -3.673  1.00 0.00 ? 5  DA  A H8     2 
ATOM   988  H  H61    . DA  A 1 5  ? 6.528   2.352   -0.500  1.00 0.00 ? 5  DA  A H61    2 
ATOM   989  H  H62    . DA  A 1 5  ? 6.162   4.064   -0.393  1.00 0.00 ? 5  DA  A H62    2 
ATOM   990  H  H2     . DA  A 1 5  ? 5.563   1.058   -4.662  1.00 0.00 ? 5  DA  A H2     2 
ATOM   991  P  P      . DG  A 1 6  ? 1.499   5.972   -9.036  1.00 0.00 ? 6  DG  A P      2 
ATOM   992  O  OP1    . DG  A 1 6  ? 1.384   5.759   -10.496 1.00 0.00 ? 6  DG  A OP1    2 
ATOM   993  O  OP2    . DG  A 1 6  ? 0.590   6.928   -8.362  1.00 0.00 ? 6  DG  A OP2    2 
ATOM   994  O  "O5'"  . DG  A 1 6  ? 1.347   4.537   -8.316  1.00 0.00 ? 6  DG  A "O5'"  2 
ATOM   995  C  "C5'"  . DG  A 1 6  ? 2.217   3.462   -8.622  1.00 0.00 ? 6  DG  A "C5'"  2 
ATOM   996  C  "C4'"  . DG  A 1 6  ? 1.673   2.161   -8.036  1.00 0.00 ? 6  DG  A "C4'"  2 
ATOM   997  O  "O4'"  . DG  A 1 6  ? 1.423   2.288   -6.645  1.00 0.00 ? 6  DG  A "O4'"  2 
ATOM   998  C  "C3'"  . DG  A 1 6  ? 0.357   1.729   -8.708  1.00 0.00 ? 6  DG  A "C3'"  2 
ATOM   999  O  "O3'"  . DG  A 1 6  ? 0.543   0.463   -9.316  1.00 0.00 ? 6  DG  A "O3'"  2 
ATOM   1000 C  "C2'"  . DG  A 1 6  ? -0.598  1.640   -7.522  1.00 0.00 ? 6  DG  A "C2'"  2 
ATOM   1001 C  "C1'"  . DG  A 1 6  ? 0.371   1.393   -6.372  1.00 0.00 ? 6  DG  A "C1'"  2 
ATOM   1002 N  N9     . DG  A 1 6  ? -0.261  1.592   -5.049  1.00 0.00 ? 6  DG  A N9     2 
ATOM   1003 C  C8     . DG  A 1 6  ? -1.596  1.738   -4.770  1.00 0.00 ? 6  DG  A C8     2 
ATOM   1004 N  N7     . DG  A 1 6  ? -1.837  1.622   -3.501  1.00 0.00 ? 6  DG  A N7     2 
ATOM   1005 C  C5     . DG  A 1 6  ? -0.607  1.482   -2.847  1.00 0.00 ? 6  DG  A C5     2 
ATOM   1006 C  C6     . DG  A 1 6  ? -0.220  1.335   -1.472  1.00 0.00 ? 6  DG  A C6     2 
ATOM   1007 O  O6     . DG  A 1 6  ? -0.915  1.480   -0.476  1.00 0.00 ? 6  DG  A O6     2 
ATOM   1008 N  N1     . DG  A 1 6  ? 1.132   0.982   -1.325  1.00 0.00 ? 6  DG  A N1     2 
ATOM   1009 C  C2     . DG  A 1 6  ? 2.037   0.958   -2.374  1.00 0.00 ? 6  DG  A C2     2 
ATOM   1010 N  N2     . DG  A 1 6  ? 3.305   0.645   -2.071  1.00 0.00 ? 6  DG  A N2     2 
ATOM   1011 N  N3     . DG  A 1 6  ? 1.691   1.178   -3.653  1.00 0.00 ? 6  DG  A N3     2 
ATOM   1012 C  C4     . DG  A 1 6  ? 0.361   1.416   -3.826  1.00 0.00 ? 6  DG  A C4     2 
ATOM   1013 H  "H5'"  . DG  A 1 6  ? 3.206   3.653   -8.203  1.00 0.00 ? 6  DG  A "H5'"  2 
ATOM   1014 H  "H5''" . DG  A 1 6  ? 2.306   3.342   -9.703  1.00 0.00 ? 6  DG  A "H5''" 2 
ATOM   1015 H  "H4'"  . DG  A 1 6  ? 2.421   1.379   -8.186  1.00 0.00 ? 6  DG  A "H4'"  2 
ATOM   1016 H  "H3'"  . DG  A 1 6  ? 0.006   2.462   -9.439  1.00 0.00 ? 6  DG  A "H3'"  2 
ATOM   1017 H  "H2'"  . DG  A 1 6  ? -1.097  2.604   -7.399  1.00 0.00 ? 6  DG  A "H2'"  2 
ATOM   1018 H  "H2''" . DG  A 1 6  ? -1.330  0.837   -7.599  1.00 0.00 ? 6  DG  A "H2''" 2 
ATOM   1019 H  "H1'"  . DG  A 1 6  ? 0.750   0.373   -6.439  1.00 0.00 ? 6  DG  A "H1'"  2 
ATOM   1020 H  H8     . DG  A 1 6  ? -2.379  1.839   -5.511  1.00 0.00 ? 6  DG  A H8     2 
ATOM   1021 H  H1     . DG  A 1 6  ? 1.498   0.723   -0.404  1.00 0.00 ? 6  DG  A H1     2 
ATOM   1022 H  H21    . DG  A 1 6  ? 3.553   0.413   -1.117  1.00 0.00 ? 6  DG  A H21    2 
ATOM   1023 H  H22    . DG  A 1 6  ? 4.000   0.608   -2.804  1.00 0.00 ? 6  DG  A H22    2 
ATOM   1024 P  P      . DT  A 1 7  ? -0.561  -0.198  -10.290 1.00 0.00 ? 7  DT  A P      2 
ATOM   1025 O  OP1    . DT  A 1 7  ? -0.016  -0.193  -11.665 1.00 0.00 ? 7  DT  A OP1    2 
ATOM   1026 O  OP2    . DT  A 1 7  ? -1.887  0.406   -10.024 1.00 0.00 ? 7  DT  A OP2    2 
ATOM   1027 O  "O5'"  . DT  A 1 7  ? -0.582  -1.714  -9.742  1.00 0.00 ? 7  DT  A "O5'"  2 
ATOM   1028 C  "C5'"  . DT  A 1 7  ? -1.261  -2.727  -10.447 1.00 0.00 ? 7  DT  A "C5'"  2 
ATOM   1029 C  "C4'"  . DT  A 1 7  ? -1.277  -4.026  -9.640  1.00 0.00 ? 7  DT  A "C4'"  2 
ATOM   1030 O  "O4'"  . DT  A 1 7  ? 0.026   -4.561  -9.585  1.00 0.00 ? 7  DT  A "O4'"  2 
ATOM   1031 C  "C3'"  . DT  A 1 7  ? -1.760  -3.858  -8.188  1.00 0.00 ? 7  DT  A "C3'"  2 
ATOM   1032 O  "O3'"  . DT  A 1 7  ? -2.614  -4.960  -7.922  1.00 0.00 ? 7  DT  A "O3'"  2 
ATOM   1033 C  "C2'"  . DT  A 1 7  ? -0.461  -3.978  -7.386  1.00 0.00 ? 7  DT  A "C2'"  2 
ATOM   1034 C  "C1'"  . DT  A 1 7  ? 0.252   -5.002  -8.264  1.00 0.00 ? 7  DT  A "C1'"  2 
ATOM   1035 N  N1     . DT  A 1 7  ? 1.707   -5.217  -8.058  1.00 0.00 ? 7  DT  A N1     2 
ATOM   1036 C  C2     . DT  A 1 7  ? 2.584   -4.171  -8.367  1.00 0.00 ? 7  DT  A C2     2 
ATOM   1037 O  O2     . DT  A 1 7  ? 2.273   -2.984  -8.305  1.00 0.00 ? 7  DT  A O2     2 
ATOM   1038 N  N3     . DT  A 1 7  ? 3.866   -4.547  -8.760  1.00 0.00 ? 7  DT  A N3     2 
ATOM   1039 C  C4     . DT  A 1 7  ? 4.315   -5.857  -8.900  1.00 0.00 ? 7  DT  A C4     2 
ATOM   1040 O  O4     . DT  A 1 7  ? 5.401   -6.094  -9.420  1.00 0.00 ? 7  DT  A O4     2 
ATOM   1041 C  C5     . DT  A 1 7  ? 3.404   -6.864  -8.388  1.00 0.00 ? 7  DT  A C5     2 
ATOM   1042 C  C7     . DT  A 1 7  ? 3.816   -8.321  -8.376  1.00 0.00 ? 7  DT  A C7     2 
ATOM   1043 C  C6     . DT  A 1 7  ? 2.152   -6.517  -7.997  1.00 0.00 ? 7  DT  A C6     2 
ATOM   1044 H  "H5'"  . DT  A 1 7  ? -0.763  -2.897  -11.403 1.00 0.00 ? 7  DT  A "H5'"  2 
ATOM   1045 H  "H5''" . DT  A 1 7  ? -2.289  -2.422  -10.636 1.00 0.00 ? 7  DT  A "H5''" 2 
ATOM   1046 H  "H4'"  . DT  A 1 7  ? -1.904  -4.744  -10.168 1.00 0.00 ? 7  DT  A "H4'"  2 
ATOM   1047 H  "H3'"  . DT  A 1 7  ? -2.245  -2.896  -8.018  1.00 0.00 ? 7  DT  A "H3'"  2 
ATOM   1048 H  "H2'"  . DT  A 1 7  ? 0.045   -3.013  -7.372  1.00 0.00 ? 7  DT  A "H2'"  2 
ATOM   1049 H  "H2''" . DT  A 1 7  ? -0.612  -4.323  -6.366  1.00 0.00 ? 7  DT  A "H2''" 2 
ATOM   1050 H  "H1'"  . DT  A 1 7  ? -0.272  -5.950  -8.136  1.00 0.00 ? 7  DT  A "H1'"  2 
ATOM   1051 H  H3     . DT  A 1 7  ? 4.522   -3.802  -8.958  1.00 0.00 ? 7  DT  A H3     2 
ATOM   1052 H  H71    . DT  A 1 7  ? 4.522   -8.500  -7.561  1.00 0.00 ? 7  DT  A H71    2 
ATOM   1053 H  H72    . DT  A 1 7  ? 2.944   -8.969  -8.252  1.00 0.00 ? 7  DT  A H72    2 
ATOM   1054 H  H73    . DT  A 1 7  ? 4.283   -8.544  -9.332  1.00 0.00 ? 7  DT  A H73    2 
ATOM   1055 H  H6     . DT  A 1 7  ? 1.457   -7.289  -7.691  1.00 0.00 ? 7  DT  A H6     2 
ATOM   1056 P  P      . DG  A 1 8  ? -3.994  -4.847  -7.097  1.00 0.00 ? 8  DG  A P      2 
ATOM   1057 O  OP1    . DG  A 1 8  ? -4.698  -6.142  -7.229  1.00 0.00 ? 8  DG  A OP1    2 
ATOM   1058 O  OP2    . DG  A 1 8  ? -4.676  -3.599  -7.504  1.00 0.00 ? 8  DG  A OP2    2 
ATOM   1059 O  "O5'"  . DG  A 1 8  ? -3.515  -4.689  -5.567  1.00 0.00 ? 8  DG  A "O5'"  2 
ATOM   1060 C  "C5'"  . DG  A 1 8  ? -2.787  -5.708  -4.907  1.00 0.00 ? 8  DG  A "C5'"  2 
ATOM   1061 C  "C4'"  . DG  A 1 8  ? -2.613  -5.347  -3.431  1.00 0.00 ? 8  DG  A "C4'"  2 
ATOM   1062 O  "O4'"  . DG  A 1 8  ? -2.366  -3.961  -3.258  1.00 0.00 ? 8  DG  A "O4'"  2 
ATOM   1063 C  "C3'"  . DG  A 1 8  ? -3.856  -5.690  -2.592  1.00 0.00 ? 8  DG  A "C3'"  2 
ATOM   1064 O  "O3'"  . DG  A 1 8  ? -3.597  -6.735  -1.670  1.00 0.00 ? 8  DG  A "O3'"  2 
ATOM   1065 C  "C2'"  . DG  A 1 8  ? -4.103  -4.409  -1.807  1.00 0.00 ? 8  DG  A "C2'"  2 
ATOM   1066 C  "C1'"  . DG  A 1 8  ? -2.776  -3.680  -1.939  1.00 0.00 ? 8  DG  A "C1'"  2 
ATOM   1067 N  N9     . DG  A 1 8  ? -2.973  -2.246  -1.649  1.00 0.00 ? 8  DG  A N9     2 
ATOM   1068 C  C8     . DG  A 1 8  ? -3.163  -1.194  -2.506  1.00 0.00 ? 8  DG  A C8     2 
ATOM   1069 N  N7     . DG  A 1 8  ? -3.382  -0.087  -1.865  1.00 0.00 ? 8  DG  A N7     2 
ATOM   1070 C  C5     . DG  A 1 8  ? -3.306  -0.367  -0.504  1.00 0.00 ? 8  DG  A C5     2 
ATOM   1071 C  C6     . DG  A 1 8  ? -3.360  0.441   0.679   1.00 0.00 ? 8  DG  A C6     2 
ATOM   1072 O  O6     . DG  A 1 8  ? -3.463  1.659   0.777   1.00 0.00 ? 8  DG  A O6     2 
ATOM   1073 N  N1     . DG  A 1 8  ? -3.284  -0.312  1.850   1.00 0.00 ? 8  DG  A N1     2 
ATOM   1074 C  C2     . DG  A 1 8  ? -3.138  -1.691  1.879   1.00 0.00 ? 8  DG  A C2     2 
ATOM   1075 N  N2     . DG  A 1 8  ? -3.008  -2.272  3.077   1.00 0.00 ? 8  DG  A N2     2 
ATOM   1076 N  N3     . DG  A 1 8  ? -3.028  -2.444  0.775   1.00 0.00 ? 8  DG  A N3     2 
ATOM   1077 C  C4     . DG  A 1 8  ? -3.111  -1.725  -0.378  1.00 0.00 ? 8  DG  A C4     2 
ATOM   1078 H  "H5'"  . DG  A 1 8  ? -1.807  -5.833  -5.363  1.00 0.00 ? 8  DG  A "H5'"  2 
ATOM   1079 H  "H5''" . DG  A 1 8  ? -3.314  -6.659  -4.981  1.00 0.00 ? 8  DG  A "H5''" 2 
ATOM   1080 H  "H4'"  . DG  A 1 8  ? -1.754  -5.887  -3.032  1.00 0.00 ? 8  DG  A "H4'"  2 
ATOM   1081 H  "H3'"  . DG  A 1 8  ? -4.733  -5.908  -3.204  1.00 0.00 ? 8  DG  A "H3'"  2 
ATOM   1082 H  "H2'"  . DG  A 1 8  ? -4.901  -3.834  -2.280  1.00 0.00 ? 8  DG  A "H2'"  2 
ATOM   1083 H  "H2''" . DG  A 1 8  ? -4.330  -4.589  -0.759  1.00 0.00 ? 8  DG  A "H2''" 2 
ATOM   1084 H  "H1'"  . DG  A 1 8  ? -2.048  -4.100  -1.242  1.00 0.00 ? 8  DG  A "H1'"  2 
ATOM   1085 H  H8     . DG  A 1 8  ? -3.161  -1.281  -3.582  1.00 0.00 ? 8  DG  A H8     2 
ATOM   1086 H  H1     . DG  A 1 8  ? -3.339  0.204   2.725   1.00 0.00 ? 8  DG  A H1     2 
ATOM   1087 H  H21    . DG  A 1 8  ? -3.020  -1.712  3.919   1.00 0.00 ? 8  DG  A H21    2 
ATOM   1088 H  H22    . DG  A 1 8  ? -2.909  -3.278  3.135   1.00 0.00 ? 8  DG  A H22    2 
ATOM   1089 P  P      . DC  A 1 9  ? -3.626  -8.291  -2.098  1.00 0.00 ? 9  DC  A P      2 
ATOM   1090 O  OP1    . DC  A 1 9  ? -2.533  -8.539  -3.065  1.00 0.00 ? 9  DC  A OP1    2 
ATOM   1091 O  OP2    . DC  A 1 9  ? -5.018  -8.640  -2.457  1.00 0.00 ? 9  DC  A OP2    2 
ATOM   1092 O  "O5'"  . DC  A 1 9  ? -3.265  -9.042  -0.710  1.00 0.00 ? 9  DC  A "O5'"  2 
ATOM   1093 C  "C5'"  . DC  A 1 9  ? -1.990  -8.921  -0.103  1.00 0.00 ? 9  DC  A "C5'"  2 
ATOM   1094 C  "C4'"  . DC  A 1 9  ? -2.117  -8.330  1.307   1.00 0.00 ? 9  DC  A "C4'"  2 
ATOM   1095 O  "O4'"  . DC  A 1 9  ? -2.813  -7.096  1.232   1.00 0.00 ? 9  DC  A "O4'"  2 
ATOM   1096 C  "C3'"  . DC  A 1 9  ? -2.865  -9.237  2.296   1.00 0.00 ? 9  DC  A "C3'"  2 
ATOM   1097 O  "O3'"  . DC  A 1 9  ? -2.117  -9.266  3.504   1.00 0.00 ? 9  DC  A "O3'"  2 
ATOM   1098 C  "C2'"  . DC  A 1 9  ? -4.212  -8.528  2.439   1.00 0.00 ? 9  DC  A "C2'"  2 
ATOM   1099 C  "C1'"  . DC  A 1 9  ? -3.801  -7.069  2.242   1.00 0.00 ? 9  DC  A "C1'"  2 
ATOM   1100 N  N1     . DC  A 1 9  ? -4.912  -6.156  1.833   1.00 0.00 ? 9  DC  A N1     2 
ATOM   1101 C  C2     . DC  A 1 9  ? -5.038  -4.919  2.476   1.00 0.00 ? 9  DC  A C2     2 
ATOM   1102 O  O2     . DC  A 1 9  ? -4.398  -4.661  3.493   1.00 0.00 ? 9  DC  A O2     2 
ATOM   1103 N  N3     . DC  A 1 9  ? -5.893  -3.993  1.952   1.00 0.00 ? 9  DC  A N3     2 
ATOM   1104 C  C4     . DC  A 1 9  ? -6.639  -4.265  0.869   1.00 0.00 ? 9  DC  A C4     2 
ATOM   1105 N  N4     . DC  A 1 9  ? -7.405  -3.298  0.348   1.00 0.00 ? 9  DC  A N4     2 
ATOM   1106 C  C5     . DC  A 1 9  ? -6.584  -5.557  0.239   1.00 0.00 ? 9  DC  A C5     2 
ATOM   1107 C  C6     . DC  A 1 9  ? -5.700  -6.452  0.744   1.00 0.00 ? 9  DC  A C6     2 
ATOM   1108 H  "H5'"  . DC  A 1 9  ? -1.335  -8.273  -0.686  1.00 0.00 ? 9  DC  A "H5'"  2 
ATOM   1109 H  "H5''" . DC  A 1 9  ? -1.531  -9.907  -0.042  1.00 0.00 ? 9  DC  A "H5''" 2 
ATOM   1110 H  "H4'"  . DC  A 1 9  ? -1.109  -8.142  1.681   1.00 0.00 ? 9  DC  A "H4'"  2 
ATOM   1111 H  "H3'"  . DC  A 1 9  ? -2.989  -10.249 1.910   1.00 0.00 ? 9  DC  A "H3'"  2 
ATOM   1112 H  "H2'"  . DC  A 1 9  ? -4.862  -8.883  1.642   1.00 0.00 ? 9  DC  A "H2'"  2 
ATOM   1113 H  "H2''" . DC  A 1 9  ? -4.698  -8.689  3.399   1.00 0.00 ? 9  DC  A "H2''" 2 
ATOM   1114 H  "H1'"  . DC  A 1 9  ? -3.316  -6.752  3.165   1.00 0.00 ? 9  DC  A "H1'"  2 
ATOM   1115 H  H41    . DC  A 1 9  ? -7.395  -2.375  0.760   1.00 0.00 ? 9  DC  A H41    2 
ATOM   1116 H  H42    . DC  A 1 9  ? -7.959  -3.483  -0.476  1.00 0.00 ? 9  DC  A H42    2 
ATOM   1117 H  H5     . DC  A 1 9  ? -7.173  -5.823  -0.627  1.00 0.00 ? 9  DC  A H5     2 
ATOM   1118 H  H6     . DC  A 1 9  ? -5.603  -7.401  0.247   1.00 0.00 ? 9  DC  A H6     2 
ATOM   1119 P  P      . DT  A 1 10 ? -2.600  -10.046 4.837   1.00 0.00 ? 10 DT  A P      2 
ATOM   1120 O  OP1    . DT  A 1 10 ? -1.394  -10.499 5.567   1.00 0.00 ? 10 DT  A OP1    2 
ATOM   1121 O  OP2    . DT  A 1 10 ? -3.645  -11.025 4.464   1.00 0.00 ? 10 DT  A OP2    2 
ATOM   1122 O  "O5'"  . DT  A 1 10 ? -3.292  -8.861  5.690   1.00 0.00 ? 10 DT  A "O5'"  2 
ATOM   1123 C  "C5'"  . DT  A 1 10 ? -2.520  -7.807  6.234   1.00 0.00 ? 10 DT  A "C5'"  2 
ATOM   1124 C  "C4'"  . DT  A 1 10 ? -3.429  -6.730  6.828   1.00 0.00 ? 10 DT  A "C4'"  2 
ATOM   1125 O  "O4'"  . DT  A 1 10 ? -4.314  -6.248  5.835   1.00 0.00 ? 10 DT  A "O4'"  2 
ATOM   1126 C  "C3'"  . DT  A 1 10 ? -4.286  -7.216  8.010   1.00 0.00 ? 10 DT  A "C3'"  2 
ATOM   1127 O  "O3'"  . DT  A 1 10 ? -3.936  -6.449  9.154   1.00 0.00 ? 10 DT  A "O3'"  2 
ATOM   1128 C  "C2'"  . DT  A 1 10 ? -5.715  -6.961  7.519   1.00 0.00 ? 10 DT  A "C2'"  2 
ATOM   1129 C  "C1'"  . DT  A 1 10 ? -5.503  -5.858  6.486   1.00 0.00 ? 10 DT  A "C1'"  2 
ATOM   1130 N  N1     . DT  A 1 10 ? -6.619  -5.724  5.507   1.00 0.00 ? 10 DT  A N1     2 
ATOM   1131 C  C2     . DT  A 1 10 ? -7.324  -4.521  5.452   1.00 0.00 ? 10 DT  A C2     2 
ATOM   1132 O  O2     . DT  A 1 10 ? -7.191  -3.620  6.273   1.00 0.00 ? 10 DT  A O2     2 
ATOM   1133 N  N3     . DT  A 1 10 ? -8.213  -4.374  4.400   1.00 0.00 ? 10 DT  A N3     2 
ATOM   1134 C  C4     . DT  A 1 10 ? -8.504  -5.324  3.434   1.00 0.00 ? 10 DT  A C4     2 
ATOM   1135 O  O4     . DT  A 1 10 ? -9.286  -5.049  2.527   1.00 0.00 ? 10 DT  A O4     2 
ATOM   1136 C  C5     . DT  A 1 10 ? -7.815  -6.590  3.623   1.00 0.00 ? 10 DT  A C5     2 
ATOM   1137 C  C7     . DT  A 1 10 ? -8.127  -7.759  2.710   1.00 0.00 ? 10 DT  A C7     2 
ATOM   1138 C  C6     . DT  A 1 10 ? -6.911  -6.742  4.625   1.00 0.00 ? 10 DT  A C6     2 
ATOM   1139 H  "H5'"  . DT  A 1 10 ? -1.915  -7.349  5.448   1.00 0.00 ? 10 DT  A "H5'"  2 
ATOM   1140 H  "H5''" . DT  A 1 10 ? -1.857  -8.190  7.010   1.00 0.00 ? 10 DT  A "H5''" 2 
ATOM   1141 H  "H4'"  . DT  A 1 10 ? -2.805  -5.895  7.152   1.00 0.00 ? 10 DT  A "H4'"  2 
ATOM   1142 H  "H3'"  . DT  A 1 10 ? -4.128  -8.278  8.205   1.00 0.00 ? 10 DT  A "H3'"  2 
ATOM   1143 H  "H2'"  . DT  A 1 10 ? -6.082  -7.868  7.038   1.00 0.00 ? 10 DT  A "H2'"  2 
ATOM   1144 H  "H2''" . DT  A 1 10 ? -6.405  -6.659  8.303   1.00 0.00 ? 10 DT  A "H2''" 2 
ATOM   1145 H  "H1'"  . DT  A 1 10 ? -5.298  -4.925  7.015   1.00 0.00 ? 10 DT  A "H1'"  2 
ATOM   1146 H  H3     . DT  A 1 10 ? -8.694  -3.489  4.331   1.00 0.00 ? 10 DT  A H3     2 
ATOM   1147 H  H71    . DT  A 1 10 ? -8.429  -7.405  1.724   1.00 0.00 ? 10 DT  A H71    2 
ATOM   1148 H  H72    . DT  A 1 10 ? -7.253  -8.400  2.598   1.00 0.00 ? 10 DT  A H72    2 
ATOM   1149 H  H73    . DT  A 1 10 ? -8.941  -8.340  3.142   1.00 0.00 ? 10 DT  A H73    2 
ATOM   1150 H  H6     . DT  A 1 10 ? -6.392  -7.683  4.724   1.00 0.00 ? 10 DT  A H6     2 
ATOM   1151 P  P      . DC  A 1 11 ? -4.603  -6.674  10.613  1.00 0.00 ? 11 DC  A P      2 
ATOM   1152 O  OP1    . DC  A 1 11 ? -3.639  -6.211  11.636  1.00 0.00 ? 11 DC  A OP1    2 
ATOM   1153 O  OP2    . DC  A 1 11 ? -5.139  -8.052  10.680  1.00 0.00 ? 11 DC  A OP2    2 
ATOM   1154 O  "O5'"  . DC  A 1 11 ? -5.849  -5.649  10.596  1.00 0.00 ? 11 DC  A "O5'"  2 
ATOM   1155 C  "C5'"  . DC  A 1 11 ? -5.649  -4.247  10.623  1.00 0.00 ? 11 DC  A "C5'"  2 
ATOM   1156 C  "C4'"  . DC  A 1 11 ? -6.948  -3.525  10.263  1.00 0.00 ? 11 DC  A "C4'"  2 
ATOM   1157 O  "O4'"  . DC  A 1 11 ? -7.437  -3.992  9.026   1.00 0.00 ? 11 DC  A "O4'"  2 
ATOM   1158 C  "C3'"  . DC  A 1 11 ? -8.104  -3.733  11.246  1.00 0.00 ? 11 DC  A "C3'"  2 
ATOM   1159 O  "O3'"  . DC  A 1 11 ? -8.091  -2.731  12.250  1.00 0.00 ? 11 DC  A "O3'"  2 
ATOM   1160 C  "C2'"  . DC  A 1 11 ? -9.337  -3.669  10.335  1.00 0.00 ? 11 DC  A "C2'"  2 
ATOM   1161 C  "C1'"  . DC  A 1 11 ? -8.760  -3.512  8.933   1.00 0.00 ? 11 DC  A "C1'"  2 
ATOM   1162 N  N1     . DC  A 1 11 ? -9.563  -4.239  7.914   1.00 0.00 ? 11 DC  A N1     2 
ATOM   1163 C  C2     . DC  A 1 11 ? -10.467 -3.511  7.137   1.00 0.00 ? 11 DC  A C2     2 
ATOM   1164 O  O2     . DC  A 1 11 ? -10.723 -2.339  7.397   1.00 0.00 ? 11 DC  A O2     2 
ATOM   1165 N  N3     . DC  A 1 11 ? -11.062 -4.131  6.079   1.00 0.00 ? 11 DC  A N3     2 
ATOM   1166 C  C4     . DC  A 1 11 ? -10.847 -5.435  5.828   1.00 0.00 ? 11 DC  A C4     2 
ATOM   1167 N  N4     . DC  A 1 11 ? -11.427 -5.995  4.758   1.00 0.00 ? 11 DC  A N4     2 
ATOM   1168 C  C5     . DC  A 1 11 ? -10.003 -6.226  6.680   1.00 0.00 ? 11 DC  A C5     2 
ATOM   1169 C  C6     . DC  A 1 11 ? -9.385  -5.587  7.702   1.00 0.00 ? 11 DC  A C6     2 
ATOM   1170 H  "H5'"  . DC  A 1 11 ? -4.893  -3.969  9.886   1.00 0.00 ? 11 DC  A "H5'"  2 
ATOM   1171 H  "H5''" . DC  A 1 11 ? -5.313  -3.934  11.613  1.00 0.00 ? 11 DC  A "H5''" 2 
ATOM   1172 H  "H4'"  . DC  A 1 11 ? -6.744  -2.456  10.171  1.00 0.00 ? 11 DC  A "H4'"  2 
ATOM   1173 H  "H3'"  . DC  A 1 11 ? -8.038  -4.727  11.690  1.00 0.00 ? 11 DC  A "H3'"  2 
ATOM   1174 H  "H2'"  . DC  A 1 11 ? -9.900  -4.597  10.427  1.00 0.00 ? 11 DC  A "H2'"  2 
ATOM   1175 H  "H2''" . DC  A 1 11 ? -9.976  -2.814  10.534  1.00 0.00 ? 11 DC  A "H2''" 2 
ATOM   1176 H  "H1'"  . DC  A 1 11 ? -8.682  -2.448  8.700   1.00 0.00 ? 11 DC  A "H1'"  2 
ATOM   1177 H  H41    . DC  A 1 11 ? -12.007 -5.431  4.150   1.00 0.00 ? 11 DC  A H41    2 
ATOM   1178 H  H42    . DC  A 1 11 ? -11.261 -6.967  4.541   1.00 0.00 ? 11 DC  A H42    2 
ATOM   1179 H  H5     . DC  A 1 11 ? -9.828  -7.283  6.529   1.00 0.00 ? 11 DC  A H5     2 
ATOM   1180 H  H6     . DC  A 1 11 ? -8.732  -6.148  8.350   1.00 0.00 ? 11 DC  A H6     2 
ATOM   1181 P  P      . DA  A 1 12 ? -9.210  -2.655  13.419  1.00 0.00 ? 12 DA  A P      2 
ATOM   1182 O  OP1    . DA  A 1 12 ? -8.661  -1.841  14.527  1.00 0.00 ? 12 DA  A OP1    2 
ATOM   1183 O  OP2    . DA  A 1 12 ? -9.696  -4.026  13.692  1.00 0.00 ? 12 DA  A OP2    2 
ATOM   1184 O  "O5'"  . DA  A 1 12 ? -10.418 -1.823  12.742  1.00 0.00 ? 12 DA  A "O5'"  2 
ATOM   1185 C  "C5'"  . DA  A 1 12 ? -10.261 -0.473  12.347  1.00 0.00 ? 12 DA  A "C5'"  2 
ATOM   1186 C  "C4'"  . DA  A 1 12 ? -11.527 0.036   11.648  1.00 0.00 ? 12 DA  A "C4'"  2 
ATOM   1187 O  "O4'"  . DA  A 1 12 ? -11.751 -0.709  10.459  1.00 0.00 ? 12 DA  A "O4'"  2 
ATOM   1188 C  "C3'"  . DA  A 1 12 ? -12.779 -0.097  12.527  1.00 0.00 ? 12 DA  A "C3'"  2 
ATOM   1189 O  "O3'"  . DA  A 1 12 ? -13.503 1.123   12.474  1.00 0.00 ? 12 DA  A "O3'"  2 
ATOM   1190 C  "C2'"  . DA  A 1 12 ? -13.516 -1.258  11.863  1.00 0.00 ? 12 DA  A "C2'"  2 
ATOM   1191 C  "C1'"  . DA  A 1 12 ? -13.117 -1.069  10.404  1.00 0.00 ? 12 DA  A "C1'"  2 
ATOM   1192 N  N9     . DA  A 1 12 ? -13.281 -2.309  9.611   1.00 0.00 ? 12 DA  A N9     2 
ATOM   1193 C  C8     . DA  A 1 12 ? -12.737 -3.548  9.849   1.00 0.00 ? 12 DA  A C8     2 
ATOM   1194 N  N7     . DA  A 1 12 ? -12.961 -4.424  8.910   1.00 0.00 ? 12 DA  A N7     2 
ATOM   1195 C  C5     . DA  A 1 12 ? -13.724 -3.724  7.987   1.00 0.00 ? 12 DA  A C5     2 
ATOM   1196 C  C6     . DA  A 1 12 ? -14.286 -4.083  6.743   1.00 0.00 ? 12 DA  A C6     2 
ATOM   1197 N  N6     . DA  A 1 12 ? -14.099 -5.288  6.192   1.00 0.00 ? 12 DA  A N6     2 
ATOM   1198 N  N1     . DA  A 1 12 ? -15.040 -3.172  6.096   1.00 0.00 ? 12 DA  A N1     2 
ATOM   1199 C  C2     . DA  A 1 12 ? -15.212 -1.971  6.642   1.00 0.00 ? 12 DA  A C2     2 
ATOM   1200 N  N3     . DA  A 1 12 ? -14.713 -1.504  7.785   1.00 0.00 ? 12 DA  A N3     2 
ATOM   1201 C  C4     . DA  A 1 12 ? -13.959 -2.442  8.421   1.00 0.00 ? 12 DA  A C4     2 
ATOM   1202 H  "H5'"  . DA  A 1 12 ? -9.420  -0.383  11.657  1.00 0.00 ? 12 DA  A "H5'"  2 
ATOM   1203 H  "H5''" . DA  A 1 12 ? -10.066 0.146   13.224  1.00 0.00 ? 12 DA  A "H5''" 2 
ATOM   1204 H  "H4'"  . DA  A 1 12 ? -11.371 1.082   11.379  1.00 0.00 ? 12 DA  A "H4'"  2 
ATOM   1205 H  "H3'"  . DA  A 1 12 ? -12.522 -0.330  13.563  1.00 0.00 ? 12 DA  A "H3'"  2 
ATOM   1206 H  "H2'"  . DA  A 1 12 ? -13.116 -2.194  12.251  1.00 0.00 ? 12 DA  A "H2'"  2 
ATOM   1207 H  "H2''" . DA  A 1 12 ? -14.595 -1.239  12.003  1.00 0.00 ? 12 DA  A "H2''" 2 
ATOM   1208 H  "H1'"  . DA  A 1 12 ? -13.687 -0.245  9.974   1.00 0.00 ? 12 DA  A "H1'"  2 
ATOM   1209 H  H8     . DA  A 1 12 ? -12.162 -3.779  10.732  1.00 0.00 ? 12 DA  A H8     2 
ATOM   1210 H  H61    . DA  A 1 12 ? -14.476 -5.498  5.276   1.00 0.00 ? 12 DA  A H61    2 
ATOM   1211 H  H62    . DA  A 1 12 ? -13.528 -5.973  6.667   1.00 0.00 ? 12 DA  A H62    2 
ATOM   1212 H  H2     . DA  A 1 12 ? -15.825 -1.282  6.079   1.00 0.00 ? 12 DA  A H2     2 
ATOM   1213 P  P      . DC  A 1 13 ? -14.899 1.349   13.261  1.00 0.00 ? 13 DC  A P      2 
ATOM   1214 O  OP1    . DC  A 1 13 ? -15.032 2.793   13.560  1.00 0.00 ? 13 DC  A OP1    2 
ATOM   1215 O  OP2    . DC  A 1 13 ? -14.989 0.361   14.360  1.00 0.00 ? 13 DC  A OP2    2 
ATOM   1216 O  "O5'"  . DC  A 1 13 ? -15.997 0.961   12.145  1.00 0.00 ? 13 DC  A "O5'"  2 
ATOM   1217 C  "C5'"  . DC  A 1 13 ? -16.205 1.778   11.007  1.00 0.00 ? 13 DC  A "C5'"  2 
ATOM   1218 C  "C4'"  . DC  A 1 13 ? -17.208 1.117   10.060  1.00 0.00 ? 13 DC  A "C4'"  2 
ATOM   1219 O  "O4'"  . DC  A 1 13 ? -16.710 -0.132  9.619   1.00 0.00 ? 13 DC  A "O4'"  2 
ATOM   1220 C  "C3'"  . DC  A 1 13 ? -18.579 0.850   10.703  1.00 0.00 ? 13 DC  A "C3'"  2 
ATOM   1221 O  "O3'"  . DC  A 1 13 ? -19.592 1.532   9.991   1.00 0.00 ? 13 DC  A "O3'"  2 
ATOM   1222 C  "C2'"  . DC  A 1 13 ? -18.759 -0.657  10.539  1.00 0.00 ? 13 DC  A "C2'"  2 
ATOM   1223 C  "C1'"  . DC  A 1 13 ? -17.835 -0.941  9.358   1.00 0.00 ? 13 DC  A "C1'"  2 
ATOM   1224 N  N1     . DC  A 1 13 ? -17.462 -2.379  9.242   1.00 0.00 ? 13 DC  A N1     2 
ATOM   1225 C  C2     . DC  A 1 13 ? -17.857 -3.093  8.106   1.00 0.00 ? 13 DC  A C2     2 
ATOM   1226 O  O2     . DC  A 1 13 ? -18.575 -2.575  7.256   1.00 0.00 ? 13 DC  A O2     2 
ATOM   1227 N  N3     . DC  A 1 13 ? -17.428 -4.380  7.955   1.00 0.00 ? 13 DC  A N3     2 
ATOM   1228 C  C4     . DC  A 1 13 ? -16.666 -4.967  8.897   1.00 0.00 ? 13 DC  A C4     2 
ATOM   1229 N  N4     . DC  A 1 13 ? -16.246 -6.225  8.707   1.00 0.00 ? 13 DC  A N4     2 
ATOM   1230 C  C5     . DC  A 1 13 ? -16.280 -4.265  10.091  1.00 0.00 ? 13 DC  A C5     2 
ATOM   1231 C  C6     . DC  A 1 13 ? -16.695 -2.982  10.211  1.00 0.00 ? 13 DC  A C6     2 
ATOM   1232 H  "H5'"  . DC  A 1 13 ? -15.263 1.921   10.475  1.00 0.00 ? 13 DC  A "H5'"  2 
ATOM   1233 H  "H5''" . DC  A 1 13 ? -16.592 2.749   11.315  1.00 0.00 ? 13 DC  A "H5''" 2 
ATOM   1234 H  "H4'"  . DC  A 1 13 ? -17.334 1.759   9.186   1.00 0.00 ? 13 DC  A "H4'"  2 
ATOM   1235 H  "H3'"  . DC  A 1 13 ? -18.615 1.134   11.754  1.00 0.00 ? 13 DC  A "H3'"  2 
ATOM   1236 H  "H2'"  . DC  A 1 13 ? -18.400 -1.159  11.439  1.00 0.00 ? 13 DC  A "H2'"  2 
ATOM   1237 H  "H2''" . DC  A 1 13 ? -19.791 -0.942  10.335  1.00 0.00 ? 13 DC  A "H2''" 2 
ATOM   1238 H  "H1'"  . DC  A 1 13 ? -18.307 -0.554  8.454   1.00 0.00 ? 13 DC  A "H1'"  2 
ATOM   1239 H  H41    . DC  A 1 13 ? -16.490 -6.713  7.858   1.00 0.00 ? 13 DC  A H41    2 
ATOM   1240 H  H42    . DC  A 1 13 ? -15.656 -6.671  9.395   1.00 0.00 ? 13 DC  A H42    2 
ATOM   1241 H  H5     . DC  A 1 13 ? -15.670 -4.702  10.867  1.00 0.00 ? 13 DC  A H5     2 
ATOM   1242 H  H6     . DC  A 1 13 ? -16.408 -2.421  11.088  1.00 0.00 ? 13 DC  A H6     2 
ATOM   1243 P  P      . DG  B 2 1  ? -20.095 -12.027 -0.040  1.00 0.00 ? 14 DG  B P      2 
ATOM   1244 O  OP1    . DG  B 2 1  ? -20.632 -12.601 -1.294  1.00 0.00 ? 14 DG  B OP1    2 
ATOM   1245 O  OP2    . DG  B 2 1  ? -18.670 -12.221 0.308   1.00 0.00 ? 14 DG  B OP2    2 
ATOM   1246 O  "O5'"  . DG  B 2 1  ? -20.400 -10.444 -0.035  1.00 0.00 ? 14 DG  B "O5'"  2 
ATOM   1247 C  "C5'"  . DG  B 2 1  ? -21.717 -9.946  -0.161  1.00 0.00 ? 14 DG  B "C5'"  2 
ATOM   1248 C  "C4'"  . DG  B 2 1  ? -21.719 -8.418  -0.052  1.00 0.00 ? 14 DG  B "C4'"  2 
ATOM   1249 O  "O4'"  . DG  B 2 1  ? -21.199 -8.045  1.215   1.00 0.00 ? 14 DG  B "O4'"  2 
ATOM   1250 C  "C3'"  . DG  B 2 1  ? -20.857 -7.747  -1.131  1.00 0.00 ? 14 DG  B "C3'"  2 
ATOM   1251 O  "O3'"  . DG  B 2 1  ? -21.547 -6.603  -1.612  1.00 0.00 ? 14 DG  B "O3'"  2 
ATOM   1252 C  "C2'"  . DG  B 2 1  ? -19.589 -7.396  -0.356  1.00 0.00 ? 14 DG  B "C2'"  2 
ATOM   1253 C  "C1'"  . DG  B 2 1  ? -20.157 -7.108  1.030   1.00 0.00 ? 14 DG  B "C1'"  2 
ATOM   1254 N  N9     . DG  B 2 1  ? -19.143 -7.271  2.098   1.00 0.00 ? 14 DG  B N9     2 
ATOM   1255 C  C8     . DG  B 2 1  ? -18.349 -8.360  2.363   1.00 0.00 ? 14 DG  B C8     2 
ATOM   1256 N  N7     . DG  B 2 1  ? -17.601 -8.233  3.422   1.00 0.00 ? 14 DG  B N7     2 
ATOM   1257 C  C5     . DG  B 2 1  ? -17.923 -6.972  3.907   1.00 0.00 ? 14 DG  B C5     2 
ATOM   1258 C  C6     . DG  B 2 1  ? -17.442 -6.292  5.064   1.00 0.00 ? 14 DG  B C6     2 
ATOM   1259 O  O6     . DG  B 2 1  ? -16.598 -6.685  5.862   1.00 0.00 ? 14 DG  B O6     2 
ATOM   1260 N  N1     . DG  B 2 1  ? -18.044 -5.045  5.247   1.00 0.00 ? 14 DG  B N1     2 
ATOM   1261 C  C2     . DG  B 2 1  ? -18.961 -4.494  4.359   1.00 0.00 ? 14 DG  B C2     2 
ATOM   1262 N  N2     . DG  B 2 1  ? -19.385 -3.246  4.591   1.00 0.00 ? 14 DG  B N2     2 
ATOM   1263 N  N3     . DG  B 2 1  ? -19.418 -5.143  3.273   1.00 0.00 ? 14 DG  B N3     2 
ATOM   1264 C  C4     . DG  B 2 1  ? -18.867 -6.375  3.106   1.00 0.00 ? 14 DG  B C4     2 
ATOM   1265 H  "H5'"  . DG  B 2 1  ? -22.341 -10.358 0.634   1.00 0.00 ? 14 DG  B "H5'"  2 
ATOM   1266 H  "H5''" . DG  B 2 1  ? -22.134 -10.238 -1.126  1.00 0.00 ? 14 DG  B "H5''" 2 
ATOM   1267 H  "H4'"  . DG  B 2 1  ? -22.751 -8.072  -0.130  1.00 0.00 ? 14 DG  B "H4'"  2 
ATOM   1268 H  "H3'"  . DG  B 2 1  ? -20.646 -8.428  -1.957  1.00 0.00 ? 14 DG  B "H3'"  2 
ATOM   1269 H  "H2'"  . DG  B 2 1  ? -18.938 -8.270  -0.334  1.00 0.00 ? 14 DG  B "H2'"  2 
ATOM   1270 H  "H2''" . DG  B 2 1  ? -19.036 -6.550  -0.761  1.00 0.00 ? 14 DG  B "H2''" 2 
ATOM   1271 H  "H1'"  . DG  B 2 1  ? -20.584 -6.104  1.036   1.00 0.00 ? 14 DG  B "H1'"  2 
ATOM   1272 H  H8     . DG  B 2 1  ? -18.344 -9.252  1.755   1.00 0.00 ? 14 DG  B H8     2 
ATOM   1273 H  H1     . DG  B 2 1  ? -17.774 -4.535  6.088   1.00 0.00 ? 14 DG  B H1     2 
ATOM   1274 H  H21    . DG  B 2 1  ? -19.021 -2.723  5.374   1.00 0.00 ? 14 DG  B H21    2 
ATOM   1275 H  H22    . DG  B 2 1  ? -20.038 -2.812  3.955   1.00 0.00 ? 14 DG  B H22    2 
ATOM   1276 P  P      . DT  B 2 2  ? -20.950 -5.641  -2.767  1.00 0.00 ? 15 DT  B P      2 
ATOM   1277 O  OP1    . DT  B 2 2  ? -22.086 -4.977  -3.446  1.00 0.00 ? 15 DT  B OP1    2 
ATOM   1278 O  OP2    . DT  B 2 2  ? -19.967 -6.409  -3.562  1.00 0.00 ? 15 DT  B OP2    2 
ATOM   1279 O  "O5'"  . DT  B 2 2  ? -20.152 -4.528  -1.915  1.00 0.00 ? 15 DT  B "O5'"  2 
ATOM   1280 C  "C5'"  . DT  B 2 2  ? -20.839 -3.558  -1.149  1.00 0.00 ? 15 DT  B "C5'"  2 
ATOM   1281 C  "C4'"  . DT  B 2 2  ? -19.858 -2.775  -0.276  1.00 0.00 ? 15 DT  B "C4'"  2 
ATOM   1282 O  "O4'"  . DT  B 2 2  ? -19.153 -3.635  0.593   1.00 0.00 ? 15 DT  B "O4'"  2 
ATOM   1283 C  "C3'"  . DT  B 2 2  ? -18.783 -2.011  -1.053  1.00 0.00 ? 15 DT  B "C3'"  2 
ATOM   1284 O  "O3'"  . DT  B 2 2  ? -19.243 -0.704  -1.356  1.00 0.00 ? 15 DT  B "O3'"  2 
ATOM   1285 C  "C2'"  . DT  B 2 2  ? -17.584 -2.051  -0.098  1.00 0.00 ? 15 DT  B "C2'"  2 
ATOM   1286 C  "C1'"  . DT  B 2 2  ? -18.081 -2.867  1.094   1.00 0.00 ? 15 DT  B "C1'"  2 
ATOM   1287 N  N1     . DT  B 2 2  ? -17.002 -3.709  1.673   1.00 0.00 ? 15 DT  B N1     2 
ATOM   1288 C  C2     . DT  B 2 2  ? -16.346 -3.251  2.817   1.00 0.00 ? 15 DT  B C2     2 
ATOM   1289 O  O2     . DT  B 2 2  ? -16.582 -2.163  3.340   1.00 0.00 ? 15 DT  B O2     2 
ATOM   1290 N  N3     . DT  B 2 2  ? -15.389 -4.101  3.352   1.00 0.00 ? 15 DT  B N3     2 
ATOM   1291 C  C4     . DT  B 2 2  ? -15.012 -5.336  2.841   1.00 0.00 ? 15 DT  B C4     2 
ATOM   1292 O  O4     . DT  B 2 2  ? -14.157 -6.004  3.419   1.00 0.00 ? 15 DT  B O4     2 
ATOM   1293 C  C5     . DT  B 2 2  ? -15.704 -5.714  1.623   1.00 0.00 ? 15 DT  B C5     2 
ATOM   1294 C  C7     . DT  B 2 2  ? -15.363 -7.028  0.945   1.00 0.00 ? 15 DT  B C7     2 
ATOM   1295 C  C6     . DT  B 2 2  ? -16.654 -4.906  1.090   1.00 0.00 ? 15 DT  B C6     2 
ATOM   1296 H  "H5'"  . DT  B 2 2  ? -21.565 -4.046  -0.498  1.00 0.00 ? 15 DT  B "H5'"  2 
ATOM   1297 H  "H5''" . DT  B 2 2  ? -21.364 -2.867  -1.810  1.00 0.00 ? 15 DT  B "H5''" 2 
ATOM   1298 H  "H4'"  . DT  B 2 2  ? -20.423 -2.069  0.338   1.00 0.00 ? 15 DT  B "H4'"  2 
ATOM   1299 H  "H3'"  . DT  B 2 2  ? -18.526 -2.545  -1.969  1.00 0.00 ? 15 DT  B "H3'"  2 
ATOM   1300 H  "H2'"  . DT  B 2 2  ? -16.747 -2.547  -0.592  1.00 0.00 ? 15 DT  B "H2'"  2 
ATOM   1301 H  "H2''" . DT  B 2 2  ? -17.276 -1.071  0.253   1.00 0.00 ? 15 DT  B "H2''" 2 
ATOM   1302 H  "H1'"  . DT  B 2 2  ? -18.503 -2.186  1.835   1.00 0.00 ? 15 DT  B "H1'"  2 
ATOM   1303 H  H3     . DT  B 2 2  ? -14.924 -3.788  4.195   1.00 0.00 ? 15 DT  B H3     2 
ATOM   1304 H  H71    . DT  B 2 2  ? -16.193 -7.367  0.324   1.00 0.00 ? 15 DT  B H71    2 
ATOM   1305 H  H72    . DT  B 2 2  ? -14.481 -6.891  0.320   1.00 0.00 ? 15 DT  B H72    2 
ATOM   1306 H  H73    . DT  B 2 2  ? -15.157 -7.792  1.695   1.00 0.00 ? 15 DT  B H73    2 
ATOM   1307 H  H6     . DT  B 2 2  ? -17.153 -5.209  0.181   1.00 0.00 ? 15 DT  B H6     2 
ATOM   1308 P  P      . DG  B 2 3  ? -18.329 0.395   -2.120  1.00 0.00 ? 16 DG  B P      2 
ATOM   1309 O  OP1    . DG  B 2 3  ? -19.231 1.403   -2.721  1.00 0.00 ? 16 DG  B OP1    2 
ATOM   1310 O  OP2    . DG  B 2 3  ? -17.352 -0.317  -2.974  1.00 0.00 ? 16 DG  B OP2    2 
ATOM   1311 O  "O5'"  . DG  B 2 3  ? -17.523 1.102   -0.913  1.00 0.00 ? 16 DG  B "O5'"  2 
ATOM   1312 C  "C5'"  . DG  B 2 3  ? -18.202 1.808   0.109   1.00 0.00 ? 16 DG  B "C5'"  2 
ATOM   1313 C  "C4'"  . DG  B 2 3  ? -17.231 2.188   1.230   1.00 0.00 ? 16 DG  B "C4'"  2 
ATOM   1314 O  "O4'"  . DG  B 2 3  ? -16.635 1.017   1.765   1.00 0.00 ? 16 DG  B "O4'"  2 
ATOM   1315 C  "C3'"  . DG  B 2 3  ? -16.102 3.122   0.764   1.00 0.00 ? 16 DG  B "C3'"  2 
ATOM   1316 O  "O3'"  . DG  B 2 3  ? -16.070 4.235   1.646   1.00 0.00 ? 16 DG  B "O3'"  2 
ATOM   1317 C  "C2'"  . DG  B 2 3  ? -14.869 2.225   0.867   1.00 0.00 ? 16 DG  B "C2'"  2 
ATOM   1318 C  "C1'"  . DG  B 2 3  ? -15.266 1.278   1.994   1.00 0.00 ? 16 DG  B "C1'"  2 
ATOM   1319 N  N9     . DG  B 2 3  ? -14.492 0.015   1.960   1.00 0.00 ? 16 DG  B N9     2 
ATOM   1320 C  C8     . DG  B 2 3  ? -14.392 -0.898  0.940   1.00 0.00 ? 16 DG  B C8     2 
ATOM   1321 N  N7     . DG  B 2 3  ? -13.698 -1.961  1.236   1.00 0.00 ? 16 DG  B N7     2 
ATOM   1322 C  C5     . DG  B 2 3  ? -13.297 -1.739  2.547   1.00 0.00 ? 16 DG  B C5     2 
ATOM   1323 C  C6     . DG  B 2 3  ? -12.533 -2.572  3.419   1.00 0.00 ? 16 DG  B C6     2 
ATOM   1324 O  O6     . DG  B 2 3  ? -12.068 -3.681  3.180   1.00 0.00 ? 16 DG  B O6     2 
ATOM   1325 N  N1     . DG  B 2 3  ? -12.332 -1.991  4.670   1.00 0.00 ? 16 DG  B N1     2 
ATOM   1326 C  C2     . DG  B 2 3  ? -12.804 -0.735  5.031   1.00 0.00 ? 16 DG  B C2     2 
ATOM   1327 N  N2     . DG  B 2 3  ? -12.477 -0.278  6.245   1.00 0.00 ? 16 DG  B N2     2 
ATOM   1328 N  N3     . DG  B 2 3  ? -13.550 0.033   4.218   1.00 0.00 ? 16 DG  B N3     2 
ATOM   1329 C  C4     . DG  B 2 3  ? -13.763 -0.525  2.994   1.00 0.00 ? 16 DG  B C4     2 
ATOM   1330 H  "H5'"  . DG  B 2 3  ? -18.985 1.180   0.536   1.00 0.00 ? 16 DG  B "H5'"  2 
ATOM   1331 H  "H5''" . DG  B 2 3  ? -18.656 2.710   -0.301  1.00 0.00 ? 16 DG  B "H5''" 2 
ATOM   1332 H  "H4'"  . DG  B 2 3  ? -17.804 2.672   2.023   1.00 0.00 ? 16 DG  B "H4'"  2 
ATOM   1333 H  "H3'"  . DG  B 2 3  ? -16.254 3.466   -0.260  1.00 0.00 ? 16 DG  B "H3'"  2 
ATOM   1334 H  "H2'"  . DG  B 2 3  ? -14.764 1.675   -0.069  1.00 0.00 ? 16 DG  B "H2'"  2 
ATOM   1335 H  "H2''" . DG  B 2 3  ? -13.944 2.754   1.084   1.00 0.00 ? 16 DG  B "H2''" 2 
ATOM   1336 H  "H1'"  . DG  B 2 3  ? -15.155 1.790   2.951   1.00 0.00 ? 16 DG  B "H1'"  2 
ATOM   1337 H  H8     . DG  B 2 3  ? -14.856 -0.758  -0.025  1.00 0.00 ? 16 DG  B H8     2 
ATOM   1338 H  H1     . DG  B 2 3  ? -11.805 -2.540  5.343   1.00 0.00 ? 16 DG  B H1     2 
ATOM   1339 H  H21    . DG  B 2 3  ? -11.909 -0.842  6.862   1.00 0.00 ? 16 DG  B H21    2 
ATOM   1340 H  H22    . DG  B 2 3  ? -12.791 0.634   6.540   1.00 0.00 ? 16 DG  B H22    2 
ATOM   1341 P  P      . DA  B 2 4  ? -14.956 5.403   1.560   1.00 0.00 ? 17 DA  B P      2 
ATOM   1342 O  OP1    . DA  B 2 4  ? -15.588 6.674   1.979   1.00 0.00 ? 17 DA  B OP1    2 
ATOM   1343 O  OP2    . DA  B 2 4  ? -14.273 5.319   0.250   1.00 0.00 ? 17 DA  B OP2    2 
ATOM   1344 O  "O5'"  . DA  B 2 4  ? -13.917 4.951   2.710   1.00 0.00 ? 17 DA  B "O5'"  2 
ATOM   1345 C  "C5'"  . DA  B 2 4  ? -14.314 4.899   4.068   1.00 0.00 ? 17 DA  B "C5'"  2 
ATOM   1346 C  "C4'"  . DA  B 2 4  ? -13.158 4.419   4.947   1.00 0.00 ? 17 DA  B "C4'"  2 
ATOM   1347 O  "O4'"  . DA  B 2 4  ? -12.751 3.123   4.544   1.00 0.00 ? 17 DA  B "O4'"  2 
ATOM   1348 C  "C3'"  . DA  B 2 4  ? -11.931 5.341   4.880   1.00 0.00 ? 17 DA  B "C3'"  2 
ATOM   1349 O  "O3'"  . DA  B 2 4  ? -11.601 5.725   6.206   1.00 0.00 ? 17 DA  B "O3'"  2 
ATOM   1350 C  "C2'"  . DA  B 2 4  ? -10.880 4.448   4.218   1.00 0.00 ? 17 DA  B "C2'"  2 
ATOM   1351 C  "C1'"  . DA  B 2 4  ? -11.344 3.059   4.642   1.00 0.00 ? 17 DA  B "C1'"  2 
ATOM   1352 N  N9     . DA  B 2 4  ? -10.839 1.986   3.756   1.00 0.00 ? 17 DA  B N9     2 
ATOM   1353 C  C8     . DA  B 2 4  ? -11.097 1.793   2.420   1.00 0.00 ? 17 DA  B C8     2 
ATOM   1354 N  N7     . DA  B 2 4  ? -10.684 0.650   1.952   1.00 0.00 ? 17 DA  B N7     2 
ATOM   1355 C  C5     . DA  B 2 4  ? -10.097 0.036   3.051   1.00 0.00 ? 17 DA  B C5     2 
ATOM   1356 C  C6     . DA  B 2 4  ? -9.519  -1.237  3.245   1.00 0.00 ? 17 DA  B C6     2 
ATOM   1357 N  N6     . DA  B 2 4  ? -9.463  -2.164  2.280   1.00 0.00 ? 17 DA  B N6     2 
ATOM   1358 N  N1     . DA  B 2 4  ? -9.043  -1.538  4.470   1.00 0.00 ? 17 DA  B N1     2 
ATOM   1359 C  C2     . DA  B 2 4  ? -9.140  -0.636  5.445   1.00 0.00 ? 17 DA  B C2     2 
ATOM   1360 N  N3     . DA  B 2 4  ? -9.684  0.577   5.396   1.00 0.00 ? 17 DA  B N3     2 
ATOM   1361 C  C4     . DA  B 2 4  ? -10.157 0.858   4.151   1.00 0.00 ? 17 DA  B C4     2 
ATOM   1362 H  "H5'"  . DA  B 2 4  ? -15.150 4.208   4.183   1.00 0.00 ? 17 DA  B "H5'"  2 
ATOM   1363 H  "H5''" . DA  B 2 4  ? -14.625 5.890   4.403   1.00 0.00 ? 17 DA  B "H5''" 2 
ATOM   1364 H  "H4'"  . DA  B 2 4  ? -13.516 4.357   5.977   1.00 0.00 ? 17 DA  B "H4'"  2 
ATOM   1365 H  "H3'"  . DA  B 2 4  ? -12.125 6.228   4.274   1.00 0.00 ? 17 DA  B "H3'"  2 
ATOM   1366 H  "H2'"  . DA  B 2 4  ? -10.964 4.553   3.135   1.00 0.00 ? 17 DA  B "H2'"  2 
ATOM   1367 H  "H2''" . DA  B 2 4  ? -9.857  4.654   4.528   1.00 0.00 ? 17 DA  B "H2''" 2 
ATOM   1368 H  "H1'"  . DA  B 2 4  ? -11.066 2.885   5.683   1.00 0.00 ? 17 DA  B "H1'"  2 
ATOM   1369 H  H8     . DA  B 2 4  ? -11.624 2.515   1.813   1.00 0.00 ? 17 DA  B H8     2 
ATOM   1370 H  H61    . DA  B 2 4  ? -9.136  -3.102  2.483   1.00 0.00 ? 17 DA  B H61    2 
ATOM   1371 H  H62    . DA  B 2 4  ? -9.829  -1.952  1.364   1.00 0.00 ? 17 DA  B H62    2 
ATOM   1372 H  H2     . DA  B 2 4  ? -8.728  -0.927  6.399   1.00 0.00 ? 17 DA  B H2     2 
ATOM   1373 P  P      . DG  B 2 5  ? -10.350 6.684   6.564   1.00 0.00 ? 18 DG  B P      2 
ATOM   1374 O  OP1    . DG  B 2 5  ? -10.668 7.413   7.813   1.00 0.00 ? 18 DG  B OP1    2 
ATOM   1375 O  OP2    . DG  B 2 5  ? -9.963  7.438   5.350   1.00 0.00 ? 18 DG  B OP2    2 
ATOM   1376 O  "O5'"  . DG  B 2 5  ? -9.188  5.615   6.888   1.00 0.00 ? 18 DG  B "O5'"  2 
ATOM   1377 C  "C5'"  . DG  B 2 5  ? -9.268  4.765   8.017   1.00 0.00 ? 18 DG  B "C5'"  2 
ATOM   1378 C  "C4'"  . DG  B 2 5  ? -8.165  3.708   7.947   1.00 0.00 ? 18 DG  B "C4'"  2 
ATOM   1379 O  "O4'"  . DG  B 2 5  ? -8.253  2.997   6.731   1.00 0.00 ? 18 DG  B "O4'"  2 
ATOM   1380 C  "C3'"  . DG  B 2 5  ? -6.745  4.284   8.020   1.00 0.00 ? 18 DG  B "C3'"  2 
ATOM   1381 O  "O3'"  . DG  B 2 5  ? -6.234  4.105   9.333   1.00 0.00 ? 18 DG  B "O3'"  2 
ATOM   1382 C  "C2'"  . DG  B 2 5  ? -5.996  3.491   6.945   1.00 0.00 ? 18 DG  B "C2'"  2 
ATOM   1383 C  "C1'"  . DG  B 2 5  ? -6.989  2.414   6.520   1.00 0.00 ? 18 DG  B "C1'"  2 
ATOM   1384 N  N9     . DG  B 2 5  ? -6.832  2.019   5.100   1.00 0.00 ? 18 DG  B N9     2 
ATOM   1385 C  C8     . DG  B 2 5  ? -7.237  2.691   3.974   1.00 0.00 ? 18 DG  B C8     2 
ATOM   1386 N  N7     . DG  B 2 5  ? -7.164  1.991   2.877   1.00 0.00 ? 18 DG  B N7     2 
ATOM   1387 C  C5     . DG  B 2 5  ? -6.655  0.765   3.293   1.00 0.00 ? 18 DG  B C5     2 
ATOM   1388 C  C6     . DG  B 2 5  ? -6.412  -0.435  2.554   1.00 0.00 ? 18 DG  B C6     2 
ATOM   1389 O  O6     . DG  B 2 5  ? -6.597  -0.640  1.357   1.00 0.00 ? 18 DG  B O6     2 
ATOM   1390 N  N1     . DG  B 2 5  ? -5.903  -1.455  3.355   1.00 0.00 ? 18 DG  B N1     2 
ATOM   1391 C  C2     . DG  B 2 5  ? -5.598  -1.313  4.701   1.00 0.00 ? 18 DG  B C2     2 
ATOM   1392 N  N2     . DG  B 2 5  ? -4.980  -2.338  5.299   1.00 0.00 ? 18 DG  B N2     2 
ATOM   1393 N  N3     . DG  B 2 5  ? -5.861  -0.200  5.404   1.00 0.00 ? 18 DG  B N3     2 
ATOM   1394 C  C4     . DG  B 2 5  ? -6.398  0.795   4.645   1.00 0.00 ? 18 DG  B C4     2 
ATOM   1395 H  "H5'"  . DG  B 2 5  ? -10.232 4.252   8.028   1.00 0.00 ? 18 DG  B "H5'"  2 
ATOM   1396 H  "H5''" . DG  B 2 5  ? -9.163  5.346   8.933   1.00 0.00 ? 18 DG  B "H5''" 2 
ATOM   1397 H  "H4'"  . DG  B 2 5  ? -8.303  2.996   8.763   1.00 0.00 ? 18 DG  B "H4'"  2 
ATOM   1398 H  "H3'"  . DG  B 2 5  ? -6.744  5.344   7.757   1.00 0.00 ? 18 DG  B "H3'"  2 
ATOM   1399 H  "H2'"  . DG  B 2 5  ? -5.780  4.152   6.106   1.00 0.00 ? 18 DG  B "H2'"  2 
ATOM   1400 H  "H2''" . DG  B 2 5  ? -5.086  3.026   7.310   1.00 0.00 ? 18 DG  B "H2''" 2 
ATOM   1401 H  "H1'"  . DG  B 2 5  ? -6.891  1.550   7.179   1.00 0.00 ? 18 DG  B "H1'"  2 
ATOM   1402 H  H8     . DG  B 2 5  ? -7.614  3.702   4.000   1.00 0.00 ? 18 DG  B H8     2 
ATOM   1403 H  H1     . DG  B 2 5  ? -5.750  -2.354  2.910   1.00 0.00 ? 18 DG  B H1     2 
ATOM   1404 H  H21    . DG  B 2 5  ? -4.788  -3.184  4.782   1.00 0.00 ? 18 DG  B H21    2 
ATOM   1405 H  H22    . DG  B 2 5  ? -4.750  -2.283  6.280   1.00 0.00 ? 18 DG  B H22    2 
ATOM   1406 P  P      . DC  B 2 6  ? -4.753  4.586   9.782   1.00 0.00 ? 19 DC  B P      2 
ATOM   1407 O  OP1    . DC  B 2 6  ? -4.775  4.840   11.240  1.00 0.00 ? 19 DC  B OP1    2 
ATOM   1408 O  OP2    . DC  B 2 6  ? -4.301  5.651   8.859   1.00 0.00 ? 19 DC  B OP2    2 
ATOM   1409 O  "O5'"  . DC  B 2 6  ? -3.843  3.278   9.518   1.00 0.00 ? 19 DC  B "O5'"  2 
ATOM   1410 C  "C5'"  . DC  B 2 6  ? -4.074  2.060   10.201  1.00 0.00 ? 19 DC  B "C5'"  2 
ATOM   1411 C  "C4'"  . DC  B 2 6  ? -3.214  0.945   9.592   1.00 0.00 ? 19 DC  B "C4'"  2 
ATOM   1412 O  "O4'"  . DC  B 2 6  ? -3.465  0.905   8.197   1.00 0.00 ? 19 DC  B "O4'"  2 
ATOM   1413 C  "C3'"  . DC  B 2 6  ? -1.710  1.167   9.802   1.00 0.00 ? 19 DC  B "C3'"  2 
ATOM   1414 O  "O3'"  . DC  B 2 6  ? -1.083  -0.073  10.092  1.00 0.00 ? 19 DC  B "O3'"  2 
ATOM   1415 C  "C2'"  . DC  B 2 6  ? -1.257  1.717   8.452   1.00 0.00 ? 19 DC  B "C2'"  2 
ATOM   1416 C  "C1'"  . DC  B 2 6  ? -2.249  1.052   7.492   1.00 0.00 ? 19 DC  B "C1'"  2 
ATOM   1417 N  N1     . DC  B 2 6  ? -2.513  1.785   6.213   1.00 0.00 ? 19 DC  B N1     2 
ATOM   1418 C  C2     . DC  B 2 6  ? -2.763  1.026   5.062   1.00 0.00 ? 19 DC  B C2     2 
ATOM   1419 O  O2     . DC  B 2 6  ? -2.553  -0.183  5.045   1.00 0.00 ? 19 DC  B O2     2 
ATOM   1420 N  N3     . DC  B 2 6  ? -3.247  1.657   3.951   1.00 0.00 ? 19 DC  B N3     2 
ATOM   1421 C  C4     . DC  B 2 6  ? -3.457  2.985   3.942   1.00 0.00 ? 19 DC  B C4     2 
ATOM   1422 N  N4     . DC  B 2 6  ? -3.979  3.568   2.855   1.00 0.00 ? 19 DC  B N4     2 
ATOM   1423 C  C5     . DC  B 2 6  ? -3.160  3.793   5.090   1.00 0.00 ? 19 DC  B C5     2 
ATOM   1424 C  C6     . DC  B 2 6  ? -2.704  3.151   6.191   1.00 0.00 ? 19 DC  B C6     2 
ATOM   1425 H  "H5'"  . DC  B 2 6  ? -5.121  1.777   10.098  1.00 0.00 ? 19 DC  B "H5'"  2 
ATOM   1426 H  "H5''" . DC  B 2 6  ? -3.841  2.170   11.260  1.00 0.00 ? 19 DC  B "H5''" 2 
ATOM   1427 H  "H4'"  . DC  B 2 6  ? -3.516  -0.002  10.043  1.00 0.00 ? 19 DC  B "H4'"  2 
ATOM   1428 H  "H3'"  . DC  B 2 6  ? -1.533  1.880   10.609  1.00 0.00 ? 19 DC  B "H3'"  2 
ATOM   1429 H  "H2'"  . DC  B 2 6  ? -1.347  2.799   8.493   1.00 0.00 ? 19 DC  B "H2'"  2 
ATOM   1430 H  "H2''" . DC  B 2 6  ? -0.229  1.450   8.203   1.00 0.00 ? 19 DC  B "H2''" 2 
ATOM   1431 H  "H1'"  . DC  B 2 6  ? -1.861  0.048   7.314   1.00 0.00 ? 19 DC  B "H1'"  2 
ATOM   1432 H  H41    . DC  B 2 6  ? -4.216  3.010   2.045   1.00 0.00 ? 19 DC  B H41    2 
ATOM   1433 H  H42    . DC  B 2 6  ? -4.128  4.567   2.844   1.00 0.00 ? 19 DC  B H42    2 
ATOM   1434 H  H5     . DC  B 2 6  ? -3.307  4.864   5.121   1.00 0.00 ? 19 DC  B H5     2 
ATOM   1435 H  H6     . DC  B 2 6  ? -2.548  3.750   7.072   1.00 0.00 ? 19 DC  B H6     2 
ATOM   1436 P  P      . DA  B 2 7  ? 0.403   -0.157  10.736  1.00 0.00 ? 20 DA  B P      2 
ATOM   1437 O  OP1    . DA  B 2 7  ? 0.277   -0.670  12.119  1.00 0.00 ? 20 DA  B OP1    2 
ATOM   1438 O  OP2    . DA  B 2 7  ? 1.095   1.128   10.492  1.00 0.00 ? 20 DA  B OP2    2 
ATOM   1439 O  "O5'"  . DA  B 2 7  ? 1.126   -1.284  9.832   1.00 0.00 ? 20 DA  B "O5'"  2 
ATOM   1440 C  "C5'"  . DA  B 2 7  ? 0.820   -2.660  9.971   1.00 0.00 ? 20 DA  B "C5'"  2 
ATOM   1441 C  "C4'"  . DA  B 2 7  ? 1.436   -3.484  8.835   1.00 0.00 ? 20 DA  B "C4'"  2 
ATOM   1442 O  "O4'"  . DA  B 2 7  ? 0.958   -2.956  7.611   1.00 0.00 ? 20 DA  B "O4'"  2 
ATOM   1443 C  "C3'"  . DA  B 2 7  ? 2.977   -3.469  8.771   1.00 0.00 ? 20 DA  B "C3'"  2 
ATOM   1444 O  "O3'"  . DA  B 2 7  ? 3.392   -4.759  8.322   1.00 0.00 ? 20 DA  B "O3'"  2 
ATOM   1445 C  "C2'"  . DA  B 2 7  ? 3.217   -2.365  7.740   1.00 0.00 ? 20 DA  B "C2'"  2 
ATOM   1446 C  "C1'"  . DA  B 2 7  ? 2.075   -2.711  6.788   1.00 0.00 ? 20 DA  B "C1'"  2 
ATOM   1447 N  N9     . DA  B 2 7  ? 1.755   -1.707  5.755   1.00 0.00 ? 20 DA  B N9     2 
ATOM   1448 C  C8     . DA  B 2 7  ? 2.059   -0.369  5.680   1.00 0.00 ? 20 DA  B C8     2 
ATOM   1449 N  N7     . DA  B 2 7  ? 1.591   0.222   4.615   1.00 0.00 ? 20 DA  B N7     2 
ATOM   1450 C  C5     . DA  B 2 7  ? 0.947   -0.800  3.923   1.00 0.00 ? 20 DA  B C5     2 
ATOM   1451 C  C6     . DA  B 2 7  ? 0.269   -0.864  2.687   1.00 0.00 ? 20 DA  B C6     2 
ATOM   1452 N  N6     . DA  B 2 7  ? 0.036   0.207   1.920   1.00 0.00 ? 20 DA  B N6     2 
ATOM   1453 N  N1     . DA  B 2 7  ? -0.164  -2.068  2.258   1.00 0.00 ? 20 DA  B N1     2 
ATOM   1454 C  C2     . DA  B 2 7  ? -0.023  -3.135  3.042   1.00 0.00 ? 20 DA  B C2     2 
ATOM   1455 N  N3     . DA  B 2 7  ? 0.542   -3.193  4.244   1.00 0.00 ? 20 DA  B N3     2 
ATOM   1456 C  C4     . DA  B 2 7  ? 1.045   -1.981  4.614   1.00 0.00 ? 20 DA  B C4     2 
ATOM   1457 H  "H5'"  . DA  B 2 7  ? -0.262  -2.795  9.940   1.00 0.00 ? 20 DA  B "H5'"  2 
ATOM   1458 H  "H5''" . DA  B 2 7  ? 1.196   -3.039  10.919  1.00 0.00 ? 20 DA  B "H5''" 2 
ATOM   1459 H  "H4'"  . DA  B 2 7  ? 1.073   -4.508  8.934   1.00 0.00 ? 20 DA  B "H4'"  2 
ATOM   1460 H  "H3'"  . DA  B 2 7  ? 3.424   -3.231  9.737   1.00 0.00 ? 20 DA  B "H3'"  2 
ATOM   1461 H  "H2'"  . DA  B 2 7  ? 3.071   -1.392  8.209   1.00 0.00 ? 20 DA  B "H2'"  2 
ATOM   1462 H  "H2''" . DA  B 2 7  ? 4.199   -2.388  7.265   1.00 0.00 ? 20 DA  B "H2''" 2 
ATOM   1463 H  "H1'"  . DA  B 2 7  ? 2.314   -3.645  6.290   1.00 0.00 ? 20 DA  B "H1'"  2 
ATOM   1464 H  H8     . DA  B 2 7  ? 2.640   0.155   6.426   1.00 0.00 ? 20 DA  B H8     2 
ATOM   1465 H  H61    . DA  B 2 7  ? -0.419  0.087   1.023   1.00 0.00 ? 20 DA  B H61    2 
ATOM   1466 H  H62    . DA  B 2 7  ? 0.392   1.112   2.193   1.00 0.00 ? 20 DA  B H62    2 
ATOM   1467 H  H2     . DA  B 2 7  ? -0.457  -4.056  2.675   1.00 0.00 ? 20 DA  B H2     2 
ATOM   1468 P  P      . DC  B 2 8  ? 4.860   -5.078  7.707   1.00 0.00 ? 21 DC  B P      2 
ATOM   1469 O  OP1    . DC  B 2 8  ? 5.103   -6.532  7.837   1.00 0.00 ? 21 DC  B OP1    2 
ATOM   1470 O  OP2    . DC  B 2 8  ? 5.825   -4.123  8.299   1.00 0.00 ? 21 DC  B OP2    2 
ATOM   1471 O  "O5'"  . DC  B 2 8  ? 4.713   -4.740  6.122   1.00 0.00 ? 21 DC  B "O5'"  2 
ATOM   1472 C  "C5'"  . DC  B 2 8  ? 3.965   -5.570  5.246   1.00 0.00 ? 21 DC  B "C5'"  2 
ATOM   1473 C  "C4'"  . DC  B 2 8  ? 3.961   -5.056  3.795   1.00 0.00 ? 21 DC  B "C4'"  2 
ATOM   1474 O  "O4'"  . DC  B 2 8  ? 3.498   -3.727  3.652   1.00 0.00 ? 21 DC  B "O4'"  2 
ATOM   1475 C  "C3'"  . DC  B 2 8  ? 5.337   -5.053  3.120   1.00 0.00 ? 21 DC  B "C3'"  2 
ATOM   1476 O  "O3'"  . DC  B 2 8  ? 5.605   -6.322  2.539   1.00 0.00 ? 21 DC  B "O3'"  2 
ATOM   1477 C  "C2'"  . DC  B 2 8  ? 5.226   -3.911  2.101   1.00 0.00 ? 21 DC  B "C2'"  2 
ATOM   1478 C  "C1'"  . DC  B 2 8  ? 3.806   -3.377  2.313   1.00 0.00 ? 21 DC  B "C1'"  2 
ATOM   1479 N  N1     . DC  B 2 8  ? 3.681   -1.914  2.030   1.00 0.00 ? 21 DC  B N1     2 
ATOM   1480 C  C2     . DC  B 2 8  ? 2.922   -1.491  0.925   1.00 0.00 ? 21 DC  B C2     2 
ATOM   1481 O  O2     . DC  B 2 8  ? 2.384   -2.298  0.170   1.00 0.00 ? 21 DC  B O2     2 
ATOM   1482 N  N3     . DC  B 2 8  ? 2.790   -0.147  0.697   1.00 0.00 ? 21 DC  B N3     2 
ATOM   1483 C  C4     . DC  B 2 8  ? 3.399   0.752   1.491   1.00 0.00 ? 21 DC  B C4     2 
ATOM   1484 N  N4     . DC  B 2 8  ? 3.277   2.053   1.201   1.00 0.00 ? 21 DC  B N4     2 
ATOM   1485 C  C5     . DC  B 2 8  ? 4.202   0.338   2.611   1.00 0.00 ? 21 DC  B C5     2 
ATOM   1486 C  C6     . DC  B 2 8  ? 4.310   -0.993  2.837   1.00 0.00 ? 21 DC  B C6     2 
ATOM   1487 H  "H5'"  . DC  B 2 8  ? 2.934   -5.645  5.593   1.00 0.00 ? 21 DC  B "H5'"  2 
ATOM   1488 H  "H5''" . DC  B 2 8  ? 4.393   -6.572  5.243   1.00 0.00 ? 21 DC  B "H5''" 2 
ATOM   1489 H  "H4'"  . DC  B 2 8  ? 3.289   -5.698  3.219   1.00 0.00 ? 21 DC  B "H4'"  2 
ATOM   1490 H  "H3'"  . DC  B 2 8  ? 6.092   -4.801  3.865   1.00 0.00 ? 21 DC  B "H3'"  2 
ATOM   1491 H  "H2'"  . DC  B 2 8  ? 5.979   -3.157  2.336   1.00 0.00 ? 21 DC  B "H2'"  2 
ATOM   1492 H  "H2''" . DC  B 2 8  ? 5.347   -4.243  1.072   1.00 0.00 ? 21 DC  B "H2''" 2 
ATOM   1493 H  "H1'"  . DC  B 2 8  ? 3.144   -3.966  1.678   1.00 0.00 ? 21 DC  B "H1'"  2 
ATOM   1494 H  H41    . DC  B 2 8  ? 2.740   2.347   0.400   1.00 0.00 ? 21 DC  B H41    2 
ATOM   1495 H  H42    . DC  B 2 8  ? 3.740   2.741   1.779   1.00 0.00 ? 21 DC  B H42    2 
ATOM   1496 H  H5     . DC  B 2 8  ? 4.698   1.033   3.276   1.00 0.00 ? 21 DC  B H5     2 
ATOM   1497 H  H6     . DC  B 2 8  ? 4.914   -1.335  3.666   1.00 0.00 ? 21 DC  B H6     2 
ATOM   1498 P  P      . DT  B 2 9  ? 7.014   -6.679  1.820   1.00 0.00 ? 22 DT  B P      2 
ATOM   1499 O  OP1    . DT  B 2 9  ? 7.198   -8.146  1.880   1.00 0.00 ? 22 DT  B OP1    2 
ATOM   1500 O  OP2    . DT  B 2 9  ? 8.058   -5.788  2.374   1.00 0.00 ? 22 DT  B OP2    2 
ATOM   1501 O  "O5'"  . DT  B 2 9  ? 6.787   -6.271  0.274   1.00 0.00 ? 22 DT  B "O5'"  2 
ATOM   1502 C  "C5'"  . DT  B 2 9  ? 5.825   -6.917  -0.538  1.00 0.00 ? 22 DT  B "C5'"  2 
ATOM   1503 C  "C4'"  . DT  B 2 9  ? 5.850   -6.316  -1.947  1.00 0.00 ? 22 DT  B "C4'"  2 
ATOM   1504 O  "O4'"  . DT  B 2 9  ? 5.665   -4.913  -1.854  1.00 0.00 ? 22 DT  B "O4'"  2 
ATOM   1505 C  "C3'"  . DT  B 2 9  ? 7.173   -6.579  -2.683  1.00 0.00 ? 22 DT  B "C3'"  2 
ATOM   1506 O  "O3'"  . DT  B 2 9  ? 6.885   -7.137  -3.956  1.00 0.00 ? 22 DT  B "O3'"  2 
ATOM   1507 C  "C2'"  . DT  B 2 9  ? 7.807   -5.190  -2.765  1.00 0.00 ? 22 DT  B "C2'"  2 
ATOM   1508 C  "C1'"  . DT  B 2 9  ? 6.590   -4.267  -2.706  1.00 0.00 ? 22 DT  B "C1'"  2 
ATOM   1509 N  N1     . DT  B 2 9  ? 6.925   -2.922  -2.151  1.00 0.00 ? 22 DT  B N1     2 
ATOM   1510 C  C2     . DT  B 2 9  ? 6.730   -1.789  -2.943  1.00 0.00 ? 22 DT  B C2     2 
ATOM   1511 O  O2     . DT  B 2 9  ? 6.360   -1.836  -4.114  1.00 0.00 ? 22 DT  B O2     2 
ATOM   1512 N  N3     . DT  B 2 9  ? 6.980   -0.563  -2.330  1.00 0.00 ? 22 DT  B N3     2 
ATOM   1513 C  C4     . DT  B 2 9  ? 7.440   -0.375  -1.031  1.00 0.00 ? 22 DT  B C4     2 
ATOM   1514 O  O4     . DT  B 2 9  ? 7.646   0.759   -0.604  1.00 0.00 ? 22 DT  B O4     2 
ATOM   1515 C  C5     . DT  B 2 9  ? 7.637   -1.602  -0.285  1.00 0.00 ? 22 DT  B C5     2 
ATOM   1516 C  C7     . DT  B 2 9  ? 8.147   -1.528  1.141   1.00 0.00 ? 22 DT  B C7     2 
ATOM   1517 C  C6     . DT  B 2 9  ? 7.372   -2.805  -0.853  1.00 0.00 ? 22 DT  B C6     2 
ATOM   1518 H  "H5'"  . DT  B 2 9  ? 4.832   -6.776  -0.108  1.00 0.00 ? 22 DT  B "H5'"  2 
ATOM   1519 H  "H5''" . DT  B 2 9  ? 6.035   -7.985  -0.602  1.00 0.00 ? 22 DT  B "H5''" 2 
ATOM   1520 H  "H4'"  . DT  B 2 9  ? 5.022   -6.741  -2.517  1.00 0.00 ? 22 DT  B "H4'"  2 
ATOM   1521 H  "H3'"  . DT  B 2 9  ? 7.809   -7.264  -2.118  1.00 0.00 ? 22 DT  B "H3'"  2 
ATOM   1522 H  "H2'"  . DT  B 2 9  ? 8.446   -5.055  -1.893  1.00 0.00 ? 22 DT  B "H2'"  2 
ATOM   1523 H  "H2''" . DT  B 2 9  ? 8.392   -5.025  -3.668  1.00 0.00 ? 22 DT  B "H2''" 2 
ATOM   1524 H  "H1'"  . DT  B 2 9  ? 6.146   -4.222  -3.703  1.00 0.00 ? 22 DT  B "H1'"  2 
ATOM   1525 H  H3     . DT  B 2 9  ? 6.814   0.274   -2.874  1.00 0.00 ? 22 DT  B H3     2 
ATOM   1526 H  H71    . DT  B 2 9  ? 8.412   -2.518  1.517   1.00 0.00 ? 22 DT  B H71    2 
ATOM   1527 H  H72    . DT  B 2 9  ? 9.033   -0.895  1.178   1.00 0.00 ? 22 DT  B H72    2 
ATOM   1528 H  H73    . DT  B 2 9  ? 7.375   -1.100  1.779   1.00 0.00 ? 22 DT  B H73    2 
ATOM   1529 H  H6     . DT  B 2 9  ? 7.512   -3.700  -0.267  1.00 0.00 ? 22 DT  B H6     2 
ATOM   1530 P  P      . DA  B 2 10 ? 8.038   -7.618  -4.989  1.00 0.00 ? 23 DA  B P      2 
ATOM   1531 O  OP1    . DA  B 2 10 ? 7.503   -8.751  -5.777  1.00 0.00 ? 23 DA  B OP1    2 
ATOM   1532 O  OP2    . DA  B 2 10 ? 9.310   -7.772  -4.249  1.00 0.00 ? 23 DA  B OP2    2 
ATOM   1533 O  "O5'"  . DA  B 2 10 ? 8.176   -6.347  -5.972  1.00 0.00 ? 23 DA  B "O5'"  2 
ATOM   1534 C  "C5'"  . DA  B 2 10 ? 7.132   -6.015  -6.865  1.00 0.00 ? 23 DA  B "C5'"  2 
ATOM   1535 C  "C4'"  . DA  B 2 10 ? 7.344   -4.621  -7.456  1.00 0.00 ? 23 DA  B "C4'"  2 
ATOM   1536 O  "O4'"  . DA  B 2 10 ? 7.651   -3.695  -6.438  1.00 0.00 ? 23 DA  B "O4'"  2 
ATOM   1537 C  "C3'"  . DA  B 2 10 ? 8.441   -4.530  -8.528  1.00 0.00 ? 23 DA  B "C3'"  2 
ATOM   1538 O  "O3'"  . DA  B 2 10 ? 7.800   -4.192  -9.750  1.00 0.00 ? 23 DA  B "O3'"  2 
ATOM   1539 C  "C2'"  . DA  B 2 10 ? 9.351   -3.427  -7.983  1.00 0.00 ? 23 DA  B "C2'"  2 
ATOM   1540 C  "C1'"  . DA  B 2 10 ? 8.412   -2.678  -7.043  1.00 0.00 ? 23 DA  B "C1'"  2 
ATOM   1541 N  N9     . DA  B 2 10 ? 9.122   -1.936  -5.983  1.00 0.00 ? 23 DA  B N9     2 
ATOM   1542 C  C8     . DA  B 2 10 ? 9.933   -2.437  -4.994  1.00 0.00 ? 23 DA  B C8     2 
ATOM   1543 N  N7     . DA  B 2 10 ? 10.249  -1.572  -4.073  1.00 0.00 ? 23 DA  B N7     2 
ATOM   1544 C  C5     . DA  B 2 10 ? 9.610   -0.409  -4.485  1.00 0.00 ? 23 DA  B C5     2 
ATOM   1545 C  C6     . DA  B 2 10 ? 9.510   0.877   -3.919  1.00 0.00 ? 23 DA  B C6     2 
ATOM   1546 N  N6     . DA  B 2 10 ? 10.069  1.192   -2.745  1.00 0.00 ? 23 DA  B N6     2 
ATOM   1547 N  N1     . DA  B 2 10 ? 8.813   1.816   -4.593  1.00 0.00 ? 23 DA  B N1     2 
ATOM   1548 C  C2     . DA  B 2 10 ? 8.232   1.492   -5.747  1.00 0.00 ? 23 DA  B C2     2 
ATOM   1549 N  N3     . DA  B 2 10 ? 8.219   0.312   -6.361  1.00 0.00 ? 23 DA  B N3     2 
ATOM   1550 C  C4     . DA  B 2 10 ? 8.940   -0.613  -5.666  1.00 0.00 ? 23 DA  B C4     2 
ATOM   1551 H  "H5'"  . DA  B 2 10 ? 6.182   -6.010  -6.329  1.00 0.00 ? 23 DA  B "H5'"  2 
ATOM   1552 H  "H5''" . DA  B 2 10 ? 7.091   -6.754  -7.665  1.00 0.00 ? 23 DA  B "H5''" 2 
ATOM   1553 H  "H4'"  . DA  B 2 10 ? 6.404   -4.281  -7.889  1.00 0.00 ? 23 DA  B "H4'"  2 
ATOM   1554 H  "H3'"  . DA  B 2 10 ? 8.992   -5.466  -8.631  1.00 0.00 ? 23 DA  B "H3'"  2 
ATOM   1555 H  "H2'"  . DA  B 2 10 ? 10.159  -3.890  -7.415  1.00 0.00 ? 23 DA  B "H2'"  2 
ATOM   1556 H  "H2''" . DA  B 2 10 ? 9.773   -2.773  -8.743  1.00 0.00 ? 23 DA  B "H2''" 2 
ATOM   1557 H  "H1'"  . DA  B 2 10 ? 7.754   -2.029  -7.620  1.00 0.00 ? 23 DA  B "H1'"  2 
ATOM   1558 H  H8     . DA  B 2 10 ? 10.259  -3.466  -4.966  1.00 0.00 ? 23 DA  B H8     2 
ATOM   1559 H  H61    . DA  B 2 10 ? 9.942   2.113   -2.346  1.00 0.00 ? 23 DA  B H61    2 
ATOM   1560 H  H62    . DA  B 2 10 ? 10.588  0.494   -2.234  1.00 0.00 ? 23 DA  B H62    2 
ATOM   1561 H  H2     . DA  B 2 10 ? 7.692   2.286   -6.241  1.00 0.00 ? 23 DA  B H2     2 
ATOM   1562 P  P      . DG  B 2 11 ? 8.596   -3.895  -11.126 1.00 0.00 ? 24 DG  B P      2 
ATOM   1563 O  OP1    . DG  B 2 11 ? 7.697   -4.224  -12.255 1.00 0.00 ? 24 DG  B OP1    2 
ATOM   1564 O  OP2    . DG  B 2 11 ? 9.934   -4.523  -11.046 1.00 0.00 ? 24 DG  B OP2    2 
ATOM   1565 O  "O5'"  . DG  B 2 11 ? 8.781   -2.294  -11.077 1.00 0.00 ? 24 DG  B "O5'"  2 
ATOM   1566 C  "C5'"  . DG  B 2 11 ? 7.674   -1.419  -11.179 1.00 0.00 ? 24 DG  B "C5'"  2 
ATOM   1567 C  "C4'"  . DG  B 2 11 ? 8.125   0.029   -10.973 1.00 0.00 ? 24 DG  B "C4'"  2 
ATOM   1568 O  "O4'"  . DG  B 2 11 ? 8.655   0.189   -9.669  1.00 0.00 ? 24 DG  B "O4'"  2 
ATOM   1569 C  "C3'"  . DG  B 2 11 ? 9.206   0.476   -11.972 1.00 0.00 ? 24 DG  B "C3'"  2 
ATOM   1570 O  "O3'"  . DG  B 2 11 ? 8.721   1.601   -12.687 1.00 0.00 ? 24 DG  B "O3'"  2 
ATOM   1571 C  "C2'"  . DG  B 2 11 ? 10.388  0.800   -11.056 1.00 0.00 ? 24 DG  B "C2'"  2 
ATOM   1572 C  "C1'"  . DG  B 2 11 ? 9.685   1.148   -9.750  1.00 0.00 ? 24 DG  B "C1'"  2 
ATOM   1573 N  N9     . DG  B 2 11 ? 10.584  1.049   -8.577  1.00 0.00 ? 24 DG  B N9     2 
ATOM   1574 C  C8     . DG  B 2 11 ? 11.275  -0.046  -8.119  1.00 0.00 ? 24 DG  B C8     2 
ATOM   1575 N  N7     . DG  B 2 11 ? 11.897  0.145   -6.992  1.00 0.00 ? 24 DG  B N7     2 
ATOM   1576 C  C5     . DG  B 2 11 ? 11.611  1.467   -6.676  1.00 0.00 ? 24 DG  B C5     2 
ATOM   1577 C  C6     . DG  B 2 11 ? 11.994  2.234   -5.536  1.00 0.00 ? 24 DG  B C6     2 
ATOM   1578 O  O6     . DG  B 2 11 ? 12.650  1.866   -4.565  1.00 0.00 ? 24 DG  B O6     2 
ATOM   1579 N  N1     . DG  B 2 11 ? 11.534  3.549   -5.602  1.00 0.00 ? 24 DG  B N1     2 
ATOM   1580 C  C2     . DG  B 2 11 ? 10.781  4.061   -6.647  1.00 0.00 ? 24 DG  B C2     2 
ATOM   1581 N  N2     . DG  B 2 11 ? 10.488  5.365   -6.599  1.00 0.00 ? 24 DG  B N2     2 
ATOM   1582 N  N3     . DG  B 2 11 ? 10.387  3.324   -7.700  1.00 0.00 ? 24 DG  B N3     2 
ATOM   1583 C  C4     . DG  B 2 11 ? 10.833  2.039   -7.655  1.00 0.00 ? 24 DG  B C4     2 
ATOM   1584 H  "H5'"  . DG  B 2 11 ? 6.936   -1.662  -10.413 1.00 0.00 ? 24 DG  B "H5'"  2 
ATOM   1585 H  "H5''" . DG  B 2 11 ? 7.210   -1.512  -12.163 1.00 0.00 ? 24 DG  B "H5''" 2 
ATOM   1586 H  "H4'"  . DG  B 2 11 ? 7.254   0.681   -11.062 1.00 0.00 ? 24 DG  B "H4'"  2 
ATOM   1587 H  "H3'"  . DG  B 2 11 ? 9.469   -0.318  -12.672 1.00 0.00 ? 24 DG  B "H3'"  2 
ATOM   1588 H  "H2'"  . DG  B 2 11 ? 10.988  -0.102  -10.929 1.00 0.00 ? 24 DG  B "H2'"  2 
ATOM   1589 H  "H2''" . DG  B 2 11 ? 11.019  1.612   -11.409 1.00 0.00 ? 24 DG  B "H2''" 2 
ATOM   1590 H  "H1'"  . DG  B 2 11 ? 9.244   2.143   -9.829  1.00 0.00 ? 24 DG  B "H1'"  2 
ATOM   1591 H  H8     . DG  B 2 11 ? 11.292  -0.993  -8.640  1.00 0.00 ? 24 DG  B H8     2 
ATOM   1592 H  H1     . DG  B 2 11 ? 11.777  4.154   -4.827  1.00 0.00 ? 24 DG  B H1     2 
ATOM   1593 H  H21    . DG  B 2 11 ? 10.802  5.926   -5.818  1.00 0.00 ? 24 DG  B H21    2 
ATOM   1594 H  H22    . DG  B 2 11 ? 9.960   5.791   -7.347  1.00 0.00 ? 24 DG  B H22    2 
ATOM   1595 P  P      . DA  B 2 12 ? 9.612   2.408   -13.771 1.00 0.00 ? 25 DA  B P      2 
ATOM   1596 O  OP1    . DA  B 2 12 ? 8.702   2.964   -14.798 1.00 0.00 ? 25 DA  B OP1    2 
ATOM   1597 O  OP2    . DA  B 2 12 ? 10.750  1.556   -14.183 1.00 0.00 ? 25 DA  B OP2    2 
ATOM   1598 O  "O5'"  . DA  B 2 12 ? 10.187  3.630   -12.889 1.00 0.00 ? 25 DA  B "O5'"  2 
ATOM   1599 C  "C5'"  . DA  B 2 12 ? 9.321   4.615   -12.353 1.00 0.00 ? 25 DA  B "C5'"  2 
ATOM   1600 C  "C4'"  . DA  B 2 12 ? 10.116  5.636   -11.537 1.00 0.00 ? 25 DA  B "C4'"  2 
ATOM   1601 O  "O4'"  . DA  B 2 12 ? 10.736  4.992   -10.435 1.00 0.00 ? 25 DA  B "O4'"  2 
ATOM   1602 C  "C3'"  . DA  B 2 12 ? 11.218  6.319   -12.363 1.00 0.00 ? 25 DA  B "C3'"  2 
ATOM   1603 O  "O3'"  . DA  B 2 12 ? 11.080  7.724   -12.220 1.00 0.00 ? 25 DA  B "O3'"  2 
ATOM   1604 C  "C2'"  . DA  B 2 12 ? 12.494  5.768   -11.726 1.00 0.00 ? 25 DA  B "C2'"  2 
ATOM   1605 C  "C1'"  . DA  B 2 12 ? 12.034  5.530   -10.292 1.00 0.00 ? 25 DA  B "C1'"  2 
ATOM   1606 N  N9     . DA  B 2 12 ? 12.899  4.572   -9.569  1.00 0.00 ? 25 DA  B N9     2 
ATOM   1607 C  C8     . DA  B 2 12 ? 13.196  3.272   -9.901  1.00 0.00 ? 25 DA  B C8     2 
ATOM   1608 N  N7     . DA  B 2 12 ? 13.876  2.627   -8.995  1.00 0.00 ? 25 DA  B N7     2 
ATOM   1609 C  C5     . DA  B 2 12 ? 14.056  3.569   -7.992  1.00 0.00 ? 25 DA  B C5     2 
ATOM   1610 C  C6     . DA  B 2 12 ? 14.678  3.513   -6.727  1.00 0.00 ? 25 DA  B C6     2 
ATOM   1611 N  N6     . DA  B 2 12 ? 15.224  2.391   -6.235  1.00 0.00 ? 25 DA  B N6     2 
ATOM   1612 N  N1     . DA  B 2 12 ? 14.695  4.633   -5.978  1.00 0.00 ? 25 DA  B N1     2 
ATOM   1613 C  C2     . DA  B 2 12 ? 14.124  5.738   -6.447  1.00 0.00 ? 25 DA  B C2     2 
ATOM   1614 N  N3     . DA  B 2 12 ? 13.488  5.912   -7.604  1.00 0.00 ? 25 DA  B N3     2 
ATOM   1615 C  C4     . DA  B 2 12 ? 13.487  4.768   -8.343  1.00 0.00 ? 25 DA  B C4     2 
ATOM   1616 H  "H5'"  . DA  B 2 12 ? 8.581   4.144   -11.704 1.00 0.00 ? 25 DA  B "H5'"  2 
ATOM   1617 H  "H5''" . DA  B 2 12 ? 8.806   5.134   -13.161 1.00 0.00 ? 25 DA  B "H5''" 2 
ATOM   1618 H  "H4'"  . DA  B 2 12 ? 9.422   6.384   -11.152 1.00 0.00 ? 25 DA  B "H4'"  2 
ATOM   1619 H  "H3'"  . DA  B 2 12 ? 11.159  6.048   -13.418 1.00 0.00 ? 25 DA  B "H3'"  2 
ATOM   1620 H  "H2'"  . DA  B 2 12 ? 12.742  4.821   -12.203 1.00 0.00 ? 25 DA  B "H2'"  2 
ATOM   1621 H  "H2''" . DA  B 2 12 ? 13.346  6.441   -11.780 1.00 0.00 ? 25 DA  B "H2''" 2 
ATOM   1622 H  "H1'"  . DA  B 2 12 ? 11.972  6.485   -9.767  1.00 0.00 ? 25 DA  B "H1'"  2 
ATOM   1623 H  H8     . DA  B 2 12 ? 12.882  2.813   -10.827 1.00 0.00 ? 25 DA  B H8     2 
ATOM   1624 H  H61    . DA  B 2 12 ? 15.571  2.365   -5.284  1.00 0.00 ? 25 DA  B H61    2 
ATOM   1625 H  H62    . DA  B 2 12 ? 15.207  1.544   -6.786  1.00 0.00 ? 25 DA  B H62    2 
ATOM   1626 H  H2     . DA  B 2 12 ? 14.183  6.607   -5.809  1.00 0.00 ? 25 DA  B H2     2 
ATOM   1627 P  P      . DG  B 2 13 ? 12.072  8.778   -12.939 1.00 0.00 ? 26 DG  B P      2 
ATOM   1628 O  OP1    . DG  B 2 13 ? 11.336  10.046  -13.140 1.00 0.00 ? 26 DG  B OP1    2 
ATOM   1629 O  OP2    . DG  B 2 13 ? 12.719  8.112   -14.093 1.00 0.00 ? 26 DG  B OP2    2 
ATOM   1630 O  "O5'"  . DG  B 2 13 ? 13.193  9.020   -11.806 1.00 0.00 ? 26 DG  B "O5'"  2 
ATOM   1631 C  "C5'"  . DG  B 2 13 ? 12.891  9.715   -10.610 1.00 0.00 ? 26 DG  B "C5'"  2 
ATOM   1632 C  "C4'"  . DG  B 2 13 ? 14.102  9.700   -9.677  1.00 0.00 ? 26 DG  B "C4'"  2 
ATOM   1633 O  "O4'"  . DG  B 2 13 ? 14.400  8.367   -9.300  1.00 0.00 ? 26 DG  B "O4'"  2 
ATOM   1634 C  "C3'"  . DG  B 2 13 ? 15.367  10.280  -10.330 1.00 0.00 ? 26 DG  B "C3'"  2 
ATOM   1635 O  "O3'"  . DG  B 2 13 ? 15.929  11.278  -9.502  1.00 0.00 ? 26 DG  B "O3'"  2 
ATOM   1636 C  "C2'"  . DG  B 2 13 ? 16.304  9.078   -10.391 1.00 0.00 ? 26 DG  B "C2'"  2 
ATOM   1637 C  "C1'"  . DG  B 2 13 ? 15.803  8.276   -9.195  1.00 0.00 ? 26 DG  B "C1'"  2 
ATOM   1638 N  N9     . DG  B 2 13 ? 16.257  6.867   -9.207  1.00 0.00 ? 26 DG  B N9     2 
ATOM   1639 C  C8     . DG  B 2 13 ? 16.082  5.907   -10.174 1.00 0.00 ? 26 DG  B C8     2 
ATOM   1640 N  N7     . DG  B 2 13 ? 16.562  4.738   -9.857  1.00 0.00 ? 26 DG  B N7     2 
ATOM   1641 C  C5     . DG  B 2 13 ? 17.100  4.928   -8.590  1.00 0.00 ? 26 DG  B C5     2 
ATOM   1642 C  C6     . DG  B 2 13 ? 17.742  3.999   -7.714  1.00 0.00 ? 26 DG  B C6     2 
ATOM   1643 O  O6     . DG  B 2 13 ? 17.960  2.806   -7.903  1.00 0.00 ? 26 DG  B O6     2 
ATOM   1644 N  N1     . DG  B 2 13 ? 18.143  4.592   -6.517  1.00 0.00 ? 26 DG  B N1     2 
ATOM   1645 C  C2     . DG  B 2 13 ? 17.948  5.925   -6.197  1.00 0.00 ? 26 DG  B C2     2 
ATOM   1646 N  N2     . DG  B 2 13 ? 18.426  6.344   -5.019  1.00 0.00 ? 26 DG  B N2     2 
ATOM   1647 N  N3     . DG  B 2 13 ? 17.326  6.791   -7.014  1.00 0.00 ? 26 DG  B N3     2 
ATOM   1648 C  C4     . DG  B 2 13 ? 16.927  6.232   -8.189  1.00 0.00 ? 26 DG  B C4     2 
ATOM   1649 H  "H5'"  . DG  B 2 13 ? 12.049  9.239   -10.103 1.00 0.00 ? 26 DG  B "H5'"  2 
ATOM   1650 H  "H5''" . DG  B 2 13 ? 12.630  10.748  -10.840 1.00 0.00 ? 26 DG  B "H5''" 2 
ATOM   1651 H  "H4'"  . DG  B 2 13 ? 13.857  10.269  -8.778  1.00 0.00 ? 26 DG  B "H4'"  2 
ATOM   1652 H  "H3'"  . DG  B 2 13 ? 15.186  10.692  -11.323 1.00 0.00 ? 26 DG  B "H3'"  2 
ATOM   1653 H  "H2'"  . DG  B 2 13 ? 16.133  8.529   -11.318 1.00 0.00 ? 26 DG  B "H2'"  2 
ATOM   1654 H  "H2''" . DG  B 2 13 ? 17.356  9.354   -10.300 1.00 0.00 ? 26 DG  B "H2''" 2 
ATOM   1655 H  "H1'"  . DG  B 2 13 ? 16.118  8.775   -8.278  1.00 0.00 ? 26 DG  B "H1'"  2 
ATOM   1656 H  H8     . DG  B 2 13 ? 15.587  6.099   -11.114 1.00 0.00 ? 26 DG  B H8     2 
ATOM   1657 H  H1     . DG  B 2 13 ? 18.607  3.998   -5.841  1.00 0.00 ? 26 DG  B H1     2 
ATOM   1658 H  H21    . DG  B 2 13 ? 18.885  5.693   -4.399  1.00 0.00 ? 26 DG  B H21    2 
ATOM   1659 H  H22    . DG  B 2 13 ? 18.298  7.305   -4.736  1.00 0.00 ? 26 DG  B H22    2 
HETATM 1660 PT PT1    . CPT C 3 .  ? -3.757  1.668   -2.813  1.00 0.00 ? 14 CPT A PT1    2 
HETATM 1661 N  N1     . CPT C 3 .  ? -5.639  1.712   -2.139  1.00 0.00 ? 14 CPT A N1     2 
HETATM 1662 N  N2     . CPT C 3 .  ? -4.127  3.403   -3.751  1.00 0.00 ? 14 CPT A N2     2 
HETATM 1663 H  H11    . CPT C 3 .  ? -5.643  1.647   -1.134  1.00 0.00 ? 14 CPT A H11    2 
HETATM 1664 H  H12    . CPT C 3 .  ? -6.147  0.930   -2.532  1.00 0.00 ? 14 CPT A H12    2 
HETATM 1665 H  H21    . CPT C 3 .  ? -3.577  3.465   -4.594  1.00 0.00 ? 14 CPT A H21    2 
HETATM 1666 H  H22    . CPT C 3 .  ? -5.103  3.446   -4.004  1.00 0.00 ? 14 CPT A H22    2 
HETATM 1667 H  H13    . CPT C 3 .  ? -6.083  2.573   -2.428  1.00 0.00 ? 14 CPT A H13    2 
HETATM 1668 H  H23    . CPT C 3 .  ? -3.902  4.173   -3.143  1.00 0.00 ? 14 CPT A H23    2 
# 
